data_1T9F
# 
_entry.id   1T9F 
# 
_audit_conform.dict_name       mmcif_pdbx.dic 
_audit_conform.dict_version    5.397 
_audit_conform.dict_location   http://mmcif.pdb.org/dictionaries/ascii/mmcif_pdbx.dic 
# 
loop_
_database_2.database_id 
_database_2.database_code 
_database_2.pdbx_database_accession 
_database_2.pdbx_DOI 
PDB   1T9F         pdb_00001t9f 10.2210/pdb1t9f/pdb 
RCSB  RCSB022477   ?            ?                   
WWPDB D_1000022477 ?            ?                   
# 
loop_
_pdbx_audit_revision_history.ordinal 
_pdbx_audit_revision_history.data_content_type 
_pdbx_audit_revision_history.major_revision 
_pdbx_audit_revision_history.minor_revision 
_pdbx_audit_revision_history.revision_date 
1 'Structure model' 1 0 2004-05-25 
2 'Structure model' 1 1 2008-04-30 
3 'Structure model' 1 2 2011-07-13 
4 'Structure model' 1 3 2024-04-03 
5 'Structure model' 1 4 2024-10-30 
# 
_pdbx_audit_revision_details.ordinal             1 
_pdbx_audit_revision_details.revision_ordinal    1 
_pdbx_audit_revision_details.data_content_type   'Structure model' 
_pdbx_audit_revision_details.provider            repository 
_pdbx_audit_revision_details.type                'Initial release' 
_pdbx_audit_revision_details.description         ? 
_pdbx_audit_revision_details.details             ? 
# 
loop_
_pdbx_audit_revision_group.ordinal 
_pdbx_audit_revision_group.revision_ordinal 
_pdbx_audit_revision_group.data_content_type 
_pdbx_audit_revision_group.group 
1 2 'Structure model' 'Version format compliance' 
2 3 'Structure model' 'Version format compliance' 
3 4 'Structure model' 'Data collection'           
4 4 'Structure model' 'Database references'       
5 4 'Structure model' 'Derived calculations'      
6 4 'Structure model' 'Refinement description'    
7 5 'Structure model' 'Structure summary'         
# 
loop_
_pdbx_audit_revision_category.ordinal 
_pdbx_audit_revision_category.revision_ordinal 
_pdbx_audit_revision_category.data_content_type 
_pdbx_audit_revision_category.category 
1 4 'Structure model' chem_comp_atom                
2 4 'Structure model' chem_comp_bond                
3 4 'Structure model' database_2                    
4 4 'Structure model' pdbx_initial_refinement_model 
5 4 'Structure model' struct_ref_seq_dif            
6 4 'Structure model' struct_site                   
7 5 'Structure model' pdbx_entry_details            
8 5 'Structure model' pdbx_modification_feature     
# 
loop_
_pdbx_audit_revision_item.ordinal 
_pdbx_audit_revision_item.revision_ordinal 
_pdbx_audit_revision_item.data_content_type 
_pdbx_audit_revision_item.item 
1 4 'Structure model' '_database_2.pdbx_DOI'                
2 4 'Structure model' '_database_2.pdbx_database_accession' 
3 4 'Structure model' '_struct_ref_seq_dif.details'         
4 4 'Structure model' '_struct_site.pdbx_auth_asym_id'      
5 4 'Structure model' '_struct_site.pdbx_auth_comp_id'      
6 4 'Structure model' '_struct_site.pdbx_auth_seq_id'       
# 
_pdbx_database_status.status_code                     REL 
_pdbx_database_status.entry_id                        1T9F 
_pdbx_database_status.recvd_initial_deposition_date   2004-05-16 
_pdbx_database_status.deposit_site                    RCSB 
_pdbx_database_status.process_site                    RCSB 
_pdbx_database_status.SG_entry                        Y 
_pdbx_database_status.status_code_sf                  REL 
_pdbx_database_status.pdb_format_compatible           Y 
_pdbx_database_status.status_code_mr                  ? 
_pdbx_database_status.status_code_cs                  ? 
_pdbx_database_status.status_code_nmr_data            ? 
_pdbx_database_status.methods_development_category    ? 
# 
_pdbx_database_related.db_name        TargetDB 
_pdbx_database_related.db_id          R12E2.13 
_pdbx_database_related.details        . 
_pdbx_database_related.content_type   unspecified 
# 
loop_
_audit_author.name 
_audit_author.pdbx_ordinal 
'Symersky, J.'                                            1  
'Li, S.'                                                  2  
'Bunzel, R.'                                              3  
'Schormann, N.'                                           4  
'Luo, D.'                                                 5  
'Huang, W.Y.'                                             6  
'Qiu, S.'                                                 7  
'Gray, R.'                                                8  
'Zhang, Y.'                                               9  
'Arabashi, A.'                                            10 
'Lu, S.'                                                  11 
'Luan, C.H.'                                              12 
'Tsao, J.'                                                13 
'DeLucas, L.'                                             14 
'Luo, M.'                                                 15 
'Southeast Collaboratory for Structural Genomics (SECSG)' 16 
# 
_citation.id                        primary 
_citation.title                     'Structural genomics of Caenorhabditis elegans: Structure of a protein with unknown function.' 
_citation.journal_abbrev            'To be Published' 
_citation.journal_volume            ? 
_citation.page_first                ? 
_citation.page_last                 ? 
_citation.year                      ? 
_citation.journal_id_ASTM           ? 
_citation.country                   ? 
_citation.journal_id_ISSN           ? 
_citation.journal_id_CSD            0353 
_citation.book_publisher            ? 
_citation.pdbx_database_id_PubMed   ? 
_citation.pdbx_database_id_DOI      ? 
# 
loop_
_citation_author.citation_id 
_citation_author.name 
_citation_author.ordinal 
_citation_author.identifier_ORCID 
primary 'Symersky, J.'  1  ? 
primary 'Li, S.'        2  ? 
primary 'Bunzel, R.'    3  ? 
primary 'Schormann, N.' 4  ? 
primary 'Luo, D.'       5  ? 
primary 'Huang, W.Y.'   6  ? 
primary 'QIU, S.'       7  ? 
primary 'Gray, R.'      8  ? 
primary 'ZHANG, Y.'     9  ? 
primary 'ARABASHI, A.'  10 ? 
primary 'Lu, S.'        11 ? 
primary 'LUAN, C.H.'    12 ? 
primary 'Tsao, J.'      13 ? 
primary 'DeLucas, L.'   14 ? 
primary 'Luo, M.'       15 ? 
# 
loop_
_entity.id 
_entity.type 
_entity.src_method 
_entity.pdbx_description 
_entity.formula_weight 
_entity.pdbx_number_of_molecules 
_entity.pdbx_ec 
_entity.pdbx_mutation 
_entity.pdbx_fragment 
_entity.details 
1 polymer     man 'protein 1d10' 20590.646 1   ? ? 'residues 22-206' ? 
2 non-polymer syn 'MALONATE ION' 102.046   1   ? ? ?                 ? 
3 water       nat water          18.015    130 ? ? ?                 ? 
# 
_entity_poly.entity_id                      1 
_entity_poly.type                           'polypeptide(L)' 
_entity_poly.nstd_linkage                   no 
_entity_poly.nstd_monomer                   no 
_entity_poly.pdbx_seq_one_letter_code       
;GSDEDFVTCYSVLKFINANDGSRLHSHDVKYGSGSGQQSVTAVKNSDDINSHWQIFPALNAKCNRGDAIKCGDKIRLKHL
TTGTFLHSHHFTAPLSKQHQEVSAFGSEAESDTGDDWTVICNGDEWLESEQFKLRHAVTGSYLSLSGQQFGRPIHGQREV
VGTDSITGGSAWKVAEGIYIKHQQKDL
;
_entity_poly.pdbx_seq_one_letter_code_can   
;GSDEDFVTCYSVLKFINANDGSRLHSHDVKYGSGSGQQSVTAVKNSDDINSHWQIFPALNAKCNRGDAIKCGDKIRLKHL
TTGTFLHSHHFTAPLSKQHQEVSAFGSEAESDTGDDWTVICNGDEWLESEQFKLRHAVTGSYLSLSGQQFGRPIHGQREV
VGTDSITGGSAWKVAEGIYIKHQQKDL
;
_entity_poly.pdbx_strand_id                 A 
_entity_poly.pdbx_target_identifier         R12E2.13 
# 
loop_
_pdbx_entity_nonpoly.entity_id 
_pdbx_entity_nonpoly.name 
_pdbx_entity_nonpoly.comp_id 
2 'MALONATE ION' MLI 
3 water          HOH 
# 
loop_
_entity_poly_seq.entity_id 
_entity_poly_seq.num 
_entity_poly_seq.mon_id 
_entity_poly_seq.hetero 
1 1   GLY n 
1 2   SER n 
1 3   ASP n 
1 4   GLU n 
1 5   ASP n 
1 6   PHE n 
1 7   VAL n 
1 8   THR n 
1 9   CYS n 
1 10  TYR n 
1 11  SER n 
1 12  VAL n 
1 13  LEU n 
1 14  LYS n 
1 15  PHE n 
1 16  ILE n 
1 17  ASN n 
1 18  ALA n 
1 19  ASN n 
1 20  ASP n 
1 21  GLY n 
1 22  SER n 
1 23  ARG n 
1 24  LEU n 
1 25  HIS n 
1 26  SER n 
1 27  HIS n 
1 28  ASP n 
1 29  VAL n 
1 30  LYS n 
1 31  TYR n 
1 32  GLY n 
1 33  SER n 
1 34  GLY n 
1 35  SER n 
1 36  GLY n 
1 37  GLN n 
1 38  GLN n 
1 39  SER n 
1 40  VAL n 
1 41  THR n 
1 42  ALA n 
1 43  VAL n 
1 44  LYS n 
1 45  ASN n 
1 46  SER n 
1 47  ASP n 
1 48  ASP n 
1 49  ILE n 
1 50  ASN n 
1 51  SER n 
1 52  HIS n 
1 53  TRP n 
1 54  GLN n 
1 55  ILE n 
1 56  PHE n 
1 57  PRO n 
1 58  ALA n 
1 59  LEU n 
1 60  ASN n 
1 61  ALA n 
1 62  LYS n 
1 63  CYS n 
1 64  ASN n 
1 65  ARG n 
1 66  GLY n 
1 67  ASP n 
1 68  ALA n 
1 69  ILE n 
1 70  LYS n 
1 71  CYS n 
1 72  GLY n 
1 73  ASP n 
1 74  LYS n 
1 75  ILE n 
1 76  ARG n 
1 77  LEU n 
1 78  LYS n 
1 79  HIS n 
1 80  LEU n 
1 81  THR n 
1 82  THR n 
1 83  GLY n 
1 84  THR n 
1 85  PHE n 
1 86  LEU n 
1 87  HIS n 
1 88  SER n 
1 89  HIS n 
1 90  HIS n 
1 91  PHE n 
1 92  THR n 
1 93  ALA n 
1 94  PRO n 
1 95  LEU n 
1 96  SER n 
1 97  LYS n 
1 98  GLN n 
1 99  HIS n 
1 100 GLN n 
1 101 GLU n 
1 102 VAL n 
1 103 SER n 
1 104 ALA n 
1 105 PHE n 
1 106 GLY n 
1 107 SER n 
1 108 GLU n 
1 109 ALA n 
1 110 GLU n 
1 111 SER n 
1 112 ASP n 
1 113 THR n 
1 114 GLY n 
1 115 ASP n 
1 116 ASP n 
1 117 TRP n 
1 118 THR n 
1 119 VAL n 
1 120 ILE n 
1 121 CYS n 
1 122 ASN n 
1 123 GLY n 
1 124 ASP n 
1 125 GLU n 
1 126 TRP n 
1 127 LEU n 
1 128 GLU n 
1 129 SER n 
1 130 GLU n 
1 131 GLN n 
1 132 PHE n 
1 133 LYS n 
1 134 LEU n 
1 135 ARG n 
1 136 HIS n 
1 137 ALA n 
1 138 VAL n 
1 139 THR n 
1 140 GLY n 
1 141 SER n 
1 142 TYR n 
1 143 LEU n 
1 144 SER n 
1 145 LEU n 
1 146 SER n 
1 147 GLY n 
1 148 GLN n 
1 149 GLN n 
1 150 PHE n 
1 151 GLY n 
1 152 ARG n 
1 153 PRO n 
1 154 ILE n 
1 155 HIS n 
1 156 GLY n 
1 157 GLN n 
1 158 ARG n 
1 159 GLU n 
1 160 VAL n 
1 161 VAL n 
1 162 GLY n 
1 163 THR n 
1 164 ASP n 
1 165 SER n 
1 166 ILE n 
1 167 THR n 
1 168 GLY n 
1 169 GLY n 
1 170 SER n 
1 171 ALA n 
1 172 TRP n 
1 173 LYS n 
1 174 VAL n 
1 175 ALA n 
1 176 GLU n 
1 177 GLY n 
1 178 ILE n 
1 179 TYR n 
1 180 ILE n 
1 181 LYS n 
1 182 HIS n 
1 183 GLN n 
1 184 GLN n 
1 185 LYS n 
1 186 ASP n 
1 187 LEU n 
# 
_entity_src_gen.entity_id                          1 
_entity_src_gen.pdbx_src_id                        1 
_entity_src_gen.pdbx_alt_source_flag               sample 
_entity_src_gen.pdbx_seq_type                      ? 
_entity_src_gen.pdbx_beg_seq_num                   ? 
_entity_src_gen.pdbx_end_seq_num                   ? 
_entity_src_gen.gene_src_common_name               ? 
_entity_src_gen.gene_src_genus                     Caenorhabditis 
_entity_src_gen.pdbx_gene_src_gene                 ? 
_entity_src_gen.gene_src_species                   ? 
_entity_src_gen.gene_src_strain                    ? 
_entity_src_gen.gene_src_tissue                    ? 
_entity_src_gen.gene_src_tissue_fraction           ? 
_entity_src_gen.gene_src_details                   ? 
_entity_src_gen.pdbx_gene_src_fragment             ? 
_entity_src_gen.pdbx_gene_src_scientific_name      'Caenorhabditis elegans' 
_entity_src_gen.pdbx_gene_src_ncbi_taxonomy_id     6239 
_entity_src_gen.pdbx_gene_src_variant              ? 
_entity_src_gen.pdbx_gene_src_cell_line            ? 
_entity_src_gen.pdbx_gene_src_atcc                 ? 
_entity_src_gen.pdbx_gene_src_organ                ? 
_entity_src_gen.pdbx_gene_src_organelle            ? 
_entity_src_gen.pdbx_gene_src_cell                 ? 
_entity_src_gen.pdbx_gene_src_cellular_location    ? 
_entity_src_gen.host_org_common_name               ? 
_entity_src_gen.pdbx_host_org_scientific_name      'Escherichia coli BL21(DE3)' 
_entity_src_gen.pdbx_host_org_ncbi_taxonomy_id     469008 
_entity_src_gen.host_org_genus                     Escherichia 
_entity_src_gen.pdbx_host_org_gene                 ? 
_entity_src_gen.pdbx_host_org_organ                ? 
_entity_src_gen.host_org_species                   'Escherichia coli' 
_entity_src_gen.pdbx_host_org_tissue               ? 
_entity_src_gen.pdbx_host_org_tissue_fraction      ? 
_entity_src_gen.pdbx_host_org_strain               'BL21(DE3)' 
_entity_src_gen.pdbx_host_org_variant              ? 
_entity_src_gen.pdbx_host_org_cell_line            ? 
_entity_src_gen.pdbx_host_org_atcc                 ? 
_entity_src_gen.pdbx_host_org_culture_collection   ? 
_entity_src_gen.pdbx_host_org_cell                 ? 
_entity_src_gen.pdbx_host_org_organelle            ? 
_entity_src_gen.pdbx_host_org_cellular_location    ? 
_entity_src_gen.pdbx_host_org_vector_type          plasmid 
_entity_src_gen.pdbx_host_org_vector               ? 
_entity_src_gen.host_org_details                   ? 
_entity_src_gen.expression_system_id               ? 
_entity_src_gen.plasmid_name                       PET15G 
_entity_src_gen.plasmid_details                    ? 
_entity_src_gen.pdbx_description                   ? 
# 
loop_
_chem_comp.id 
_chem_comp.type 
_chem_comp.mon_nstd_flag 
_chem_comp.name 
_chem_comp.pdbx_synonyms 
_chem_comp.formula 
_chem_comp.formula_weight 
ALA 'L-peptide linking' y ALANINE         ? 'C3 H7 N O2'     89.093  
ARG 'L-peptide linking' y ARGININE        ? 'C6 H15 N4 O2 1' 175.209 
ASN 'L-peptide linking' y ASPARAGINE      ? 'C4 H8 N2 O3'    132.118 
ASP 'L-peptide linking' y 'ASPARTIC ACID' ? 'C4 H7 N O4'     133.103 
CYS 'L-peptide linking' y CYSTEINE        ? 'C3 H7 N O2 S'   121.158 
GLN 'L-peptide linking' y GLUTAMINE       ? 'C5 H10 N2 O3'   146.144 
GLU 'L-peptide linking' y 'GLUTAMIC ACID' ? 'C5 H9 N O4'     147.129 
GLY 'peptide linking'   y GLYCINE         ? 'C2 H5 N O2'     75.067  
HIS 'L-peptide linking' y HISTIDINE       ? 'C6 H10 N3 O2 1' 156.162 
HOH non-polymer         . WATER           ? 'H2 O'           18.015  
ILE 'L-peptide linking' y ISOLEUCINE      ? 'C6 H13 N O2'    131.173 
LEU 'L-peptide linking' y LEUCINE         ? 'C6 H13 N O2'    131.173 
LYS 'L-peptide linking' y LYSINE          ? 'C6 H15 N2 O2 1' 147.195 
MLI non-polymer         . 'MALONATE ION'  ? 'C3 H2 O4 -2'    102.046 
PHE 'L-peptide linking' y PHENYLALANINE   ? 'C9 H11 N O2'    165.189 
PRO 'L-peptide linking' y PROLINE         ? 'C5 H9 N O2'     115.130 
SER 'L-peptide linking' y SERINE          ? 'C3 H7 N O3'     105.093 
THR 'L-peptide linking' y THREONINE       ? 'C4 H9 N O3'     119.119 
TRP 'L-peptide linking' y TRYPTOPHAN      ? 'C11 H12 N2 O2'  204.225 
TYR 'L-peptide linking' y TYROSINE        ? 'C9 H11 N O3'    181.189 
VAL 'L-peptide linking' y VALINE          ? 'C5 H11 N O2'    117.146 
# 
loop_
_pdbx_poly_seq_scheme.asym_id 
_pdbx_poly_seq_scheme.entity_id 
_pdbx_poly_seq_scheme.seq_id 
_pdbx_poly_seq_scheme.mon_id 
_pdbx_poly_seq_scheme.ndb_seq_num 
_pdbx_poly_seq_scheme.pdb_seq_num 
_pdbx_poly_seq_scheme.auth_seq_num 
_pdbx_poly_seq_scheme.pdb_mon_id 
_pdbx_poly_seq_scheme.auth_mon_id 
_pdbx_poly_seq_scheme.pdb_strand_id 
_pdbx_poly_seq_scheme.pdb_ins_code 
_pdbx_poly_seq_scheme.hetero 
A 1 1   GLY 1   -1  -1  GLY GLY A . n 
A 1 2   SER 2   0   0   SER SER A . n 
A 1 3   ASP 3   22  22  ASP ASP A . n 
A 1 4   GLU 4   23  23  GLU GLU A . n 
A 1 5   ASP 5   24  24  ASP ASP A . n 
A 1 6   PHE 6   25  25  PHE PHE A . n 
A 1 7   VAL 7   26  26  VAL VAL A . n 
A 1 8   THR 8   27  27  THR THR A . n 
A 1 9   CYS 9   28  28  CYS CYS A . n 
A 1 10  TYR 10  29  29  TYR TYR A . n 
A 1 11  SER 11  30  30  SER SER A . n 
A 1 12  VAL 12  31  31  VAL VAL A . n 
A 1 13  LEU 13  32  32  LEU LEU A . n 
A 1 14  LYS 14  33  33  LYS LYS A . n 
A 1 15  PHE 15  34  34  PHE PHE A . n 
A 1 16  ILE 16  35  35  ILE ILE A . n 
A 1 17  ASN 17  36  36  ASN ASN A . n 
A 1 18  ALA 18  37  37  ALA ALA A . n 
A 1 19  ASN 19  38  38  ASN ASN A . n 
A 1 20  ASP 20  39  39  ASP ASP A . n 
A 1 21  GLY 21  40  40  GLY GLY A . n 
A 1 22  SER 22  41  41  SER SER A . n 
A 1 23  ARG 23  42  42  ARG ARG A . n 
A 1 24  LEU 24  43  43  LEU LEU A . n 
A 1 25  HIS 25  44  44  HIS HIS A . n 
A 1 26  SER 26  45  45  SER SER A . n 
A 1 27  HIS 27  46  46  HIS HIS A . n 
A 1 28  ASP 28  47  47  ASP ASP A . n 
A 1 29  VAL 29  48  48  VAL VAL A . n 
A 1 30  LYS 30  49  49  LYS LYS A . n 
A 1 31  TYR 31  50  50  TYR TYR A . n 
A 1 32  GLY 32  51  51  GLY GLY A . n 
A 1 33  SER 33  52  52  SER SER A . n 
A 1 34  GLY 34  53  53  GLY GLY A . n 
A 1 35  SER 35  54  54  SER SER A . n 
A 1 36  GLY 36  55  55  GLY GLY A . n 
A 1 37  GLN 37  56  56  GLN GLN A . n 
A 1 38  GLN 38  57  57  GLN GLN A . n 
A 1 39  SER 39  58  58  SER SER A . n 
A 1 40  VAL 40  59  59  VAL VAL A . n 
A 1 41  THR 41  60  60  THR THR A . n 
A 1 42  ALA 42  61  61  ALA ALA A . n 
A 1 43  VAL 43  62  62  VAL VAL A . n 
A 1 44  LYS 44  63  63  LYS LYS A . n 
A 1 45  ASN 45  64  64  ASN ASN A . n 
A 1 46  SER 46  65  65  SER SER A . n 
A 1 47  ASP 47  66  66  ASP ASP A . n 
A 1 48  ASP 48  67  67  ASP ASP A . n 
A 1 49  ILE 49  68  68  ILE ILE A . n 
A 1 50  ASN 50  69  69  ASN ASN A . n 
A 1 51  SER 51  70  70  SER SER A . n 
A 1 52  HIS 52  71  71  HIS HIS A . n 
A 1 53  TRP 53  72  72  TRP TRP A . n 
A 1 54  GLN 54  73  73  GLN GLN A . n 
A 1 55  ILE 55  74  74  ILE ILE A . n 
A 1 56  PHE 56  75  75  PHE PHE A . n 
A 1 57  PRO 57  76  76  PRO PRO A . n 
A 1 58  ALA 58  77  77  ALA ALA A . n 
A 1 59  LEU 59  78  78  LEU LEU A . n 
A 1 60  ASN 60  79  79  ASN ASN A . n 
A 1 61  ALA 61  80  80  ALA ALA A . n 
A 1 62  LYS 62  81  81  LYS LYS A . n 
A 1 63  CYS 63  82  82  CYS CYS A . n 
A 1 64  ASN 64  83  83  ASN ASN A . n 
A 1 65  ARG 65  84  84  ARG ARG A . n 
A 1 66  GLY 66  85  85  GLY GLY A . n 
A 1 67  ASP 67  86  86  ASP ASP A . n 
A 1 68  ALA 68  87  87  ALA ALA A . n 
A 1 69  ILE 69  88  88  ILE ILE A . n 
A 1 70  LYS 70  89  89  LYS LYS A . n 
A 1 71  CYS 71  90  90  CYS CYS A . n 
A 1 72  GLY 72  91  91  GLY GLY A . n 
A 1 73  ASP 73  92  92  ASP ASP A . n 
A 1 74  LYS 74  93  93  LYS LYS A . n 
A 1 75  ILE 75  94  94  ILE ILE A . n 
A 1 76  ARG 76  95  95  ARG ARG A . n 
A 1 77  LEU 77  96  96  LEU LEU A . n 
A 1 78  LYS 78  97  97  LYS LYS A . n 
A 1 79  HIS 79  98  98  HIS HIS A . n 
A 1 80  LEU 80  99  99  LEU LEU A . n 
A 1 81  THR 81  100 100 THR THR A . n 
A 1 82  THR 82  101 101 THR THR A . n 
A 1 83  GLY 83  102 102 GLY GLY A . n 
A 1 84  THR 84  103 103 THR THR A . n 
A 1 85  PHE 85  104 104 PHE PHE A . n 
A 1 86  LEU 86  105 105 LEU LEU A . n 
A 1 87  HIS 87  106 106 HIS HIS A . n 
A 1 88  SER 88  107 107 SER SER A . n 
A 1 89  HIS 89  108 108 HIS HIS A . n 
A 1 90  HIS 90  109 109 HIS HIS A . n 
A 1 91  PHE 91  110 110 PHE PHE A . n 
A 1 92  THR 92  111 111 THR THR A . n 
A 1 93  ALA 93  112 112 ALA ALA A . n 
A 1 94  PRO 94  113 113 PRO PRO A . n 
A 1 95  LEU 95  114 114 LEU LEU A . n 
A 1 96  SER 96  115 115 SER SER A . n 
A 1 97  LYS 97  116 116 LYS LYS A . n 
A 1 98  GLN 98  117 117 GLN GLN A . n 
A 1 99  HIS 99  118 118 HIS HIS A . n 
A 1 100 GLN 100 119 119 GLN GLN A . n 
A 1 101 GLU 101 120 120 GLU GLU A . n 
A 1 102 VAL 102 121 121 VAL VAL A . n 
A 1 103 SER 103 122 122 SER SER A . n 
A 1 104 ALA 104 123 123 ALA ALA A . n 
A 1 105 PHE 105 124 124 PHE PHE A . n 
A 1 106 GLY 106 125 125 GLY GLY A . n 
A 1 107 SER 107 126 126 SER SER A . n 
A 1 108 GLU 108 127 127 GLU GLU A . n 
A 1 109 ALA 109 128 128 ALA ALA A . n 
A 1 110 GLU 110 129 129 GLU GLU A . n 
A 1 111 SER 111 130 130 SER SER A . n 
A 1 112 ASP 112 131 131 ASP ASP A . n 
A 1 113 THR 113 132 132 THR THR A . n 
A 1 114 GLY 114 133 133 GLY GLY A . n 
A 1 115 ASP 115 134 134 ASP ASP A . n 
A 1 116 ASP 116 135 135 ASP ASP A . n 
A 1 117 TRP 117 136 136 TRP TRP A . n 
A 1 118 THR 118 137 137 THR THR A . n 
A 1 119 VAL 119 138 138 VAL VAL A . n 
A 1 120 ILE 120 139 139 ILE ILE A . n 
A 1 121 CYS 121 140 140 CYS CYS A . n 
A 1 122 ASN 122 141 141 ASN ASN A . n 
A 1 123 GLY 123 142 142 GLY GLY A . n 
A 1 124 ASP 124 143 143 ASP ASP A . n 
A 1 125 GLU 125 144 144 GLU GLU A . n 
A 1 126 TRP 126 145 145 TRP TRP A . n 
A 1 127 LEU 127 146 146 LEU LEU A . n 
A 1 128 GLU 128 147 147 GLU GLU A . n 
A 1 129 SER 129 148 148 SER SER A . n 
A 1 130 GLU 130 149 149 GLU GLU A . n 
A 1 131 GLN 131 150 150 GLN GLN A . n 
A 1 132 PHE 132 151 151 PHE PHE A . n 
A 1 133 LYS 133 152 152 LYS LYS A . n 
A 1 134 LEU 134 153 153 LEU LEU A . n 
A 1 135 ARG 135 154 154 ARG ARG A . n 
A 1 136 HIS 136 155 155 HIS HIS A . n 
A 1 137 ALA 137 156 156 ALA ALA A . n 
A 1 138 VAL 138 157 157 VAL VAL A . n 
A 1 139 THR 139 158 158 THR THR A . n 
A 1 140 GLY 140 159 159 GLY GLY A . n 
A 1 141 SER 141 160 160 SER SER A . n 
A 1 142 TYR 142 161 161 TYR TYR A . n 
A 1 143 LEU 143 162 162 LEU LEU A . n 
A 1 144 SER 144 163 163 SER SER A . n 
A 1 145 LEU 145 164 164 LEU LEU A . n 
A 1 146 SER 146 165 165 SER SER A . n 
A 1 147 GLY 147 166 166 GLY GLY A . n 
A 1 148 GLN 148 167 167 GLN GLN A . n 
A 1 149 GLN 149 168 168 GLN GLN A . n 
A 1 150 PHE 150 169 169 PHE PHE A . n 
A 1 151 GLY 151 170 170 GLY GLY A . n 
A 1 152 ARG 152 171 171 ARG ARG A . n 
A 1 153 PRO 153 172 172 PRO PRO A . n 
A 1 154 ILE 154 173 173 ILE ILE A . n 
A 1 155 HIS 155 174 174 HIS HIS A . n 
A 1 156 GLY 156 175 175 GLY GLY A . n 
A 1 157 GLN 157 176 176 GLN GLN A . n 
A 1 158 ARG 158 177 177 ARG ARG A . n 
A 1 159 GLU 159 178 178 GLU GLU A . n 
A 1 160 VAL 160 179 179 VAL VAL A . n 
A 1 161 VAL 161 180 180 VAL VAL A . n 
A 1 162 GLY 162 181 181 GLY GLY A . n 
A 1 163 THR 163 182 182 THR THR A . n 
A 1 164 ASP 164 183 183 ASP ASP A . n 
A 1 165 SER 165 184 184 SER SER A . n 
A 1 166 ILE 166 185 185 ILE ILE A . n 
A 1 167 THR 167 186 186 THR THR A . n 
A 1 168 GLY 168 187 187 GLY GLY A . n 
A 1 169 GLY 169 188 188 GLY GLY A . n 
A 1 170 SER 170 189 189 SER SER A . n 
A 1 171 ALA 171 190 190 ALA ALA A . n 
A 1 172 TRP 172 191 191 TRP TRP A . n 
A 1 173 LYS 173 192 192 LYS LYS A . n 
A 1 174 VAL 174 193 193 VAL VAL A . n 
A 1 175 ALA 175 194 194 ALA ALA A . n 
A 1 176 GLU 176 195 195 GLU GLU A . n 
A 1 177 GLY 177 196 196 GLY GLY A . n 
A 1 178 ILE 178 197 197 ILE ILE A . n 
A 1 179 TYR 179 198 ?   ?   ?   A . n 
A 1 180 ILE 180 199 ?   ?   ?   A . n 
A 1 181 LYS 181 200 ?   ?   ?   A . n 
A 1 182 HIS 182 201 ?   ?   ?   A . n 
A 1 183 GLN 183 202 ?   ?   ?   A . n 
A 1 184 GLN 184 203 ?   ?   ?   A . n 
A 1 185 LYS 185 204 ?   ?   ?   A . n 
A 1 186 ASP 186 205 ?   ?   ?   A . n 
A 1 187 LEU 187 206 ?   ?   ?   A . n 
# 
loop_
_pdbx_nonpoly_scheme.asym_id 
_pdbx_nonpoly_scheme.entity_id 
_pdbx_nonpoly_scheme.mon_id 
_pdbx_nonpoly_scheme.ndb_seq_num 
_pdbx_nonpoly_scheme.pdb_seq_num 
_pdbx_nonpoly_scheme.auth_seq_num 
_pdbx_nonpoly_scheme.pdb_mon_id 
_pdbx_nonpoly_scheme.auth_mon_id 
_pdbx_nonpoly_scheme.pdb_strand_id 
_pdbx_nonpoly_scheme.pdb_ins_code 
B 2 MLI 1   207 1   MLI MLI A . 
C 3 HOH 1   208 1   HOH HOH A . 
C 3 HOH 2   209 2   HOH HOH A . 
C 3 HOH 3   210 3   HOH HOH A . 
C 3 HOH 4   211 4   HOH HOH A . 
C 3 HOH 5   212 5   HOH HOH A . 
C 3 HOH 6   213 6   HOH HOH A . 
C 3 HOH 7   214 7   HOH HOH A . 
C 3 HOH 8   215 8   HOH HOH A . 
C 3 HOH 9   216 9   HOH HOH A . 
C 3 HOH 10  217 10  HOH HOH A . 
C 3 HOH 11  218 11  HOH HOH A . 
C 3 HOH 12  219 12  HOH HOH A . 
C 3 HOH 13  220 13  HOH HOH A . 
C 3 HOH 14  221 14  HOH HOH A . 
C 3 HOH 15  222 15  HOH HOH A . 
C 3 HOH 16  223 16  HOH HOH A . 
C 3 HOH 17  224 17  HOH HOH A . 
C 3 HOH 18  225 18  HOH HOH A . 
C 3 HOH 19  226 19  HOH HOH A . 
C 3 HOH 20  227 20  HOH HOH A . 
C 3 HOH 21  228 21  HOH HOH A . 
C 3 HOH 22  229 22  HOH HOH A . 
C 3 HOH 23  230 23  HOH HOH A . 
C 3 HOH 24  231 24  HOH HOH A . 
C 3 HOH 25  232 25  HOH HOH A . 
C 3 HOH 26  233 26  HOH HOH A . 
C 3 HOH 27  234 27  HOH HOH A . 
C 3 HOH 28  235 28  HOH HOH A . 
C 3 HOH 29  236 29  HOH HOH A . 
C 3 HOH 30  237 30  HOH HOH A . 
C 3 HOH 31  238 31  HOH HOH A . 
C 3 HOH 32  239 32  HOH HOH A . 
C 3 HOH 33  240 33  HOH HOH A . 
C 3 HOH 34  241 34  HOH HOH A . 
C 3 HOH 35  242 35  HOH HOH A . 
C 3 HOH 36  243 36  HOH HOH A . 
C 3 HOH 37  244 37  HOH HOH A . 
C 3 HOH 38  245 38  HOH HOH A . 
C 3 HOH 39  246 39  HOH HOH A . 
C 3 HOH 40  247 40  HOH HOH A . 
C 3 HOH 41  248 41  HOH HOH A . 
C 3 HOH 42  249 42  HOH HOH A . 
C 3 HOH 43  250 43  HOH HOH A . 
C 3 HOH 44  251 44  HOH HOH A . 
C 3 HOH 45  252 45  HOH HOH A . 
C 3 HOH 46  253 46  HOH HOH A . 
C 3 HOH 47  254 47  HOH HOH A . 
C 3 HOH 48  255 48  HOH HOH A . 
C 3 HOH 49  256 49  HOH HOH A . 
C 3 HOH 50  257 50  HOH HOH A . 
C 3 HOH 51  258 51  HOH HOH A . 
C 3 HOH 52  259 52  HOH HOH A . 
C 3 HOH 53  260 53  HOH HOH A . 
C 3 HOH 54  261 54  HOH HOH A . 
C 3 HOH 55  262 55  HOH HOH A . 
C 3 HOH 56  263 56  HOH HOH A . 
C 3 HOH 57  264 57  HOH HOH A . 
C 3 HOH 58  265 58  HOH HOH A . 
C 3 HOH 59  266 59  HOH HOH A . 
C 3 HOH 60  267 60  HOH HOH A . 
C 3 HOH 61  268 61  HOH HOH A . 
C 3 HOH 62  269 62  HOH HOH A . 
C 3 HOH 63  270 63  HOH HOH A . 
C 3 HOH 64  271 64  HOH HOH A . 
C 3 HOH 65  272 65  HOH HOH A . 
C 3 HOH 66  273 66  HOH HOH A . 
C 3 HOH 67  274 67  HOH HOH A . 
C 3 HOH 68  275 68  HOH HOH A . 
C 3 HOH 69  276 69  HOH HOH A . 
C 3 HOH 70  277 70  HOH HOH A . 
C 3 HOH 71  278 71  HOH HOH A . 
C 3 HOH 72  279 72  HOH HOH A . 
C 3 HOH 73  280 73  HOH HOH A . 
C 3 HOH 74  281 74  HOH HOH A . 
C 3 HOH 75  282 75  HOH HOH A . 
C 3 HOH 76  283 76  HOH HOH A . 
C 3 HOH 77  284 77  HOH HOH A . 
C 3 HOH 78  285 78  HOH HOH A . 
C 3 HOH 79  286 79  HOH HOH A . 
C 3 HOH 80  287 80  HOH HOH A . 
C 3 HOH 81  288 81  HOH HOH A . 
C 3 HOH 82  289 82  HOH HOH A . 
C 3 HOH 83  290 83  HOH HOH A . 
C 3 HOH 84  291 84  HOH HOH A . 
C 3 HOH 85  292 85  HOH HOH A . 
C 3 HOH 86  293 86  HOH HOH A . 
C 3 HOH 87  294 87  HOH HOH A . 
C 3 HOH 88  295 88  HOH HOH A . 
C 3 HOH 89  296 89  HOH HOH A . 
C 3 HOH 90  297 90  HOH HOH A . 
C 3 HOH 91  298 91  HOH HOH A . 
C 3 HOH 92  299 92  HOH HOH A . 
C 3 HOH 93  300 93  HOH HOH A . 
C 3 HOH 94  301 94  HOH HOH A . 
C 3 HOH 95  302 95  HOH HOH A . 
C 3 HOH 96  303 96  HOH HOH A . 
C 3 HOH 97  304 97  HOH HOH A . 
C 3 HOH 98  305 98  HOH HOH A . 
C 3 HOH 99  306 99  HOH HOH A . 
C 3 HOH 100 307 100 HOH HOH A . 
C 3 HOH 101 308 101 HOH HOH A . 
C 3 HOH 102 309 102 HOH HOH A . 
C 3 HOH 103 310 103 HOH HOH A . 
C 3 HOH 104 311 104 HOH HOH A . 
C 3 HOH 105 312 105 HOH HOH A . 
C 3 HOH 106 313 106 HOH HOH A . 
C 3 HOH 107 314 107 HOH HOH A . 
C 3 HOH 108 315 108 HOH HOH A . 
C 3 HOH 109 316 109 HOH HOH A . 
C 3 HOH 110 317 110 HOH HOH A . 
C 3 HOH 111 318 111 HOH HOH A . 
C 3 HOH 112 319 112 HOH HOH A . 
C 3 HOH 113 320 113 HOH HOH A . 
C 3 HOH 114 321 114 HOH HOH A . 
C 3 HOH 115 322 115 HOH HOH A . 
C 3 HOH 116 323 116 HOH HOH A . 
C 3 HOH 117 324 117 HOH HOH A . 
C 3 HOH 118 325 118 HOH HOH A . 
C 3 HOH 119 326 119 HOH HOH A . 
C 3 HOH 120 327 120 HOH HOH A . 
C 3 HOH 121 328 121 HOH HOH A . 
C 3 HOH 122 329 122 HOH HOH A . 
C 3 HOH 123 330 123 HOH HOH A . 
C 3 HOH 124 331 124 HOH HOH A . 
C 3 HOH 125 332 125 HOH HOH A . 
C 3 HOH 126 333 126 HOH HOH A . 
C 3 HOH 127 334 127 HOH HOH A . 
C 3 HOH 128 335 128 HOH HOH A . 
C 3 HOH 129 336 129 HOH HOH A . 
C 3 HOH 130 337 130 HOH HOH A . 
# 
loop_
_software.name 
_software.classification 
_software.version 
_software.citation_id 
_software.pdbx_ordinal 
CNS      refinement       1.1 ? 1 
HKL-2000 'data reduction' .   ? 2 
HKL-2000 'data scaling'   .   ? 3 
SOLVE    phasing          .   ? 4 
RESOLVE  phasing          .   ? 5 
# 
_cell.entry_id           1T9F 
_cell.length_a           76.376 
_cell.length_b           76.376 
_cell.length_c           57.388 
_cell.angle_alpha        90.00 
_cell.angle_beta         90.00 
_cell.angle_gamma        120.00 
_cell.Z_PDB              6 
_cell.pdbx_unique_axis   ? 
# 
_symmetry.entry_id                         1T9F 
_symmetry.space_group_name_H-M             'P 64' 
_symmetry.pdbx_full_space_group_name_H-M   ? 
_symmetry.cell_setting                     ? 
_symmetry.Int_Tables_number                172 
# 
_exptl.entry_id          1T9F 
_exptl.method            'X-RAY DIFFRACTION' 
_exptl.crystals_number   1 
# 
_exptl_crystal.id                    1 
_exptl_crystal.density_meas          ? 
_exptl_crystal.density_percent_sol   46.0 
_exptl_crystal.description           ? 
_exptl_crystal.density_Matthews      2.30 
# 
_exptl_crystal_grow.crystal_id      1 
_exptl_crystal_grow.method          'VAPOR DIFFUSION, HANGING DROP' 
_exptl_crystal_grow.temp            295 
_exptl_crystal_grow.temp_details    ? 
_exptl_crystal_grow.pH              7.0 
_exptl_crystal_grow.pdbx_details    
'2.1M ammonium sulfate, 0.1M HEPES, 6% PEG400, 1% dioxane, 5 mM DTT, pH 7.0, VAPOR DIFFUSION, HANGING DROP, temperature 295K' 
_exptl_crystal_grow.pdbx_pH_range   . 
# 
loop_
_diffrn.id 
_diffrn.ambient_temp 
_diffrn.ambient_temp_details 
_diffrn.crystal_id 
1 100 ? 1 
2 100 ? 1 
# 
loop_
_diffrn_detector.diffrn_id 
_diffrn_detector.detector 
_diffrn_detector.type 
_diffrn_detector.pdbx_collection_date 
_diffrn_detector.details 
1 CCD MARRESEARCH 2003-12-21 ? 
2 CCD MARRESEARCH 2004-02-04 ? 
# 
loop_
_diffrn_radiation.diffrn_id 
_diffrn_radiation.wavelength_id 
_diffrn_radiation.pdbx_monochromatic_or_laue_m_l 
_diffrn_radiation.monochromator 
_diffrn_radiation.pdbx_diffrn_protocol 
_diffrn_radiation.pdbx_scattering_type 
1 1 M ? 'SINGLE WAVELENGTH' x-ray 
2 1 M ? 'SINGLE WAVELENGTH' x-ray 
# 
loop_
_diffrn_radiation_wavelength.id 
_diffrn_radiation_wavelength.wavelength 
_diffrn_radiation_wavelength.wt 
1 1.47 1.0 
2 1.0  1.0 
# 
loop_
_diffrn_source.diffrn_id 
_diffrn_source.source 
_diffrn_source.type 
_diffrn_source.pdbx_synchrotron_site 
_diffrn_source.pdbx_synchrotron_beamline 
_diffrn_source.pdbx_wavelength 
_diffrn_source.pdbx_wavelength_list 
1 SYNCHROTRON 'APS BEAMLINE 22-ID' APS 22-ID ? 1.47 
2 SYNCHROTRON 'APS BEAMLINE 22-ID' APS 22-ID ? 1.0  
# 
_reflns.entry_id                     1T9F 
_reflns.observed_criterion_sigma_I   -1.0 
_reflns.observed_criterion_sigma_F   0.0 
_reflns.d_resolution_low             50.0 
_reflns.d_resolution_high            2.0 
_reflns.number_obs                   12971 
_reflns.number_all                   12971 
_reflns.percent_possible_obs         99.9 
_reflns.pdbx_Rmerge_I_obs            0.049 
_reflns.pdbx_Rsym_value              ? 
_reflns.pdbx_netI_over_sigmaI        13.4 
_reflns.B_iso_Wilson_estimate        24.7 
_reflns.pdbx_redundancy              5.7 
_reflns.R_free_details               ? 
_reflns.limit_h_max                  ? 
_reflns.limit_h_min                  ? 
_reflns.limit_k_max                  ? 
_reflns.limit_k_min                  ? 
_reflns.limit_l_max                  ? 
_reflns.limit_l_min                  ? 
_reflns.observed_criterion_F_max     ? 
_reflns.observed_criterion_F_min     ? 
_reflns.pdbx_diffrn_id               1,2 
_reflns.pdbx_ordinal                 1 
# 
_reflns_shell.d_res_high             2.0 
_reflns_shell.d_res_low              2.07 
_reflns_shell.percent_possible_all   100.0 
_reflns_shell.Rmerge_I_obs           0.168 
_reflns_shell.pdbx_Rsym_value        ? 
_reflns_shell.meanI_over_sigI_obs    5.4 
_reflns_shell.pdbx_redundancy        5.7 
_reflns_shell.percent_possible_obs   ? 
_reflns_shell.number_unique_all      12971 
_reflns_shell.pdbx_diffrn_id         ? 
_reflns_shell.pdbx_ordinal           1 
# 
_refine.entry_id                                 1T9F 
_refine.ls_number_reflns_obs                     12971 
_refine.ls_number_reflns_all                     12971 
_refine.pdbx_ls_sigma_I                          ? 
_refine.pdbx_ls_sigma_F                          0.0 
_refine.pdbx_data_cutoff_high_absF               10000. 
_refine.pdbx_data_cutoff_low_absF                0.000000 
_refine.pdbx_data_cutoff_high_rms_absF           ? 
_refine.ls_d_res_low                             31.79 
_refine.ls_d_res_high                            2.00 
_refine.ls_percent_reflns_obs                    100.0 
_refine.ls_R_factor_obs                          0.217 
_refine.ls_R_factor_all                          ? 
_refine.ls_R_factor_R_work                       0.217 
_refine.ls_R_factor_R_free                       0.267 
_refine.ls_R_factor_R_free_error                 0.010 
_refine.ls_R_factor_R_free_error_details         ? 
_refine.ls_percent_reflns_R_free                 5.0 
_refine.ls_number_reflns_R_free                  651 
_refine.ls_number_parameters                     ? 
_refine.ls_number_restraints                     ? 
_refine.occupancy_min                            ? 
_refine.occupancy_max                            ? 
_refine.correlation_coeff_Fo_to_Fc               ? 
_refine.correlation_coeff_Fo_to_Fc_free          ? 
_refine.B_iso_mean                               30.3 
_refine.aniso_B[1][1]                            0.17 
_refine.aniso_B[2][2]                            0.17 
_refine.aniso_B[3][3]                            -0.35 
_refine.aniso_B[1][2]                            2.09 
_refine.aniso_B[1][3]                            0.00 
_refine.aniso_B[2][3]                            0.00 
_refine.solvent_model_details                    'FLAT MODEL' 
_refine.solvent_model_param_ksol                 0.389013 
_refine.solvent_model_param_bsol                 56.4836 
_refine.pdbx_solvent_vdw_probe_radii             ? 
_refine.pdbx_solvent_ion_probe_radii             ? 
_refine.pdbx_solvent_shrinkage_radii             ? 
_refine.pdbx_ls_cross_valid_method               THROUGHOUT 
_refine.details                                  ? 
_refine.pdbx_starting_model                      'from SAD map, based on Gd-derivative' 
_refine.pdbx_method_to_determine_struct          SAD 
_refine.pdbx_isotropic_thermal_model             RESTRAINED 
_refine.pdbx_stereochemistry_target_values       'Engh & Huber' 
_refine.pdbx_stereochem_target_val_spec_case     ? 
_refine.pdbx_R_Free_selection_details            RANDOM 
_refine.pdbx_overall_ESU_R                       ? 
_refine.pdbx_overall_ESU_R_Free                  ? 
_refine.overall_SU_ML                            ? 
_refine.overall_SU_B                             ? 
_refine.ls_redundancy_reflns_obs                 ? 
_refine.B_iso_min                                ? 
_refine.B_iso_max                                ? 
_refine.overall_SU_R_Cruickshank_DPI             ? 
_refine.overall_SU_R_free                        ? 
_refine.pdbx_refine_id                           'X-RAY DIFFRACTION' 
_refine.pdbx_diffrn_id                           1 
_refine.pdbx_TLS_residual_ADP_flag               ? 
_refine.pdbx_overall_phase_error                 ? 
_refine.pdbx_overall_SU_R_free_Cruickshank_DPI   ? 
_refine.pdbx_overall_SU_R_Blow_DPI               ? 
_refine.pdbx_overall_SU_R_free_Blow_DPI          ? 
# 
_refine_analyze.entry_id                        1T9F 
_refine_analyze.Luzzati_coordinate_error_obs    0.25 
_refine_analyze.Luzzati_sigma_a_obs             0.19 
_refine_analyze.Luzzati_d_res_low_obs           5.00 
_refine_analyze.Luzzati_coordinate_error_free   0.33 
_refine_analyze.Luzzati_sigma_a_free            0.31 
_refine_analyze.Luzzati_d_res_low_free          ? 
_refine_analyze.number_disordered_residues      ? 
_refine_analyze.occupancy_sum_hydrogen          ? 
_refine_analyze.occupancy_sum_non_hydrogen      ? 
_refine_analyze.pdbx_Luzzati_d_res_high_obs     ? 
_refine_analyze.pdbx_refine_id                  'X-RAY DIFFRACTION' 
# 
_refine_hist.pdbx_refine_id                   'X-RAY DIFFRACTION' 
_refine_hist.cycle_id                         LAST 
_refine_hist.pdbx_number_atoms_protein        1368 
_refine_hist.pdbx_number_atoms_nucleic_acid   0 
_refine_hist.pdbx_number_atoms_ligand         7 
_refine_hist.number_atoms_solvent             130 
_refine_hist.number_atoms_total               1505 
_refine_hist.d_res_high                       2.00 
_refine_hist.d_res_low                        31.79 
# 
loop_
_refine_ls_restr.type 
_refine_ls_restr.dev_ideal 
_refine_ls_restr.dev_ideal_target 
_refine_ls_restr.weight 
_refine_ls_restr.number 
_refine_ls_restr.pdbx_refine_id 
_refine_ls_restr.pdbx_restraint_function 
c_bond_d           0.005 ?    ? ? 'X-RAY DIFFRACTION' ? 
c_angle_deg        1.4   ?    ? ? 'X-RAY DIFFRACTION' ? 
c_dihedral_angle_d 25.3  ?    ? ? 'X-RAY DIFFRACTION' ? 
c_improper_angle_d 0.63  ?    ? ? 'X-RAY DIFFRACTION' ? 
c_mcbond_it        4.38  1.50 ? ? 'X-RAY DIFFRACTION' ? 
c_mcangle_it       5.58  2.00 ? ? 'X-RAY DIFFRACTION' ? 
c_scbond_it        5.72  2.00 ? ? 'X-RAY DIFFRACTION' ? 
c_scangle_it       7.43  2.50 ? ? 'X-RAY DIFFRACTION' ? 
# 
_refine_ls_shell.pdbx_total_number_of_bins_used   10 
_refine_ls_shell.d_res_high                       2.00 
_refine_ls_shell.d_res_low                        2.07 
_refine_ls_shell.number_reflns_R_work             1230 
_refine_ls_shell.R_factor_R_work                  0.261 
_refine_ls_shell.percent_reflns_obs               100.0 
_refine_ls_shell.R_factor_R_free                  0.343 
_refine_ls_shell.R_factor_R_free_error            0.042 
_refine_ls_shell.percent_reflns_R_free            5.1 
_refine_ls_shell.number_reflns_R_free             66 
_refine_ls_shell.number_reflns_obs                1295 
_refine_ls_shell.redundancy_reflns_obs            ? 
_refine_ls_shell.number_reflns_all                ? 
_refine_ls_shell.pdbx_refine_id                   'X-RAY DIFFRACTION' 
_refine_ls_shell.R_factor_all                     ? 
# 
loop_
_pdbx_xplor_file.serial_no 
_pdbx_xplor_file.param_file 
_pdbx_xplor_file.topol_file 
_pdbx_xplor_file.pdbx_refine_id 
1 PROTEIN_REP.PARAM PROTEIN.TOP 'X-RAY DIFFRACTION' 
2 WATER_REP.PARAM   WATER.TOP   'X-RAY DIFFRACTION' 
3 MLI.PARAM         MLI.TOPOL   'X-RAY DIFFRACTION' 
# 
_struct.entry_id                  1T9F 
_struct.title                     'Structural genomics of Caenorhabditis elegans: Structure of a protein with unknown function' 
_struct.pdbx_model_details        ? 
_struct.pdbx_CASP_flag            ? 
_struct.pdbx_model_type_details   ? 
# 
_struct_keywords.entry_id        1T9F 
_struct_keywords.pdbx_keywords   'STRUCTURAL GENOMICS, UNKNOWN FUNCTION' 
_struct_keywords.text            
'Structural genomics, PSI, Protein Structure Initiative, Southeast Collaboratory for Structural Genomics, SECSG, UNKNOWN FUNCTION' 
# 
loop_
_struct_asym.id 
_struct_asym.pdbx_blank_PDB_chainid_flag 
_struct_asym.pdbx_modified 
_struct_asym.entity_id 
_struct_asym.details 
A N N 1 ? 
B N N 2 ? 
C N N 3 ? 
# 
_struct_ref.id                         1 
_struct_ref.db_name                    UNP 
_struct_ref.db_code                    O61793_CAEEL 
_struct_ref.pdbx_db_accession          O61793 
_struct_ref.entity_id                  1 
_struct_ref.pdbx_seq_one_letter_code   
;DEDFVTCYSVLKFINANDGSRLHSHDVKYGSGSGQQSVTAVKNSDDINSHWQIFPALNAKCNRGDAIKCGDKIRLKHLTT
GTFLHSHHFTAPLSKQHQEVSAFGSEAESDTGDDWTVICNGDEWLESEQFKLRHAVTGSYLSLSGQQFGRPIHGQREVVG
TDSITGGSAWKVAEGIYIKHQQKDL
;
_struct_ref.pdbx_align_begin           22 
_struct_ref.pdbx_db_isoform            ? 
# 
_struct_ref_seq.align_id                      1 
_struct_ref_seq.ref_id                        1 
_struct_ref_seq.pdbx_PDB_id_code              1T9F 
_struct_ref_seq.pdbx_strand_id                A 
_struct_ref_seq.seq_align_beg                 3 
_struct_ref_seq.pdbx_seq_align_beg_ins_code   ? 
_struct_ref_seq.seq_align_end                 187 
_struct_ref_seq.pdbx_seq_align_end_ins_code   ? 
_struct_ref_seq.pdbx_db_accession             O61793 
_struct_ref_seq.db_align_beg                  22 
_struct_ref_seq.pdbx_db_align_beg_ins_code    ? 
_struct_ref_seq.db_align_end                  206 
_struct_ref_seq.pdbx_db_align_end_ins_code    ? 
_struct_ref_seq.pdbx_auth_seq_align_beg       22 
_struct_ref_seq.pdbx_auth_seq_align_end       206 
# 
loop_
_struct_ref_seq_dif.align_id 
_struct_ref_seq_dif.pdbx_pdb_id_code 
_struct_ref_seq_dif.mon_id 
_struct_ref_seq_dif.pdbx_pdb_strand_id 
_struct_ref_seq_dif.seq_num 
_struct_ref_seq_dif.pdbx_pdb_ins_code 
_struct_ref_seq_dif.pdbx_seq_db_name 
_struct_ref_seq_dif.pdbx_seq_db_accession_code 
_struct_ref_seq_dif.db_mon_id 
_struct_ref_seq_dif.pdbx_seq_db_seq_num 
_struct_ref_seq_dif.details 
_struct_ref_seq_dif.pdbx_auth_seq_num 
_struct_ref_seq_dif.pdbx_ordinal 
1 1T9F GLY A 1 ? UNP O61793 ? ? 'cloning artifact' -1 1 
1 1T9F SER A 2 ? UNP O61793 ? ? 'cloning artifact' 0  2 
# 
_pdbx_struct_assembly.id                   1 
_pdbx_struct_assembly.details              author_defined_assembly 
_pdbx_struct_assembly.method_details       ? 
_pdbx_struct_assembly.oligomeric_details   monomeric 
_pdbx_struct_assembly.oligomeric_count     1 
# 
_pdbx_struct_assembly_gen.assembly_id       1 
_pdbx_struct_assembly_gen.oper_expression   1 
_pdbx_struct_assembly_gen.asym_id_list      A,B,C 
# 
_pdbx_struct_oper_list.id                   1 
_pdbx_struct_oper_list.type                 'identity operation' 
_pdbx_struct_oper_list.name                 1_555 
_pdbx_struct_oper_list.symmetry_operation   x,y,z 
_pdbx_struct_oper_list.matrix[1][1]         1.0000000000 
_pdbx_struct_oper_list.matrix[1][2]         0.0000000000 
_pdbx_struct_oper_list.matrix[1][3]         0.0000000000 
_pdbx_struct_oper_list.vector[1]            0.0000000000 
_pdbx_struct_oper_list.matrix[2][1]         0.0000000000 
_pdbx_struct_oper_list.matrix[2][2]         1.0000000000 
_pdbx_struct_oper_list.matrix[2][3]         0.0000000000 
_pdbx_struct_oper_list.vector[2]            0.0000000000 
_pdbx_struct_oper_list.matrix[3][1]         0.0000000000 
_pdbx_struct_oper_list.matrix[3][2]         0.0000000000 
_pdbx_struct_oper_list.matrix[3][3]         1.0000000000 
_pdbx_struct_oper_list.vector[3]            0.0000000000 
# 
loop_
_struct_conf.conf_type_id 
_struct_conf.id 
_struct_conf.pdbx_PDB_helix_id 
_struct_conf.beg_label_comp_id 
_struct_conf.beg_label_asym_id 
_struct_conf.beg_label_seq_id 
_struct_conf.pdbx_beg_PDB_ins_code 
_struct_conf.end_label_comp_id 
_struct_conf.end_label_asym_id 
_struct_conf.end_label_seq_id 
_struct_conf.pdbx_end_PDB_ins_code 
_struct_conf.beg_auth_comp_id 
_struct_conf.beg_auth_asym_id 
_struct_conf.beg_auth_seq_id 
_struct_conf.end_auth_comp_id 
_struct_conf.end_auth_asym_id 
_struct_conf.end_auth_seq_id 
_struct_conf.pdbx_PDB_helix_class 
_struct_conf.details 
_struct_conf.pdbx_PDB_helix_length 
HELX_P HELX_P1 1 ASP A 48  ? SER A 51  ? ASP A 67  SER A 70  5 ? 4 
HELX_P HELX_P2 2 ASP A 112 ? ASP A 115 ? ASP A 131 ASP A 134 5 ? 4 
# 
_struct_conf_type.id          HELX_P 
_struct_conf_type.criteria    ? 
_struct_conf_type.reference   ? 
# 
loop_
_struct_conn.id 
_struct_conn.conn_type_id 
_struct_conn.pdbx_leaving_atom_flag 
_struct_conn.pdbx_PDB_id 
_struct_conn.ptnr1_label_asym_id 
_struct_conn.ptnr1_label_comp_id 
_struct_conn.ptnr1_label_seq_id 
_struct_conn.ptnr1_label_atom_id 
_struct_conn.pdbx_ptnr1_label_alt_id 
_struct_conn.pdbx_ptnr1_PDB_ins_code 
_struct_conn.pdbx_ptnr1_standard_comp_id 
_struct_conn.ptnr1_symmetry 
_struct_conn.ptnr2_label_asym_id 
_struct_conn.ptnr2_label_comp_id 
_struct_conn.ptnr2_label_seq_id 
_struct_conn.ptnr2_label_atom_id 
_struct_conn.pdbx_ptnr2_label_alt_id 
_struct_conn.pdbx_ptnr2_PDB_ins_code 
_struct_conn.ptnr1_auth_asym_id 
_struct_conn.ptnr1_auth_comp_id 
_struct_conn.ptnr1_auth_seq_id 
_struct_conn.ptnr2_auth_asym_id 
_struct_conn.ptnr2_auth_comp_id 
_struct_conn.ptnr2_auth_seq_id 
_struct_conn.ptnr2_symmetry 
_struct_conn.pdbx_ptnr3_label_atom_id 
_struct_conn.pdbx_ptnr3_label_seq_id 
_struct_conn.pdbx_ptnr3_label_comp_id 
_struct_conn.pdbx_ptnr3_label_asym_id 
_struct_conn.pdbx_ptnr3_label_alt_id 
_struct_conn.pdbx_ptnr3_PDB_ins_code 
_struct_conn.details 
_struct_conn.pdbx_dist_value 
_struct_conn.pdbx_value_order 
_struct_conn.pdbx_role 
disulf1 disulf ? ? A CYS 9  SG ? ? ? 1_555 A CYS 63  SG ? ? A CYS 28 A CYS 82  1_555 ? ? ? ? ? ? ? 2.026 ? ? 
disulf2 disulf ? ? A CYS 71 SG ? ? ? 1_555 A CYS 121 SG ? ? A CYS 90 A CYS 140 1_555 ? ? ? ? ? ? ? 2.039 ? ? 
# 
_struct_conn_type.id          disulf 
_struct_conn_type.criteria    ? 
_struct_conn_type.reference   ? 
# 
loop_
_pdbx_modification_feature.ordinal 
_pdbx_modification_feature.label_comp_id 
_pdbx_modification_feature.label_asym_id 
_pdbx_modification_feature.label_seq_id 
_pdbx_modification_feature.label_alt_id 
_pdbx_modification_feature.modified_residue_label_comp_id 
_pdbx_modification_feature.modified_residue_label_asym_id 
_pdbx_modification_feature.modified_residue_label_seq_id 
_pdbx_modification_feature.modified_residue_label_alt_id 
_pdbx_modification_feature.auth_comp_id 
_pdbx_modification_feature.auth_asym_id 
_pdbx_modification_feature.auth_seq_id 
_pdbx_modification_feature.PDB_ins_code 
_pdbx_modification_feature.symmetry 
_pdbx_modification_feature.modified_residue_auth_comp_id 
_pdbx_modification_feature.modified_residue_auth_asym_id 
_pdbx_modification_feature.modified_residue_auth_seq_id 
_pdbx_modification_feature.modified_residue_PDB_ins_code 
_pdbx_modification_feature.modified_residue_symmetry 
_pdbx_modification_feature.comp_id_linking_atom 
_pdbx_modification_feature.modified_residue_id_linking_atom 
_pdbx_modification_feature.modified_residue_id 
_pdbx_modification_feature.ref_pcm_id 
_pdbx_modification_feature.ref_comp_id 
_pdbx_modification_feature.type 
_pdbx_modification_feature.category 
1 CYS A 9  ? CYS A 63  ? CYS A 28 ? 1_555 CYS A 82  ? 1_555 SG SG . . . None 'Disulfide bridge' 
2 CYS A 71 ? CYS A 121 ? CYS A 90 ? 1_555 CYS A 140 ? 1_555 SG SG . . . None 'Disulfide bridge' 
# 
_struct_mon_prot_cis.pdbx_id                1 
_struct_mon_prot_cis.label_comp_id          ARG 
_struct_mon_prot_cis.label_seq_id           152 
_struct_mon_prot_cis.label_asym_id          A 
_struct_mon_prot_cis.label_alt_id           . 
_struct_mon_prot_cis.pdbx_PDB_ins_code      ? 
_struct_mon_prot_cis.auth_comp_id           ARG 
_struct_mon_prot_cis.auth_seq_id            171 
_struct_mon_prot_cis.auth_asym_id           A 
_struct_mon_prot_cis.pdbx_label_comp_id_2   PRO 
_struct_mon_prot_cis.pdbx_label_seq_id_2    153 
_struct_mon_prot_cis.pdbx_label_asym_id_2   A 
_struct_mon_prot_cis.pdbx_PDB_ins_code_2    ? 
_struct_mon_prot_cis.pdbx_auth_comp_id_2    PRO 
_struct_mon_prot_cis.pdbx_auth_seq_id_2     172 
_struct_mon_prot_cis.pdbx_auth_asym_id_2    A 
_struct_mon_prot_cis.pdbx_PDB_model_num     1 
_struct_mon_prot_cis.pdbx_omega_angle       0.04 
# 
loop_
_struct_sheet.id 
_struct_sheet.type 
_struct_sheet.number_strands 
_struct_sheet.details 
A ? 7 ? 
B ? 9 ? 
# 
loop_
_struct_sheet_order.sheet_id 
_struct_sheet_order.range_id_1 
_struct_sheet_order.range_id_2 
_struct_sheet_order.offset 
_struct_sheet_order.sense 
A 1 2 ? anti-parallel 
A 2 3 ? anti-parallel 
A 3 4 ? anti-parallel 
A 4 5 ? anti-parallel 
A 5 6 ? anti-parallel 
A 6 7 ? anti-parallel 
B 1 2 ? anti-parallel 
B 2 3 ? anti-parallel 
B 3 4 ? anti-parallel 
B 4 5 ? anti-parallel 
B 5 6 ? anti-parallel 
B 6 7 ? anti-parallel 
B 7 8 ? anti-parallel 
B 8 9 ? anti-parallel 
# 
loop_
_struct_sheet_range.sheet_id 
_struct_sheet_range.id 
_struct_sheet_range.beg_label_comp_id 
_struct_sheet_range.beg_label_asym_id 
_struct_sheet_range.beg_label_seq_id 
_struct_sheet_range.pdbx_beg_PDB_ins_code 
_struct_sheet_range.end_label_comp_id 
_struct_sheet_range.end_label_asym_id 
_struct_sheet_range.end_label_seq_id 
_struct_sheet_range.pdbx_end_PDB_ins_code 
_struct_sheet_range.beg_auth_comp_id 
_struct_sheet_range.beg_auth_asym_id 
_struct_sheet_range.beg_auth_seq_id 
_struct_sheet_range.end_auth_comp_id 
_struct_sheet_range.end_auth_asym_id 
_struct_sheet_range.end_auth_seq_id 
A 1 VAL A 12  ? ASN A 17  ? VAL A 31  ASN A 36  
A 2 TRP A 53  ? PRO A 57  ? TRP A 72  PRO A 76  
A 3 LYS A 74  ? HIS A 79  ? LYS A 93  HIS A 98  
A 4 TRP A 117 ? ILE A 120 ? TRP A 136 ILE A 139 
A 5 GLN A 131 ? HIS A 136 ? GLN A 150 HIS A 155 
A 6 TRP A 172 ? ALA A 175 ? TRP A 191 ALA A 194 
A 7 VAL A 12  ? ASN A 17  ? VAL A 31  ASN A 36  
B 1 ARG A 23  ? LYS A 30  ? ARG A 42  LYS A 49  
B 2 GLN A 38  ? VAL A 43  ? GLN A 57  VAL A 62  
B 3 GLN A 100 ? PHE A 105 ? GLN A 119 PHE A 124 
B 4 PHE A 85  ? THR A 92  ? PHE A 104 THR A 111 
B 5 GLN A 100 ? PHE A 105 ? GLN A 119 PHE A 124 
B 6 ARG A 158 ? THR A 163 ? ARG A 177 THR A 182 
B 7 TYR A 142 ? GLN A 149 ? TYR A 161 GLN A 168 
B 8 ARG A 158 ? THR A 163 ? ARG A 177 THR A 182 
B 9 GLN A 38  ? VAL A 43  ? GLN A 57  VAL A 62  
# 
loop_
_pdbx_struct_sheet_hbond.sheet_id 
_pdbx_struct_sheet_hbond.range_id_1 
_pdbx_struct_sheet_hbond.range_id_2 
_pdbx_struct_sheet_hbond.range_1_label_atom_id 
_pdbx_struct_sheet_hbond.range_1_label_comp_id 
_pdbx_struct_sheet_hbond.range_1_label_asym_id 
_pdbx_struct_sheet_hbond.range_1_label_seq_id 
_pdbx_struct_sheet_hbond.range_1_PDB_ins_code 
_pdbx_struct_sheet_hbond.range_1_auth_atom_id 
_pdbx_struct_sheet_hbond.range_1_auth_comp_id 
_pdbx_struct_sheet_hbond.range_1_auth_asym_id 
_pdbx_struct_sheet_hbond.range_1_auth_seq_id 
_pdbx_struct_sheet_hbond.range_2_label_atom_id 
_pdbx_struct_sheet_hbond.range_2_label_comp_id 
_pdbx_struct_sheet_hbond.range_2_label_asym_id 
_pdbx_struct_sheet_hbond.range_2_label_seq_id 
_pdbx_struct_sheet_hbond.range_2_PDB_ins_code 
_pdbx_struct_sheet_hbond.range_2_auth_atom_id 
_pdbx_struct_sheet_hbond.range_2_auth_comp_id 
_pdbx_struct_sheet_hbond.range_2_auth_asym_id 
_pdbx_struct_sheet_hbond.range_2_auth_seq_id 
A 1 2 N LEU A 13  ? N LEU A 32  O TRP A 53  ? O TRP A 72  
A 2 3 N PHE A 56  ? N PHE A 75  O ARG A 76  ? O ARG A 95  
A 3 4 N ILE A 75  ? N ILE A 94  O TRP A 117 ? O TRP A 136 
A 4 5 N THR A 118 ? N THR A 137 O ARG A 135 ? O ARG A 154 
A 5 6 N PHE A 132 ? N PHE A 151 O TRP A 172 ? O TRP A 191 
A 6 7 O LYS A 173 ? O LYS A 192 N ILE A 16  ? N ILE A 35  
B 1 2 N HIS A 25  ? N HIS A 44  O THR A 41  ? O THR A 60  
B 2 3 N GLN A 38  ? N GLN A 57  O ALA A 104 ? O ALA A 123 
B 3 4 O SER A 103 ? O SER A 122 N HIS A 87  ? N HIS A 106 
B 4 5 N HIS A 87  ? N HIS A 106 O SER A 103 ? O SER A 122 
B 5 6 N GLN A 100 ? N GLN A 119 O GLY A 162 ? O GLY A 181 
B 6 7 O VAL A 161 ? O VAL A 180 N SER A 144 ? N SER A 163 
B 7 8 N SER A 144 ? N SER A 163 O VAL A 161 ? O VAL A 180 
B 8 9 O ARG A 158 ? O ARG A 177 N ALA A 42  ? N ALA A 61  
# 
_struct_site.id                   AC1 
_struct_site.pdbx_evidence_code   Software 
_struct_site.pdbx_auth_asym_id    A 
_struct_site.pdbx_auth_comp_id    MLI 
_struct_site.pdbx_auth_seq_id     207 
_struct_site.pdbx_auth_ins_code   ? 
_struct_site.pdbx_num_residues    4 
_struct_site.details              'BINDING SITE FOR RESIDUE MLI A 207' 
# 
loop_
_struct_site_gen.id 
_struct_site_gen.site_id 
_struct_site_gen.pdbx_num_res 
_struct_site_gen.label_comp_id 
_struct_site_gen.label_asym_id 
_struct_site_gen.label_seq_id 
_struct_site_gen.pdbx_auth_ins_code 
_struct_site_gen.auth_comp_id 
_struct_site_gen.auth_asym_id 
_struct_site_gen.auth_seq_id 
_struct_site_gen.label_atom_id 
_struct_site_gen.label_alt_id 
_struct_site_gen.symmetry 
_struct_site_gen.details 
1 AC1 4 ILE A 120 ? ILE A 139 . ? 1_555 ? 
2 AC1 4 ASN A 122 ? ASN A 141 . ? 1_555 ? 
3 AC1 4 LYS A 133 ? LYS A 152 . ? 1_555 ? 
4 AC1 4 HOH C .   ? HOH A 315 . ? 1_555 ? 
# 
_pdbx_entry_details.entry_id                   1T9F 
_pdbx_entry_details.compound_details           ? 
_pdbx_entry_details.source_details             ? 
_pdbx_entry_details.nonpolymer_details         ? 
_pdbx_entry_details.sequence_details           ? 
_pdbx_entry_details.has_ligand_of_interest     ? 
_pdbx_entry_details.has_protein_modification   Y 
# 
_pdbx_validate_rmsd_angle.id                         1 
_pdbx_validate_rmsd_angle.PDB_model_num              1 
_pdbx_validate_rmsd_angle.auth_atom_id_1             CA 
_pdbx_validate_rmsd_angle.auth_asym_id_1             A 
_pdbx_validate_rmsd_angle.auth_comp_id_1             CYS 
_pdbx_validate_rmsd_angle.auth_seq_id_1              140 
_pdbx_validate_rmsd_angle.PDB_ins_code_1             ? 
_pdbx_validate_rmsd_angle.label_alt_id_1             ? 
_pdbx_validate_rmsd_angle.auth_atom_id_2             CB 
_pdbx_validate_rmsd_angle.auth_asym_id_2             A 
_pdbx_validate_rmsd_angle.auth_comp_id_2             CYS 
_pdbx_validate_rmsd_angle.auth_seq_id_2              140 
_pdbx_validate_rmsd_angle.PDB_ins_code_2             ? 
_pdbx_validate_rmsd_angle.label_alt_id_2             ? 
_pdbx_validate_rmsd_angle.auth_atom_id_3             SG 
_pdbx_validate_rmsd_angle.auth_asym_id_3             A 
_pdbx_validate_rmsd_angle.auth_comp_id_3             CYS 
_pdbx_validate_rmsd_angle.auth_seq_id_3              140 
_pdbx_validate_rmsd_angle.PDB_ins_code_3             ? 
_pdbx_validate_rmsd_angle.label_alt_id_3             ? 
_pdbx_validate_rmsd_angle.angle_value                123.32 
_pdbx_validate_rmsd_angle.angle_target_value         114.20 
_pdbx_validate_rmsd_angle.angle_deviation            9.12 
_pdbx_validate_rmsd_angle.angle_standard_deviation   1.10 
_pdbx_validate_rmsd_angle.linker_flag                N 
# 
loop_
_pdbx_validate_torsion.id 
_pdbx_validate_torsion.PDB_model_num 
_pdbx_validate_torsion.auth_comp_id 
_pdbx_validate_torsion.auth_asym_id 
_pdbx_validate_torsion.auth_seq_id 
_pdbx_validate_torsion.PDB_ins_code 
_pdbx_validate_torsion.label_alt_id 
_pdbx_validate_torsion.phi 
_pdbx_validate_torsion.psi 
1  1 ASP A 22  ? ? -69.82  9.41    
2  1 ASP A 24  ? ? -97.40  37.90   
3  1 HIS A 46  ? ? -173.87 -177.54 
4  1 ASP A 47  ? ? -85.69  44.79   
5  1 SER A 52  ? ? -159.53 -75.90  
6  1 LYS A 63  ? ? -94.30  60.00   
7  1 SER A 65  ? ? -46.81  164.58  
8  1 ASP A 66  ? ? 26.10   93.67   
9  1 HIS A 108 ? ? -176.80 -173.96 
10 1 SER A 126 ? ? -173.77 -173.95 
11 1 GLU A 144 ? ? 176.20  101.87  
12 1 TRP A 145 ? ? -48.35  109.62  
# 
_pdbx_SG_project.id                    1 
_pdbx_SG_project.project_name          'PSI, Protein Structure Initiative' 
_pdbx_SG_project.full_name_of_center   'Southeast Collaboratory for Structural Genomics' 
_pdbx_SG_project.initial_of_center     SECSG 
# 
loop_
_pdbx_unobs_or_zero_occ_residues.id 
_pdbx_unobs_or_zero_occ_residues.PDB_model_num 
_pdbx_unobs_or_zero_occ_residues.polymer_flag 
_pdbx_unobs_or_zero_occ_residues.occupancy_flag 
_pdbx_unobs_or_zero_occ_residues.auth_asym_id 
_pdbx_unobs_or_zero_occ_residues.auth_comp_id 
_pdbx_unobs_or_zero_occ_residues.auth_seq_id 
_pdbx_unobs_or_zero_occ_residues.PDB_ins_code 
_pdbx_unobs_or_zero_occ_residues.label_asym_id 
_pdbx_unobs_or_zero_occ_residues.label_comp_id 
_pdbx_unobs_or_zero_occ_residues.label_seq_id 
1 1 Y 1 A TYR 198 ? A TYR 179 
2 1 Y 1 A ILE 199 ? A ILE 180 
3 1 Y 1 A LYS 200 ? A LYS 181 
4 1 Y 1 A HIS 201 ? A HIS 182 
5 1 Y 1 A GLN 202 ? A GLN 183 
6 1 Y 1 A GLN 203 ? A GLN 184 
7 1 Y 1 A LYS 204 ? A LYS 185 
8 1 Y 1 A ASP 205 ? A ASP 186 
9 1 Y 1 A LEU 206 ? A LEU 187 
# 
loop_
_chem_comp_atom.comp_id 
_chem_comp_atom.atom_id 
_chem_comp_atom.type_symbol 
_chem_comp_atom.pdbx_aromatic_flag 
_chem_comp_atom.pdbx_stereo_config 
_chem_comp_atom.pdbx_ordinal 
ALA N    N N N 1   
ALA CA   C N S 2   
ALA C    C N N 3   
ALA O    O N N 4   
ALA CB   C N N 5   
ALA OXT  O N N 6   
ALA H    H N N 7   
ALA H2   H N N 8   
ALA HA   H N N 9   
ALA HB1  H N N 10  
ALA HB2  H N N 11  
ALA HB3  H N N 12  
ALA HXT  H N N 13  
ARG N    N N N 14  
ARG CA   C N S 15  
ARG C    C N N 16  
ARG O    O N N 17  
ARG CB   C N N 18  
ARG CG   C N N 19  
ARG CD   C N N 20  
ARG NE   N N N 21  
ARG CZ   C N N 22  
ARG NH1  N N N 23  
ARG NH2  N N N 24  
ARG OXT  O N N 25  
ARG H    H N N 26  
ARG H2   H N N 27  
ARG HA   H N N 28  
ARG HB2  H N N 29  
ARG HB3  H N N 30  
ARG HG2  H N N 31  
ARG HG3  H N N 32  
ARG HD2  H N N 33  
ARG HD3  H N N 34  
ARG HE   H N N 35  
ARG HH11 H N N 36  
ARG HH12 H N N 37  
ARG HH21 H N N 38  
ARG HH22 H N N 39  
ARG HXT  H N N 40  
ASN N    N N N 41  
ASN CA   C N S 42  
ASN C    C N N 43  
ASN O    O N N 44  
ASN CB   C N N 45  
ASN CG   C N N 46  
ASN OD1  O N N 47  
ASN ND2  N N N 48  
ASN OXT  O N N 49  
ASN H    H N N 50  
ASN H2   H N N 51  
ASN HA   H N N 52  
ASN HB2  H N N 53  
ASN HB3  H N N 54  
ASN HD21 H N N 55  
ASN HD22 H N N 56  
ASN HXT  H N N 57  
ASP N    N N N 58  
ASP CA   C N S 59  
ASP C    C N N 60  
ASP O    O N N 61  
ASP CB   C N N 62  
ASP CG   C N N 63  
ASP OD1  O N N 64  
ASP OD2  O N N 65  
ASP OXT  O N N 66  
ASP H    H N N 67  
ASP H2   H N N 68  
ASP HA   H N N 69  
ASP HB2  H N N 70  
ASP HB3  H N N 71  
ASP HD2  H N N 72  
ASP HXT  H N N 73  
CYS N    N N N 74  
CYS CA   C N R 75  
CYS C    C N N 76  
CYS O    O N N 77  
CYS CB   C N N 78  
CYS SG   S N N 79  
CYS OXT  O N N 80  
CYS H    H N N 81  
CYS H2   H N N 82  
CYS HA   H N N 83  
CYS HB2  H N N 84  
CYS HB3  H N N 85  
CYS HG   H N N 86  
CYS HXT  H N N 87  
GLN N    N N N 88  
GLN CA   C N S 89  
GLN C    C N N 90  
GLN O    O N N 91  
GLN CB   C N N 92  
GLN CG   C N N 93  
GLN CD   C N N 94  
GLN OE1  O N N 95  
GLN NE2  N N N 96  
GLN OXT  O N N 97  
GLN H    H N N 98  
GLN H2   H N N 99  
GLN HA   H N N 100 
GLN HB2  H N N 101 
GLN HB3  H N N 102 
GLN HG2  H N N 103 
GLN HG3  H N N 104 
GLN HE21 H N N 105 
GLN HE22 H N N 106 
GLN HXT  H N N 107 
GLU N    N N N 108 
GLU CA   C N S 109 
GLU C    C N N 110 
GLU O    O N N 111 
GLU CB   C N N 112 
GLU CG   C N N 113 
GLU CD   C N N 114 
GLU OE1  O N N 115 
GLU OE2  O N N 116 
GLU OXT  O N N 117 
GLU H    H N N 118 
GLU H2   H N N 119 
GLU HA   H N N 120 
GLU HB2  H N N 121 
GLU HB3  H N N 122 
GLU HG2  H N N 123 
GLU HG3  H N N 124 
GLU HE2  H N N 125 
GLU HXT  H N N 126 
GLY N    N N N 127 
GLY CA   C N N 128 
GLY C    C N N 129 
GLY O    O N N 130 
GLY OXT  O N N 131 
GLY H    H N N 132 
GLY H2   H N N 133 
GLY HA2  H N N 134 
GLY HA3  H N N 135 
GLY HXT  H N N 136 
HIS N    N N N 137 
HIS CA   C N S 138 
HIS C    C N N 139 
HIS O    O N N 140 
HIS CB   C N N 141 
HIS CG   C Y N 142 
HIS ND1  N Y N 143 
HIS CD2  C Y N 144 
HIS CE1  C Y N 145 
HIS NE2  N Y N 146 
HIS OXT  O N N 147 
HIS H    H N N 148 
HIS H2   H N N 149 
HIS HA   H N N 150 
HIS HB2  H N N 151 
HIS HB3  H N N 152 
HIS HD1  H N N 153 
HIS HD2  H N N 154 
HIS HE1  H N N 155 
HIS HE2  H N N 156 
HIS HXT  H N N 157 
HOH O    O N N 158 
HOH H1   H N N 159 
HOH H2   H N N 160 
ILE N    N N N 161 
ILE CA   C N S 162 
ILE C    C N N 163 
ILE O    O N N 164 
ILE CB   C N S 165 
ILE CG1  C N N 166 
ILE CG2  C N N 167 
ILE CD1  C N N 168 
ILE OXT  O N N 169 
ILE H    H N N 170 
ILE H2   H N N 171 
ILE HA   H N N 172 
ILE HB   H N N 173 
ILE HG12 H N N 174 
ILE HG13 H N N 175 
ILE HG21 H N N 176 
ILE HG22 H N N 177 
ILE HG23 H N N 178 
ILE HD11 H N N 179 
ILE HD12 H N N 180 
ILE HD13 H N N 181 
ILE HXT  H N N 182 
LEU N    N N N 183 
LEU CA   C N S 184 
LEU C    C N N 185 
LEU O    O N N 186 
LEU CB   C N N 187 
LEU CG   C N N 188 
LEU CD1  C N N 189 
LEU CD2  C N N 190 
LEU OXT  O N N 191 
LEU H    H N N 192 
LEU H2   H N N 193 
LEU HA   H N N 194 
LEU HB2  H N N 195 
LEU HB3  H N N 196 
LEU HG   H N N 197 
LEU HD11 H N N 198 
LEU HD12 H N N 199 
LEU HD13 H N N 200 
LEU HD21 H N N 201 
LEU HD22 H N N 202 
LEU HD23 H N N 203 
LEU HXT  H N N 204 
LYS N    N N N 205 
LYS CA   C N S 206 
LYS C    C N N 207 
LYS O    O N N 208 
LYS CB   C N N 209 
LYS CG   C N N 210 
LYS CD   C N N 211 
LYS CE   C N N 212 
LYS NZ   N N N 213 
LYS OXT  O N N 214 
LYS H    H N N 215 
LYS H2   H N N 216 
LYS HA   H N N 217 
LYS HB2  H N N 218 
LYS HB3  H N N 219 
LYS HG2  H N N 220 
LYS HG3  H N N 221 
LYS HD2  H N N 222 
LYS HD3  H N N 223 
LYS HE2  H N N 224 
LYS HE3  H N N 225 
LYS HZ1  H N N 226 
LYS HZ2  H N N 227 
LYS HZ3  H N N 228 
LYS HXT  H N N 229 
MLI C1   C N N 230 
MLI C2   C N N 231 
MLI C3   C N N 232 
MLI O6   O N N 233 
MLI O7   O N N 234 
MLI O8   O N N 235 
MLI O9   O N N 236 
MLI H11  H N N 237 
MLI H12  H N N 238 
PHE N    N N N 239 
PHE CA   C N S 240 
PHE C    C N N 241 
PHE O    O N N 242 
PHE CB   C N N 243 
PHE CG   C Y N 244 
PHE CD1  C Y N 245 
PHE CD2  C Y N 246 
PHE CE1  C Y N 247 
PHE CE2  C Y N 248 
PHE CZ   C Y N 249 
PHE OXT  O N N 250 
PHE H    H N N 251 
PHE H2   H N N 252 
PHE HA   H N N 253 
PHE HB2  H N N 254 
PHE HB3  H N N 255 
PHE HD1  H N N 256 
PHE HD2  H N N 257 
PHE HE1  H N N 258 
PHE HE2  H N N 259 
PHE HZ   H N N 260 
PHE HXT  H N N 261 
PRO N    N N N 262 
PRO CA   C N S 263 
PRO C    C N N 264 
PRO O    O N N 265 
PRO CB   C N N 266 
PRO CG   C N N 267 
PRO CD   C N N 268 
PRO OXT  O N N 269 
PRO H    H N N 270 
PRO HA   H N N 271 
PRO HB2  H N N 272 
PRO HB3  H N N 273 
PRO HG2  H N N 274 
PRO HG3  H N N 275 
PRO HD2  H N N 276 
PRO HD3  H N N 277 
PRO HXT  H N N 278 
SER N    N N N 279 
SER CA   C N S 280 
SER C    C N N 281 
SER O    O N N 282 
SER CB   C N N 283 
SER OG   O N N 284 
SER OXT  O N N 285 
SER H    H N N 286 
SER H2   H N N 287 
SER HA   H N N 288 
SER HB2  H N N 289 
SER HB3  H N N 290 
SER HG   H N N 291 
SER HXT  H N N 292 
THR N    N N N 293 
THR CA   C N S 294 
THR C    C N N 295 
THR O    O N N 296 
THR CB   C N R 297 
THR OG1  O N N 298 
THR CG2  C N N 299 
THR OXT  O N N 300 
THR H    H N N 301 
THR H2   H N N 302 
THR HA   H N N 303 
THR HB   H N N 304 
THR HG1  H N N 305 
THR HG21 H N N 306 
THR HG22 H N N 307 
THR HG23 H N N 308 
THR HXT  H N N 309 
TRP N    N N N 310 
TRP CA   C N S 311 
TRP C    C N N 312 
TRP O    O N N 313 
TRP CB   C N N 314 
TRP CG   C Y N 315 
TRP CD1  C Y N 316 
TRP CD2  C Y N 317 
TRP NE1  N Y N 318 
TRP CE2  C Y N 319 
TRP CE3  C Y N 320 
TRP CZ2  C Y N 321 
TRP CZ3  C Y N 322 
TRP CH2  C Y N 323 
TRP OXT  O N N 324 
TRP H    H N N 325 
TRP H2   H N N 326 
TRP HA   H N N 327 
TRP HB2  H N N 328 
TRP HB3  H N N 329 
TRP HD1  H N N 330 
TRP HE1  H N N 331 
TRP HE3  H N N 332 
TRP HZ2  H N N 333 
TRP HZ3  H N N 334 
TRP HH2  H N N 335 
TRP HXT  H N N 336 
TYR N    N N N 337 
TYR CA   C N S 338 
TYR C    C N N 339 
TYR O    O N N 340 
TYR CB   C N N 341 
TYR CG   C Y N 342 
TYR CD1  C Y N 343 
TYR CD2  C Y N 344 
TYR CE1  C Y N 345 
TYR CE2  C Y N 346 
TYR CZ   C Y N 347 
TYR OH   O N N 348 
TYR OXT  O N N 349 
TYR H    H N N 350 
TYR H2   H N N 351 
TYR HA   H N N 352 
TYR HB2  H N N 353 
TYR HB3  H N N 354 
TYR HD1  H N N 355 
TYR HD2  H N N 356 
TYR HE1  H N N 357 
TYR HE2  H N N 358 
TYR HH   H N N 359 
TYR HXT  H N N 360 
VAL N    N N N 361 
VAL CA   C N S 362 
VAL C    C N N 363 
VAL O    O N N 364 
VAL CB   C N N 365 
VAL CG1  C N N 366 
VAL CG2  C N N 367 
VAL OXT  O N N 368 
VAL H    H N N 369 
VAL H2   H N N 370 
VAL HA   H N N 371 
VAL HB   H N N 372 
VAL HG11 H N N 373 
VAL HG12 H N N 374 
VAL HG13 H N N 375 
VAL HG21 H N N 376 
VAL HG22 H N N 377 
VAL HG23 H N N 378 
VAL HXT  H N N 379 
# 
loop_
_chem_comp_bond.comp_id 
_chem_comp_bond.atom_id_1 
_chem_comp_bond.atom_id_2 
_chem_comp_bond.value_order 
_chem_comp_bond.pdbx_aromatic_flag 
_chem_comp_bond.pdbx_stereo_config 
_chem_comp_bond.pdbx_ordinal 
ALA N   CA   sing N N 1   
ALA N   H    sing N N 2   
ALA N   H2   sing N N 3   
ALA CA  C    sing N N 4   
ALA CA  CB   sing N N 5   
ALA CA  HA   sing N N 6   
ALA C   O    doub N N 7   
ALA C   OXT  sing N N 8   
ALA CB  HB1  sing N N 9   
ALA CB  HB2  sing N N 10  
ALA CB  HB3  sing N N 11  
ALA OXT HXT  sing N N 12  
ARG N   CA   sing N N 13  
ARG N   H    sing N N 14  
ARG N   H2   sing N N 15  
ARG CA  C    sing N N 16  
ARG CA  CB   sing N N 17  
ARG CA  HA   sing N N 18  
ARG C   O    doub N N 19  
ARG C   OXT  sing N N 20  
ARG CB  CG   sing N N 21  
ARG CB  HB2  sing N N 22  
ARG CB  HB3  sing N N 23  
ARG CG  CD   sing N N 24  
ARG CG  HG2  sing N N 25  
ARG CG  HG3  sing N N 26  
ARG CD  NE   sing N N 27  
ARG CD  HD2  sing N N 28  
ARG CD  HD3  sing N N 29  
ARG NE  CZ   sing N N 30  
ARG NE  HE   sing N N 31  
ARG CZ  NH1  sing N N 32  
ARG CZ  NH2  doub N N 33  
ARG NH1 HH11 sing N N 34  
ARG NH1 HH12 sing N N 35  
ARG NH2 HH21 sing N N 36  
ARG NH2 HH22 sing N N 37  
ARG OXT HXT  sing N N 38  
ASN N   CA   sing N N 39  
ASN N   H    sing N N 40  
ASN N   H2   sing N N 41  
ASN CA  C    sing N N 42  
ASN CA  CB   sing N N 43  
ASN CA  HA   sing N N 44  
ASN C   O    doub N N 45  
ASN C   OXT  sing N N 46  
ASN CB  CG   sing N N 47  
ASN CB  HB2  sing N N 48  
ASN CB  HB3  sing N N 49  
ASN CG  OD1  doub N N 50  
ASN CG  ND2  sing N N 51  
ASN ND2 HD21 sing N N 52  
ASN ND2 HD22 sing N N 53  
ASN OXT HXT  sing N N 54  
ASP N   CA   sing N N 55  
ASP N   H    sing N N 56  
ASP N   H2   sing N N 57  
ASP CA  C    sing N N 58  
ASP CA  CB   sing N N 59  
ASP CA  HA   sing N N 60  
ASP C   O    doub N N 61  
ASP C   OXT  sing N N 62  
ASP CB  CG   sing N N 63  
ASP CB  HB2  sing N N 64  
ASP CB  HB3  sing N N 65  
ASP CG  OD1  doub N N 66  
ASP CG  OD2  sing N N 67  
ASP OD2 HD2  sing N N 68  
ASP OXT HXT  sing N N 69  
CYS N   CA   sing N N 70  
CYS N   H    sing N N 71  
CYS N   H2   sing N N 72  
CYS CA  C    sing N N 73  
CYS CA  CB   sing N N 74  
CYS CA  HA   sing N N 75  
CYS C   O    doub N N 76  
CYS C   OXT  sing N N 77  
CYS CB  SG   sing N N 78  
CYS CB  HB2  sing N N 79  
CYS CB  HB3  sing N N 80  
CYS SG  HG   sing N N 81  
CYS OXT HXT  sing N N 82  
GLN N   CA   sing N N 83  
GLN N   H    sing N N 84  
GLN N   H2   sing N N 85  
GLN CA  C    sing N N 86  
GLN CA  CB   sing N N 87  
GLN CA  HA   sing N N 88  
GLN C   O    doub N N 89  
GLN C   OXT  sing N N 90  
GLN CB  CG   sing N N 91  
GLN CB  HB2  sing N N 92  
GLN CB  HB3  sing N N 93  
GLN CG  CD   sing N N 94  
GLN CG  HG2  sing N N 95  
GLN CG  HG3  sing N N 96  
GLN CD  OE1  doub N N 97  
GLN CD  NE2  sing N N 98  
GLN NE2 HE21 sing N N 99  
GLN NE2 HE22 sing N N 100 
GLN OXT HXT  sing N N 101 
GLU N   CA   sing N N 102 
GLU N   H    sing N N 103 
GLU N   H2   sing N N 104 
GLU CA  C    sing N N 105 
GLU CA  CB   sing N N 106 
GLU CA  HA   sing N N 107 
GLU C   O    doub N N 108 
GLU C   OXT  sing N N 109 
GLU CB  CG   sing N N 110 
GLU CB  HB2  sing N N 111 
GLU CB  HB3  sing N N 112 
GLU CG  CD   sing N N 113 
GLU CG  HG2  sing N N 114 
GLU CG  HG3  sing N N 115 
GLU CD  OE1  doub N N 116 
GLU CD  OE2  sing N N 117 
GLU OE2 HE2  sing N N 118 
GLU OXT HXT  sing N N 119 
GLY N   CA   sing N N 120 
GLY N   H    sing N N 121 
GLY N   H2   sing N N 122 
GLY CA  C    sing N N 123 
GLY CA  HA2  sing N N 124 
GLY CA  HA3  sing N N 125 
GLY C   O    doub N N 126 
GLY C   OXT  sing N N 127 
GLY OXT HXT  sing N N 128 
HIS N   CA   sing N N 129 
HIS N   H    sing N N 130 
HIS N   H2   sing N N 131 
HIS CA  C    sing N N 132 
HIS CA  CB   sing N N 133 
HIS CA  HA   sing N N 134 
HIS C   O    doub N N 135 
HIS C   OXT  sing N N 136 
HIS CB  CG   sing N N 137 
HIS CB  HB2  sing N N 138 
HIS CB  HB3  sing N N 139 
HIS CG  ND1  sing Y N 140 
HIS CG  CD2  doub Y N 141 
HIS ND1 CE1  doub Y N 142 
HIS ND1 HD1  sing N N 143 
HIS CD2 NE2  sing Y N 144 
HIS CD2 HD2  sing N N 145 
HIS CE1 NE2  sing Y N 146 
HIS CE1 HE1  sing N N 147 
HIS NE2 HE2  sing N N 148 
HIS OXT HXT  sing N N 149 
HOH O   H1   sing N N 150 
HOH O   H2   sing N N 151 
ILE N   CA   sing N N 152 
ILE N   H    sing N N 153 
ILE N   H2   sing N N 154 
ILE CA  C    sing N N 155 
ILE CA  CB   sing N N 156 
ILE CA  HA   sing N N 157 
ILE C   O    doub N N 158 
ILE C   OXT  sing N N 159 
ILE CB  CG1  sing N N 160 
ILE CB  CG2  sing N N 161 
ILE CB  HB   sing N N 162 
ILE CG1 CD1  sing N N 163 
ILE CG1 HG12 sing N N 164 
ILE CG1 HG13 sing N N 165 
ILE CG2 HG21 sing N N 166 
ILE CG2 HG22 sing N N 167 
ILE CG2 HG23 sing N N 168 
ILE CD1 HD11 sing N N 169 
ILE CD1 HD12 sing N N 170 
ILE CD1 HD13 sing N N 171 
ILE OXT HXT  sing N N 172 
LEU N   CA   sing N N 173 
LEU N   H    sing N N 174 
LEU N   H2   sing N N 175 
LEU CA  C    sing N N 176 
LEU CA  CB   sing N N 177 
LEU CA  HA   sing N N 178 
LEU C   O    doub N N 179 
LEU C   OXT  sing N N 180 
LEU CB  CG   sing N N 181 
LEU CB  HB2  sing N N 182 
LEU CB  HB3  sing N N 183 
LEU CG  CD1  sing N N 184 
LEU CG  CD2  sing N N 185 
LEU CG  HG   sing N N 186 
LEU CD1 HD11 sing N N 187 
LEU CD1 HD12 sing N N 188 
LEU CD1 HD13 sing N N 189 
LEU CD2 HD21 sing N N 190 
LEU CD2 HD22 sing N N 191 
LEU CD2 HD23 sing N N 192 
LEU OXT HXT  sing N N 193 
LYS N   CA   sing N N 194 
LYS N   H    sing N N 195 
LYS N   H2   sing N N 196 
LYS CA  C    sing N N 197 
LYS CA  CB   sing N N 198 
LYS CA  HA   sing N N 199 
LYS C   O    doub N N 200 
LYS C   OXT  sing N N 201 
LYS CB  CG   sing N N 202 
LYS CB  HB2  sing N N 203 
LYS CB  HB3  sing N N 204 
LYS CG  CD   sing N N 205 
LYS CG  HG2  sing N N 206 
LYS CG  HG3  sing N N 207 
LYS CD  CE   sing N N 208 
LYS CD  HD2  sing N N 209 
LYS CD  HD3  sing N N 210 
LYS CE  NZ   sing N N 211 
LYS CE  HE2  sing N N 212 
LYS CE  HE3  sing N N 213 
LYS NZ  HZ1  sing N N 214 
LYS NZ  HZ2  sing N N 215 
LYS NZ  HZ3  sing N N 216 
LYS OXT HXT  sing N N 217 
MLI C1  C2   sing N N 218 
MLI C1  C3   sing N N 219 
MLI C1  H11  sing N N 220 
MLI C1  H12  sing N N 221 
MLI C2  O6   doub N N 222 
MLI C2  O7   sing N N 223 
MLI C3  O8   doub N N 224 
MLI C3  O9   sing N N 225 
PHE N   CA   sing N N 226 
PHE N   H    sing N N 227 
PHE N   H2   sing N N 228 
PHE CA  C    sing N N 229 
PHE CA  CB   sing N N 230 
PHE CA  HA   sing N N 231 
PHE C   O    doub N N 232 
PHE C   OXT  sing N N 233 
PHE CB  CG   sing N N 234 
PHE CB  HB2  sing N N 235 
PHE CB  HB3  sing N N 236 
PHE CG  CD1  doub Y N 237 
PHE CG  CD2  sing Y N 238 
PHE CD1 CE1  sing Y N 239 
PHE CD1 HD1  sing N N 240 
PHE CD2 CE2  doub Y N 241 
PHE CD2 HD2  sing N N 242 
PHE CE1 CZ   doub Y N 243 
PHE CE1 HE1  sing N N 244 
PHE CE2 CZ   sing Y N 245 
PHE CE2 HE2  sing N N 246 
PHE CZ  HZ   sing N N 247 
PHE OXT HXT  sing N N 248 
PRO N   CA   sing N N 249 
PRO N   CD   sing N N 250 
PRO N   H    sing N N 251 
PRO CA  C    sing N N 252 
PRO CA  CB   sing N N 253 
PRO CA  HA   sing N N 254 
PRO C   O    doub N N 255 
PRO C   OXT  sing N N 256 
PRO CB  CG   sing N N 257 
PRO CB  HB2  sing N N 258 
PRO CB  HB3  sing N N 259 
PRO CG  CD   sing N N 260 
PRO CG  HG2  sing N N 261 
PRO CG  HG3  sing N N 262 
PRO CD  HD2  sing N N 263 
PRO CD  HD3  sing N N 264 
PRO OXT HXT  sing N N 265 
SER N   CA   sing N N 266 
SER N   H    sing N N 267 
SER N   H2   sing N N 268 
SER CA  C    sing N N 269 
SER CA  CB   sing N N 270 
SER CA  HA   sing N N 271 
SER C   O    doub N N 272 
SER C   OXT  sing N N 273 
SER CB  OG   sing N N 274 
SER CB  HB2  sing N N 275 
SER CB  HB3  sing N N 276 
SER OG  HG   sing N N 277 
SER OXT HXT  sing N N 278 
THR N   CA   sing N N 279 
THR N   H    sing N N 280 
THR N   H2   sing N N 281 
THR CA  C    sing N N 282 
THR CA  CB   sing N N 283 
THR CA  HA   sing N N 284 
THR C   O    doub N N 285 
THR C   OXT  sing N N 286 
THR CB  OG1  sing N N 287 
THR CB  CG2  sing N N 288 
THR CB  HB   sing N N 289 
THR OG1 HG1  sing N N 290 
THR CG2 HG21 sing N N 291 
THR CG2 HG22 sing N N 292 
THR CG2 HG23 sing N N 293 
THR OXT HXT  sing N N 294 
TRP N   CA   sing N N 295 
TRP N   H    sing N N 296 
TRP N   H2   sing N N 297 
TRP CA  C    sing N N 298 
TRP CA  CB   sing N N 299 
TRP CA  HA   sing N N 300 
TRP C   O    doub N N 301 
TRP C   OXT  sing N N 302 
TRP CB  CG   sing N N 303 
TRP CB  HB2  sing N N 304 
TRP CB  HB3  sing N N 305 
TRP CG  CD1  doub Y N 306 
TRP CG  CD2  sing Y N 307 
TRP CD1 NE1  sing Y N 308 
TRP CD1 HD1  sing N N 309 
TRP CD2 CE2  doub Y N 310 
TRP CD2 CE3  sing Y N 311 
TRP NE1 CE2  sing Y N 312 
TRP NE1 HE1  sing N N 313 
TRP CE2 CZ2  sing Y N 314 
TRP CE3 CZ3  doub Y N 315 
TRP CE3 HE3  sing N N 316 
TRP CZ2 CH2  doub Y N 317 
TRP CZ2 HZ2  sing N N 318 
TRP CZ3 CH2  sing Y N 319 
TRP CZ3 HZ3  sing N N 320 
TRP CH2 HH2  sing N N 321 
TRP OXT HXT  sing N N 322 
TYR N   CA   sing N N 323 
TYR N   H    sing N N 324 
TYR N   H2   sing N N 325 
TYR CA  C    sing N N 326 
TYR CA  CB   sing N N 327 
TYR CA  HA   sing N N 328 
TYR C   O    doub N N 329 
TYR C   OXT  sing N N 330 
TYR CB  CG   sing N N 331 
TYR CB  HB2  sing N N 332 
TYR CB  HB3  sing N N 333 
TYR CG  CD1  doub Y N 334 
TYR CG  CD2  sing Y N 335 
TYR CD1 CE1  sing Y N 336 
TYR CD1 HD1  sing N N 337 
TYR CD2 CE2  doub Y N 338 
TYR CD2 HD2  sing N N 339 
TYR CE1 CZ   doub Y N 340 
TYR CE1 HE1  sing N N 341 
TYR CE2 CZ   sing Y N 342 
TYR CE2 HE2  sing N N 343 
TYR CZ  OH   sing N N 344 
TYR OH  HH   sing N N 345 
TYR OXT HXT  sing N N 346 
VAL N   CA   sing N N 347 
VAL N   H    sing N N 348 
VAL N   H2   sing N N 349 
VAL CA  C    sing N N 350 
VAL CA  CB   sing N N 351 
VAL CA  HA   sing N N 352 
VAL C   O    doub N N 353 
VAL C   OXT  sing N N 354 
VAL CB  CG1  sing N N 355 
VAL CB  CG2  sing N N 356 
VAL CB  HB   sing N N 357 
VAL CG1 HG11 sing N N 358 
VAL CG1 HG12 sing N N 359 
VAL CG1 HG13 sing N N 360 
VAL CG2 HG21 sing N N 361 
VAL CG2 HG22 sing N N 362 
VAL CG2 HG23 sing N N 363 
VAL OXT HXT  sing N N 364 
# 
_pdbx_initial_refinement_model.accession_code   ? 
_pdbx_initial_refinement_model.id               1 
_pdbx_initial_refinement_model.entity_id_list   ? 
_pdbx_initial_refinement_model.type             'experimental model' 
_pdbx_initial_refinement_model.source_name      Other 
_pdbx_initial_refinement_model.details          'from SAD map, based on Gd-derivative' 
# 
_atom_sites.entry_id                    1T9F 
_atom_sites.fract_transf_matrix[1][1]   0.00889552 
_atom_sites.fract_transf_matrix[1][2]   -0.00000174 
_atom_sites.fract_transf_matrix[1][3]   0.01222435 
_atom_sites.fract_transf_matrix[2][1]   0.01257838 
_atom_sites.fract_transf_matrix[2][2]   0.00838629 
_atom_sites.fract_transf_matrix[2][3]   0.00019697 
_atom_sites.fract_transf_matrix[3][1]   -0.00902418 
_atom_sites.fract_transf_matrix[3][2]   0.01338085 
_atom_sites.fract_transf_matrix[3][3]   0.00656869 
_atom_sites.fract_transf_vector[1]      0.256352 
_atom_sites.fract_transf_vector[2]      0.415930 
_atom_sites.fract_transf_vector[3]      -0.005844 
# 
loop_
_atom_type.symbol 
C 
N 
O 
S 
# 
loop_
_atom_site.group_PDB 
_atom_site.id 
_atom_site.type_symbol 
_atom_site.label_atom_id 
_atom_site.label_alt_id 
_atom_site.label_comp_id 
_atom_site.label_asym_id 
_atom_site.label_entity_id 
_atom_site.label_seq_id 
_atom_site.pdbx_PDB_ins_code 
_atom_site.Cartn_x 
_atom_site.Cartn_y 
_atom_site.Cartn_z 
_atom_site.occupancy 
_atom_site.B_iso_or_equiv 
_atom_site.pdbx_formal_charge 
_atom_site.auth_seq_id 
_atom_site.auth_comp_id 
_atom_site.auth_asym_id 
_atom_site.auth_atom_id 
_atom_site.pdbx_PDB_model_num 
ATOM   1    N N   . GLY A 1 1   ? 21.561  -10.057 -7.406  1.00 70.16 ? -1  GLY A N   1 
ATOM   2    C CA  . GLY A 1 1   ? 20.097  -10.202 -7.163  1.00 69.23 ? -1  GLY A CA  1 
ATOM   3    C C   . GLY A 1 1   ? 19.675  -11.655 -7.067  1.00 71.79 ? -1  GLY A C   1 
ATOM   4    O O   . GLY A 1 1   ? 18.934  -12.159 -7.915  1.00 73.68 ? -1  GLY A O   1 
ATOM   5    N N   . SER A 1 2   ? 20.153  -12.337 -6.031  1.00 68.23 ? 0   SER A N   1 
ATOM   6    C CA  . SER A 1 2   ? 19.819  -13.739 -5.826  1.00 64.14 ? 0   SER A CA  1 
ATOM   7    C C   . SER A 1 2   ? 18.350  -13.998 -6.151  1.00 67.09 ? 0   SER A C   1 
ATOM   8    O O   . SER A 1 2   ? 17.463  -13.259 -5.714  1.00 67.64 ? 0   SER A O   1 
ATOM   9    C CB  . SER A 1 2   ? 20.116  -14.137 -4.381  1.00 50.31 ? 0   SER A CB  1 
ATOM   10   O OG  . SER A 1 2   ? 19.673  -15.466 -4.124  1.00 50.92 ? 0   SER A OG  1 
ATOM   11   N N   . ASP A 1 3   ? 18.100  -15.051 -6.921  1.00 68.26 ? 22  ASP A N   1 
ATOM   12   C CA  . ASP A 1 3   ? 16.744  -15.406 -7.334  1.00 66.93 ? 22  ASP A CA  1 
ATOM   13   C C   . ASP A 1 3   ? 15.905  -15.923 -6.170  1.00 63.29 ? 22  ASP A C   1 
ATOM   14   O O   . ASP A 1 3   ? 14.800  -16.424 -6.374  1.00 63.81 ? 22  ASP A O   1 
ATOM   15   C CB  . ASP A 1 3   ? 16.797  -16.470 -8.437  1.00 71.28 ? 22  ASP A CB  1 
ATOM   16   C CG  . ASP A 1 3   ? 17.930  -16.234 -9.422  1.00 75.97 ? 22  ASP A CG  1 
ATOM   17   O OD1 . ASP A 1 3   ? 18.055  -15.097 -9.928  1.00 80.52 ? 22  ASP A OD1 1 
ATOM   18   O OD2 . ASP A 1 3   ? 18.694  -17.188 -9.694  1.00 70.14 ? 22  ASP A OD2 1 
ATOM   19   N N   . GLU A 1 4   ? 16.429  -15.799 -4.955  1.00 59.67 ? 23  GLU A N   1 
ATOM   20   C CA  . GLU A 1 4   ? 15.717  -16.268 -3.774  1.00 59.63 ? 23  GLU A CA  1 
ATOM   21   C C   . GLU A 1 4   ? 15.648  -15.188 -2.694  1.00 56.26 ? 23  GLU A C   1 
ATOM   22   O O   . GLU A 1 4   ? 15.573  -15.485 -1.503  1.00 53.06 ? 23  GLU A O   1 
ATOM   23   C CB  . GLU A 1 4   ? 16.387  -17.541 -3.232  1.00 65.14 ? 23  GLU A CB  1 
ATOM   24   C CG  . GLU A 1 4   ? 15.603  -18.248 -2.132  1.00 73.21 ? 23  GLU A CG  1 
ATOM   25   C CD  . GLU A 1 4   ? 16.052  -19.683 -1.910  1.00 82.25 ? 23  GLU A CD  1 
ATOM   26   O OE1 . GLU A 1 4   ? 15.512  -20.341 -0.993  1.00 86.14 ? 23  GLU A OE1 1 
ATOM   27   O OE2 . GLU A 1 4   ? 16.938  -20.158 -2.653  1.00 85.38 ? 23  GLU A OE2 1 
ATOM   28   N N   . ASP A 1 5   ? 15.674  -13.930 -3.123  1.00 55.49 ? 24  ASP A N   1 
ATOM   29   C CA  . ASP A 1 5   ? 15.583  -12.802 -2.201  1.00 55.29 ? 24  ASP A CA  1 
ATOM   30   C C   . ASP A 1 5   ? 14.124  -12.351 -2.190  1.00 51.70 ? 24  ASP A C   1 
ATOM   31   O O   . ASP A 1 5   ? 13.824  -11.157 -2.123  1.00 53.18 ? 24  ASP A O   1 
ATOM   32   C CB  . ASP A 1 5   ? 16.488  -11.650 -2.665  1.00 53.20 ? 24  ASP A CB  1 
ATOM   33   C CG  . ASP A 1 5   ? 16.029  -11.021 -3.979  1.00 63.37 ? 24  ASP A CG  1 
ATOM   34   O OD1 . ASP A 1 5   ? 16.701  -10.077 -4.450  1.00 67.71 ? 24  ASP A OD1 1 
ATOM   35   O OD2 . ASP A 1 5   ? 15.004  -11.463 -4.543  1.00 66.79 ? 24  ASP A OD2 1 
ATOM   36   N N   . PHE A 1 6   ? 13.220  -13.322 -2.254  1.00 46.37 ? 25  PHE A N   1 
ATOM   37   C CA  . PHE A 1 6   ? 11.791  -13.045 -2.289  1.00 43.02 ? 25  PHE A CA  1 
ATOM   38   C C   . PHE A 1 6   ? 11.189  -12.448 -1.026  1.00 37.35 ? 25  PHE A C   1 
ATOM   39   O O   . PHE A 1 6   ? 11.712  -12.605 0.073   1.00 34.94 ? 25  PHE A O   1 
ATOM   40   C CB  . PHE A 1 6   ? 11.019  -14.313 -2.669  1.00 48.23 ? 25  PHE A CB  1 
ATOM   41   C CG  . PHE A 1 6   ? 11.448  -15.536 -1.915  1.00 50.75 ? 25  PHE A CG  1 
ATOM   42   C CD1 . PHE A 1 6   ? 11.293  -15.614 -0.536  1.00 54.74 ? 25  PHE A CD1 1 
ATOM   43   C CD2 . PHE A 1 6   ? 12.005  -16.617 -2.587  1.00 55.97 ? 25  PHE A CD2 1 
ATOM   44   C CE1 . PHE A 1 6   ? 11.689  -16.758 0.166   1.00 64.32 ? 25  PHE A CE1 1 
ATOM   45   C CE2 . PHE A 1 6   ? 12.403  -17.762 -1.897  1.00 60.96 ? 25  PHE A CE2 1 
ATOM   46   C CZ  . PHE A 1 6   ? 12.244  -17.831 -0.517  1.00 60.70 ? 25  PHE A CZ  1 
ATOM   47   N N   . VAL A 1 7   ? 10.073  -11.751 -1.215  1.00 35.80 ? 26  VAL A N   1 
ATOM   48   C CA  . VAL A 1 7   ? 9.343   -11.119 -0.127  1.00 27.22 ? 26  VAL A CA  1 
ATOM   49   C C   . VAL A 1 7   ? 8.531   -12.219 0.536   1.00 30.24 ? 26  VAL A C   1 
ATOM   50   O O   . VAL A 1 7   ? 7.897   -13.022 -0.149  1.00 28.59 ? 26  VAL A O   1 
ATOM   51   C CB  . VAL A 1 7   ? 8.396   -10.035 -0.672  1.00 29.39 ? 26  VAL A CB  1 
ATOM   52   C CG1 . VAL A 1 7   ? 7.665   -9.368  0.468   1.00 24.16 ? 26  VAL A CG1 1 
ATOM   53   C CG2 . VAL A 1 7   ? 9.189   -9.014  -1.476  1.00 28.87 ? 26  VAL A CG2 1 
ATOM   54   N N   . THR A 1 8   ? 8.540   -12.250 1.864   1.00 28.75 ? 27  THR A N   1 
ATOM   55   C CA  . THR A 1 8   ? 7.841   -13.297 2.598   1.00 27.43 ? 27  THR A CA  1 
ATOM   56   C C   . THR A 1 8   ? 6.633   -12.848 3.410   1.00 24.58 ? 27  THR A C   1 
ATOM   57   O O   . THR A 1 8   ? 6.508   -11.683 3.792   1.00 18.26 ? 27  THR A O   1 
ATOM   58   C CB  . THR A 1 8   ? 8.816   -14.028 3.536   1.00 29.95 ? 27  THR A CB  1 
ATOM   59   O OG1 . THR A 1 8   ? 9.273   -13.122 4.547   1.00 34.53 ? 27  THR A OG1 1 
ATOM   60   C CG2 . THR A 1 8   ? 10.020  -14.542 2.750   1.00 30.45 ? 27  THR A CG2 1 
ATOM   61   N N   . CYS A 1 9   ? 5.753   -13.798 3.688   1.00 18.60 ? 28  CYS A N   1 
ATOM   62   C CA  . CYS A 1 9   ? 4.543   -13.517 4.437   1.00 21.71 ? 28  CYS A CA  1 
ATOM   63   C C   . CYS A 1 9   ? 4.870   -13.104 5.872   1.00 18.57 ? 28  CYS A C   1 
ATOM   64   O O   . CYS A 1 9   ? 5.707   -13.717 6.524   1.00 23.94 ? 28  CYS A O   1 
ATOM   65   C CB  . CYS A 1 9   ? 3.646   -14.748 4.416   1.00 25.22 ? 28  CYS A CB  1 
ATOM   66   S SG  . CYS A 1 9   ? 1.879   -14.345 4.393   1.00 34.40 ? 28  CYS A SG  1 
ATOM   67   N N   . TYR A 1 10  ? 4.201   -12.056 6.339   1.00 18.10 ? 29  TYR A N   1 
ATOM   68   C CA  . TYR A 1 10  ? 4.393   -11.482 7.671   1.00 22.23 ? 29  TYR A CA  1 
ATOM   69   C C   . TYR A 1 10  ? 5.693   -10.700 7.815   1.00 23.58 ? 29  TYR A C   1 
ATOM   70   O O   . TYR A 1 10  ? 6.062   -10.294 8.917   1.00 22.74 ? 29  TYR A O   1 
ATOM   71   C CB  . TYR A 1 10  ? 4.300   -12.556 8.761   1.00 24.02 ? 29  TYR A CB  1 
ATOM   72   C CG  . TYR A 1 10  ? 2.904   -13.107 8.905   1.00 19.27 ? 29  TYR A CG  1 
ATOM   73   C CD1 . TYR A 1 10  ? 1.824   -12.258 9.144   1.00 19.92 ? 29  TYR A CD1 1 
ATOM   74   C CD2 . TYR A 1 10  ? 2.654   -14.467 8.762   1.00 21.97 ? 29  TYR A CD2 1 
ATOM   75   C CE1 . TYR A 1 10  ? 0.528   -12.753 9.232   1.00 29.97 ? 29  TYR A CE1 1 
ATOM   76   C CE2 . TYR A 1 10  ? 1.368   -14.972 8.848   1.00 27.20 ? 29  TYR A CE2 1 
ATOM   77   C CZ  . TYR A 1 10  ? 0.309   -14.114 9.083   1.00 27.70 ? 29  TYR A CZ  1 
ATOM   78   O OH  . TYR A 1 10  ? -0.963  -14.624 9.165   1.00 36.46 ? 29  TYR A OH  1 
ATOM   79   N N   . SER A 1 11  ? 6.398   -10.494 6.710   1.00 23.89 ? 30  SER A N   1 
ATOM   80   C CA  . SER A 1 11  ? 7.622   -9.710  6.779   1.00 20.88 ? 30  SER A CA  1 
ATOM   81   C C   . SER A 1 11  ? 7.162   -8.262  6.968   1.00 26.23 ? 30  SER A C   1 
ATOM   82   O O   . SER A 1 11  ? 6.022   -7.924  6.646   1.00 20.15 ? 30  SER A O   1 
ATOM   83   C CB  . SER A 1 11  ? 8.428   -9.859  5.484   1.00 32.39 ? 30  SER A CB  1 
ATOM   84   O OG  . SER A 1 11  ? 7.657   -9.487  4.357   1.00 34.78 ? 30  SER A OG  1 
ATOM   85   N N   . VAL A 1 12  ? 8.030   -7.417  7.515   1.00 20.82 ? 31  VAL A N   1 
ATOM   86   C CA  . VAL A 1 12  ? 7.701   -6.012  7.735   1.00 20.03 ? 31  VAL A CA  1 
ATOM   87   C C   . VAL A 1 12  ? 8.658   -5.198  6.891   1.00 22.76 ? 31  VAL A C   1 
ATOM   88   O O   . VAL A 1 12  ? 9.871   -5.389  6.975   1.00 19.69 ? 31  VAL A O   1 
ATOM   89   C CB  . VAL A 1 12  ? 7.894   -5.593  9.206   1.00 18.30 ? 31  VAL A CB  1 
ATOM   90   C CG1 . VAL A 1 12  ? 7.635   -4.108  9.356   1.00 16.03 ? 31  VAL A CG1 1 
ATOM   91   C CG2 . VAL A 1 12  ? 6.953   -6.369  10.096  1.00 17.26 ? 31  VAL A CG2 1 
ATOM   92   N N   . LEU A 1 13  ? 8.126   -4.285  6.092   1.00 19.71 ? 32  LEU A N   1 
ATOM   93   C CA  . LEU A 1 13  ? 8.982   -3.485  5.230   1.00 25.12 ? 32  LEU A CA  1 
ATOM   94   C C   . LEU A 1 13  ? 8.372   -2.154  4.813   1.00 18.61 ? 32  LEU A C   1 
ATOM   95   O O   . LEU A 1 13  ? 7.248   -1.830  5.192   1.00 17.80 ? 32  LEU A O   1 
ATOM   96   C CB  . LEU A 1 13  ? 9.349   -4.316  3.999   1.00 38.48 ? 32  LEU A CB  1 
ATOM   97   C CG  . LEU A 1 13  ? 8.210   -5.200  3.490   1.00 38.83 ? 32  LEU A CG  1 
ATOM   98   C CD1 . LEU A 1 13  ? 7.183   -4.333  2.822   1.00 39.95 ? 32  LEU A CD1 1 
ATOM   99   C CD2 . LEU A 1 13  ? 8.725   -6.249  2.526   1.00 44.74 ? 32  LEU A CD2 1 
ATOM   100  N N   . LYS A 1 14  ? 9.139   -1.385  4.047   1.00 14.81 ? 33  LYS A N   1 
ATOM   101  C CA  . LYS A 1 14  ? 8.702   -0.089  3.545   1.00 18.14 ? 33  LYS A CA  1 
ATOM   102  C C   . LYS A 1 14  ? 8.428   -0.208  2.053   1.00 16.97 ? 33  LYS A C   1 
ATOM   103  O O   . LYS A 1 14  ? 9.115   -0.951  1.351   1.00 20.25 ? 33  LYS A O   1 
ATOM   104  C CB  . LYS A 1 14  ? 9.794   0.964   3.756   1.00 17.22 ? 33  LYS A CB  1 
ATOM   105  C CG  . LYS A 1 14  ? 10.197  1.189   5.197   1.00 26.26 ? 33  LYS A CG  1 
ATOM   106  C CD  . LYS A 1 14  ? 11.557  1.875   5.252   1.00 33.27 ? 33  LYS A CD  1 
ATOM   107  C CE  . LYS A 1 14  ? 12.054  2.020   6.674   1.00 51.37 ? 33  LYS A CE  1 
ATOM   108  N NZ  . LYS A 1 14  ? 13.537  2.221   6.709   1.00 62.26 ? 33  LYS A NZ  1 
ATOM   109  N N   . PHE A 1 15  ? 7.420   0.517   1.578   1.00 18.51 ? 34  PHE A N   1 
ATOM   110  C CA  . PHE A 1 15  ? 7.064   0.529   0.167   1.00 17.35 ? 34  PHE A CA  1 
ATOM   111  C C   . PHE A 1 15  ? 7.468   1.888   -0.386  1.00 25.06 ? 34  PHE A C   1 
ATOM   112  O O   . PHE A 1 15  ? 6.880   2.911   -0.034  1.00 20.95 ? 34  PHE A O   1 
ATOM   113  C CB  . PHE A 1 15  ? 5.559   0.312   -0.021  1.00 16.74 ? 34  PHE A CB  1 
ATOM   114  C CG  . PHE A 1 15  ? 5.111   -1.096  0.277   1.00 22.57 ? 34  PHE A CG  1 
ATOM   115  C CD1 . PHE A 1 15  ? 4.983   -1.538  1.590   1.00 31.37 ? 34  PHE A CD1 1 
ATOM   116  C CD2 . PHE A 1 15  ? 4.873   -1.994  -0.755  1.00 30.93 ? 34  PHE A CD2 1 
ATOM   117  C CE1 . PHE A 1 15  ? 4.634   -2.854  1.866   1.00 29.22 ? 34  PHE A CE1 1 
ATOM   118  C CE2 . PHE A 1 15  ? 4.524   -3.316  -0.492  1.00 27.96 ? 34  PHE A CE2 1 
ATOM   119  C CZ  . PHE A 1 15  ? 4.406   -3.746  0.820   1.00 27.78 ? 34  PHE A CZ  1 
ATOM   120  N N   . ILE A 1 16  ? 8.473   1.892   -1.255  1.00 20.74 ? 35  ILE A N   1 
ATOM   121  C CA  . ILE A 1 16  ? 8.979   3.132   -1.836  1.00 21.08 ? 35  ILE A CA  1 
ATOM   122  C C   . ILE A 1 16  ? 8.470   3.360   -3.261  1.00 21.63 ? 35  ILE A C   1 
ATOM   123  O O   . ILE A 1 16  ? 8.533   2.462   -4.103  1.00 20.71 ? 35  ILE A O   1 
ATOM   124  C CB  . ILE A 1 16  ? 10.525  3.119   -1.862  1.00 16.30 ? 35  ILE A CB  1 
ATOM   125  C CG1 . ILE A 1 16  ? 11.062  2.937   -0.438  1.00 25.64 ? 35  ILE A CG1 1 
ATOM   126  C CG2 . ILE A 1 16  ? 11.058  4.414   -2.490  1.00 19.77 ? 35  ILE A CG2 1 
ATOM   127  C CD1 . ILE A 1 16  ? 12.565  2.879   -0.371  1.00 41.55 ? 35  ILE A CD1 1 
ATOM   128  N N   . ASN A 1 17  ? 7.967   4.556   -3.539  1.00 16.26 ? 36  ASN A N   1 
ATOM   129  C CA  . ASN A 1 17  ? 7.489   4.821   -4.887  1.00 16.95 ? 36  ASN A CA  1 
ATOM   130  C C   . ASN A 1 17  ? 8.694   4.990   -5.802  1.00 19.05 ? 36  ASN A C   1 
ATOM   131  O O   . ASN A 1 17  ? 9.527   5.882   -5.611  1.00 21.03 ? 36  ASN A O   1 
ATOM   132  C CB  . ASN A 1 17  ? 6.593   6.057   -4.915  1.00 16.89 ? 36  ASN A CB  1 
ATOM   133  C CG  . ASN A 1 17  ? 5.910   6.238   -6.254  1.00 14.38 ? 36  ASN A CG  1 
ATOM   134  O OD1 . ASN A 1 17  ? 6.455   6.861   -7.156  1.00 18.19 ? 36  ASN A OD1 1 
ATOM   135  N ND2 . ASN A 1 17  ? 4.718   5.677   -6.392  1.00 19.52 ? 36  ASN A ND2 1 
ATOM   136  N N   . ALA A 1 18  ? 8.789   4.103   -6.786  1.00 29.08 ? 37  ALA A N   1 
ATOM   137  C CA  . ALA A 1 18  ? 9.897   4.086   -7.737  1.00 22.33 ? 37  ALA A CA  1 
ATOM   138  C C   . ALA A 1 18  ? 10.313  5.418   -8.352  1.00 27.07 ? 37  ALA A C   1 
ATOM   139  O O   . ALA A 1 18  ? 11.492  5.771   -8.347  1.00 28.70 ? 37  ALA A O   1 
ATOM   140  C CB  . ALA A 1 18  ? 9.591   3.093   -8.851  1.00 26.81 ? 37  ALA A CB  1 
ATOM   141  N N   . ASN A 1 19  ? 9.355   6.164   -8.884  1.00 27.01 ? 38  ASN A N   1 
ATOM   142  C CA  . ASN A 1 19  ? 9.672   7.422   -9.539  1.00 29.10 ? 38  ASN A CA  1 
ATOM   143  C C   . ASN A 1 19  ? 9.794   8.662   -8.634  1.00 32.55 ? 38  ASN A C   1 
ATOM   144  O O   . ASN A 1 19  ? 10.502  9.618   -8.974  1.00 22.14 ? 38  ASN A O   1 
ATOM   145  C CB  . ASN A 1 19  ? 8.650   7.655   -10.656 1.00 33.75 ? 38  ASN A CB  1 
ATOM   146  C CG  . ASN A 1 19  ? 8.722   6.579   -11.754 1.00 39.89 ? 38  ASN A CG  1 
ATOM   147  O OD1 . ASN A 1 19  ? 7.811   6.451   -12.578 1.00 39.69 ? 38  ASN A OD1 1 
ATOM   148  N ND2 . ASN A 1 19  ? 9.815   5.815   -11.771 1.00 27.62 ? 38  ASN A ND2 1 
ATOM   149  N N   . ASP A 1 20  ? 9.131   8.643   -7.481  1.00 29.19 ? 39  ASP A N   1 
ATOM   150  C CA  . ASP A 1 20  ? 9.187   9.782   -6.563  1.00 27.69 ? 39  ASP A CA  1 
ATOM   151  C C   . ASP A 1 20  ? 10.115  9.548   -5.372  1.00 22.47 ? 39  ASP A C   1 
ATOM   152  O O   . ASP A 1 20  ? 10.651  10.498  -4.800  1.00 25.32 ? 39  ASP A O   1 
ATOM   153  C CB  . ASP A 1 20  ? 7.781   10.119  -6.051  1.00 33.35 ? 39  ASP A CB  1 
ATOM   154  C CG  . ASP A 1 20  ? 7.757   11.382  -5.222  1.00 34.85 ? 39  ASP A CG  1 
ATOM   155  O OD1 . ASP A 1 20  ? 8.360   12.382  -5.666  1.00 38.48 ? 39  ASP A OD1 1 
ATOM   156  O OD2 . ASP A 1 20  ? 7.135   11.382  -4.142  1.00 21.75 ? 39  ASP A OD2 1 
ATOM   157  N N   . GLY A 1 21  ? 10.296  8.289   -4.986  1.00 18.58 ? 40  GLY A N   1 
ATOM   158  C CA  . GLY A 1 21  ? 11.165  7.984   -3.856  1.00 20.86 ? 40  GLY A CA  1 
ATOM   159  C C   . GLY A 1 21  ? 10.500  8.078   -2.484  1.00 20.31 ? 40  GLY A C   1 
ATOM   160  O O   . GLY A 1 21  ? 11.119  7.758   -1.469  1.00 23.40 ? 40  GLY A O   1 
ATOM   161  N N   . SER A 1 22  ? 9.241   8.511   -2.444  1.00 17.03 ? 41  SER A N   1 
ATOM   162  C CA  . SER A 1 22  ? 8.506   8.635   -1.185  1.00 18.80 ? 41  SER A CA  1 
ATOM   163  C C   . SER A 1 22  ? 8.060   7.264   -0.657  1.00 21.39 ? 41  SER A C   1 
ATOM   164  O O   . SER A 1 22  ? 7.871   6.325   -1.433  1.00 18.73 ? 41  SER A O   1 
ATOM   165  C CB  . SER A 1 22  ? 7.286   9.535   -1.390  1.00 12.61 ? 41  SER A CB  1 
ATOM   166  O OG  . SER A 1 22  ? 6.489   9.071   -2.464  1.00 20.94 ? 41  SER A OG  1 
ATOM   167  N N   . ARG A 1 23  ? 7.891   7.156   0.661   1.00 15.64 ? 42  ARG A N   1 
ATOM   168  C CA  . ARG A 1 23  ? 7.490   5.894   1.281   1.00 16.17 ? 42  ARG A CA  1 
ATOM   169  C C   . ARG A 1 23  ? 6.021   5.863   1.664   1.00 17.24 ? 42  ARG A C   1 
ATOM   170  O O   . ARG A 1 23  ? 5.502   6.841   2.208   1.00 14.95 ? 42  ARG A O   1 
ATOM   171  C CB  . ARG A 1 23  ? 8.317   5.622   2.539   1.00 18.32 ? 42  ARG A CB  1 
ATOM   172  C CG  . ARG A 1 23  ? 9.770   5.299   2.286   1.00 19.44 ? 42  ARG A CG  1 
ATOM   173  C CD  . ARG A 1 23  ? 10.603  6.554   2.136   1.00 31.46 ? 42  ARG A CD  1 
ATOM   174  N NE  . ARG A 1 23  ? 11.951  6.254   1.661   1.00 43.52 ? 42  ARG A NE  1 
ATOM   175  C CZ  . ARG A 1 23  ? 12.834  5.514   2.320   1.00 45.62 ? 42  ARG A CZ  1 
ATOM   176  N NH1 . ARG A 1 23  ? 12.524  4.989   3.500   1.00 53.39 ? 42  ARG A NH1 1 
ATOM   177  N NH2 . ARG A 1 23  ? 14.032  5.298   1.793   1.00 43.75 ? 42  ARG A NH2 1 
ATOM   178  N N   . LEU A 1 24  ? 5.361   4.739   1.386   1.00 11.44 ? 43  LEU A N   1 
ATOM   179  C CA  . LEU A 1 24  ? 3.941   4.580   1.726   1.00 10.82 ? 43  LEU A CA  1 
ATOM   180  C C   . LEU A 1 24  ? 3.865   4.839   3.218   1.00 12.80 ? 43  LEU A C   1 
ATOM   181  O O   . LEU A 1 24  ? 4.701   4.341   3.989   1.00 11.97 ? 43  LEU A O   1 
ATOM   182  C CB  . LEU A 1 24  ? 3.451   3.172   1.388   1.00 12.78 ? 43  LEU A CB  1 
ATOM   183  C CG  . LEU A 1 24  ? 1.930   2.994   1.476   1.00 10.91 ? 43  LEU A CG  1 
ATOM   184  C CD1 . LEU A 1 24  ? 1.242   3.963   0.543   1.00 13.86 ? 43  LEU A CD1 1 
ATOM   185  C CD2 . LEU A 1 24  ? 1.561   1.565   1.120   1.00 9.77  ? 43  LEU A CD2 1 
ATOM   186  N N   . HIS A 1 25  ? 2.839   5.568   3.641   1.00 13.24 ? 44  HIS A N   1 
ATOM   187  C CA  . HIS A 1 25  ? 2.788   5.989   5.035   1.00 10.40 ? 44  HIS A CA  1 
ATOM   188  C C   . HIS A 1 25  ? 1.372   6.182   5.570   1.00 17.84 ? 44  HIS A C   1 
ATOM   189  O O   . HIS A 1 25  ? 0.419   6.397   4.809   1.00 15.55 ? 44  HIS A O   1 
ATOM   190  C CB  . HIS A 1 25  ? 3.571   7.315   5.080   1.00 15.13 ? 44  HIS A CB  1 
ATOM   191  C CG  . HIS A 1 25  ? 3.753   7.915   6.443   1.00 22.74 ? 44  HIS A CG  1 
ATOM   192  N ND1 . HIS A 1 25  ? 2.842   8.785   7.000   1.00 28.39 ? 44  HIS A ND1 1 
ATOM   193  C CD2 . HIS A 1 25  ? 4.795   7.857   7.308   1.00 16.33 ? 44  HIS A CD2 1 
ATOM   194  C CE1 . HIS A 1 25  ? 3.314   9.241   8.148   1.00 20.73 ? 44  HIS A CE1 1 
ATOM   195  N NE2 . HIS A 1 25  ? 4.498   8.694   8.356   1.00 23.95 ? 44  HIS A NE2 1 
ATOM   196  N N   . SER A 1 26  ? 1.231   6.074   6.883   1.00 16.17 ? 45  SER A N   1 
ATOM   197  C CA  . SER A 1 26  ? -0.055  6.331   7.504   1.00 16.77 ? 45  SER A CA  1 
ATOM   198  C C   . SER A 1 26  ? 0.180   6.952   8.870   1.00 24.09 ? 45  SER A C   1 
ATOM   199  O O   . SER A 1 26  ? 1.318   7.039   9.330   1.00 20.56 ? 45  SER A O   1 
ATOM   200  C CB  . SER A 1 26  ? -0.900  5.077   7.619   1.00 15.48 ? 45  SER A CB  1 
ATOM   201  O OG  . SER A 1 26  ? -2.253  5.459   7.827   1.00 19.35 ? 45  SER A OG  1 
ATOM   202  N N   . HIS A 1 27  ? -0.897  7.370   9.524   1.00 20.47 ? 46  HIS A N   1 
ATOM   203  C CA  . HIS A 1 27  ? -0.777  8.048   10.806  1.00 24.37 ? 46  HIS A CA  1 
ATOM   204  C C   . HIS A 1 27  ? -2.173  8.263   11.369  1.00 24.45 ? 46  HIS A C   1 
ATOM   205  O O   . HIS A 1 27  ? -3.151  7.851   10.759  1.00 22.36 ? 46  HIS A O   1 
ATOM   206  C CB  . HIS A 1 27  ? -0.089  9.382   10.551  1.00 21.36 ? 46  HIS A CB  1 
ATOM   207  C CG  . HIS A 1 27  ? -0.503  10.015  9.259   1.00 18.89 ? 46  HIS A CG  1 
ATOM   208  N ND1 . HIS A 1 27  ? 0.271   10.941  8.595   1.00 21.40 ? 46  HIS A ND1 1 
ATOM   209  C CD2 . HIS A 1 27  ? -1.618  9.850   8.505   1.00 20.77 ? 46  HIS A CD2 1 
ATOM   210  C CE1 . HIS A 1 27  ? -0.348  11.321  7.491   1.00 18.99 ? 46  HIS A CE1 1 
ATOM   211  N NE2 . HIS A 1 27  ? -1.497  10.674  7.413   1.00 16.44 ? 46  HIS A NE2 1 
ATOM   212  N N   . ASP A 1 28  ? -2.267  8.918   12.521  1.00 29.95 ? 47  ASP A N   1 
ATOM   213  C CA  . ASP A 1 28  ? -3.562  9.153   13.152  1.00 30.32 ? 47  ASP A CA  1 
ATOM   214  C C   . ASP A 1 28  ? -4.238  10.409  12.618  1.00 34.98 ? 47  ASP A C   1 
ATOM   215  O O   . ASP A 1 28  ? -4.758  11.223  13.386  1.00 47.26 ? 47  ASP A O   1 
ATOM   216  C CB  . ASP A 1 28  ? -3.398  9.274   14.673  1.00 34.20 ? 47  ASP A CB  1 
ATOM   217  C CG  . ASP A 1 28  ? -4.687  8.983   15.423  1.00 47.14 ? 47  ASP A CG  1 
ATOM   218  O OD1 . ASP A 1 28  ? -5.764  9.393   14.939  1.00 52.03 ? 47  ASP A OD1 1 
ATOM   219  O OD2 . ASP A 1 28  ? -4.623  8.350   16.500  1.00 42.39 ? 47  ASP A OD2 1 
ATOM   220  N N   . VAL A 1 29  ? -4.216  10.575  11.301  1.00 32.28 ? 48  VAL A N   1 
ATOM   221  C CA  . VAL A 1 29  ? -4.843  11.722  10.656  1.00 24.97 ? 48  VAL A CA  1 
ATOM   222  C C   . VAL A 1 29  ? -5.904  11.162  9.723   1.00 36.24 ? 48  VAL A C   1 
ATOM   223  O O   . VAL A 1 29  ? -5.585  10.416  8.799   1.00 30.64 ? 48  VAL A O   1 
ATOM   224  C CB  . VAL A 1 29  ? -3.822  12.536  9.827   1.00 29.49 ? 48  VAL A CB  1 
ATOM   225  C CG1 . VAL A 1 29  ? -4.528  13.659  9.082   1.00 22.95 ? 48  VAL A CG1 1 
ATOM   226  C CG2 . VAL A 1 29  ? -2.739  13.105  10.742  1.00 27.27 ? 48  VAL A CG2 1 
ATOM   227  N N   . LYS A 1 30  ? -7.162  11.521  9.966   1.00 36.26 ? 49  LYS A N   1 
ATOM   228  C CA  . LYS A 1 30  ? -8.264  11.027  9.151   1.00 33.71 ? 49  LYS A CA  1 
ATOM   229  C C   . LYS A 1 30  ? -8.656  11.963  8.017   1.00 36.36 ? 49  LYS A C   1 
ATOM   230  O O   . LYS A 1 30  ? -8.396  13.164  8.071   1.00 34.90 ? 49  LYS A O   1 
ATOM   231  C CB  . LYS A 1 30  ? -9.488  10.755  10.033  1.00 39.65 ? 49  LYS A CB  1 
ATOM   232  C CG  . LYS A 1 30  ? -9.222  9.748   11.147  1.00 51.06 ? 49  LYS A CG  1 
ATOM   233  C CD  . LYS A 1 30  ? -10.503 9.151   11.710  1.00 50.82 ? 49  LYS A CD  1 
ATOM   234  C CE  . LYS A 1 30  ? -10.189 8.037   12.703  1.00 49.46 ? 49  LYS A CE  1 
ATOM   235  N NZ  . LYS A 1 30  ? -11.411 7.310   13.166  1.00 54.24 ? 49  LYS A NZ  1 
ATOM   236  N N   . TYR A 1 31  ? -9.273  11.396  6.983   1.00 33.34 ? 50  TYR A N   1 
ATOM   237  C CA  . TYR A 1 31  ? -9.724  12.172  5.838   1.00 33.99 ? 50  TYR A CA  1 
ATOM   238  C C   . TYR A 1 31  ? -10.918 13.012  6.257   1.00 41.58 ? 50  TYR A C   1 
ATOM   239  O O   . TYR A 1 31  ? -11.632 12.674  7.201   1.00 42.00 ? 50  TYR A O   1 
ATOM   240  C CB  . TYR A 1 31  ? -10.169 11.264  4.689   1.00 38.38 ? 50  TYR A CB  1 
ATOM   241  C CG  . TYR A 1 31  ? -9.058  10.580  3.921   1.00 37.31 ? 50  TYR A CG  1 
ATOM   242  C CD1 . TYR A 1 31  ? -8.059  11.321  3.286   1.00 34.21 ? 50  TYR A CD1 1 
ATOM   243  C CD2 . TYR A 1 31  ? -9.035  9.190   3.788   1.00 30.81 ? 50  TYR A CD2 1 
ATOM   244  C CE1 . TYR A 1 31  ? -7.064  10.694  2.532   1.00 33.56 ? 50  TYR A CE1 1 
ATOM   245  C CE2 . TYR A 1 31  ? -8.047  8.554   3.039   1.00 29.03 ? 50  TYR A CE2 1 
ATOM   246  C CZ  . TYR A 1 31  ? -7.066  9.309   2.414   1.00 34.74 ? 50  TYR A CZ  1 
ATOM   247  O OH  . TYR A 1 31  ? -6.094  8.683   1.664   1.00 27.67 ? 50  TYR A OH  1 
ATOM   248  N N   . GLY A 1 32  ? -11.128 14.107  5.540   1.00 45.04 ? 51  GLY A N   1 
ATOM   249  C CA  . GLY A 1 32  ? -12.246 14.981  5.818   1.00 52.06 ? 51  GLY A CA  1 
ATOM   250  C C   . GLY A 1 32  ? -12.944 15.192  4.494   1.00 58.90 ? 51  GLY A C   1 
ATOM   251  O O   . GLY A 1 32  ? -13.159 16.326  4.070   1.00 62.54 ? 51  GLY A O   1 
ATOM   252  N N   . SER A 1 33  ? -13.286 14.089  3.833   1.00 59.77 ? 52  SER A N   1 
ATOM   253  C CA  . SER A 1 33  ? -13.946 14.158  2.538   1.00 60.84 ? 52  SER A CA  1 
ATOM   254  C C   . SER A 1 33  ? -14.700 12.884  2.146   1.00 60.63 ? 52  SER A C   1 
ATOM   255  O O   . SER A 1 33  ? -15.928 12.839  2.215   1.00 69.40 ? 52  SER A O   1 
ATOM   256  C CB  . SER A 1 33  ? -12.919 14.504  1.457   1.00 62.63 ? 52  SER A CB  1 
ATOM   257  O OG  . SER A 1 33  ? -11.804 13.623  1.504   1.00 61.55 ? 52  SER A OG  1 
ATOM   258  N N   . GLY A 1 34  ? -13.967 11.854  1.735   1.00 53.19 ? 53  GLY A N   1 
ATOM   259  C CA  . GLY A 1 34  ? -14.597 10.613  1.313   1.00 48.98 ? 53  GLY A CA  1 
ATOM   260  C C   . GLY A 1 34  ? -15.275 9.787   2.391   1.00 51.02 ? 53  GLY A C   1 
ATOM   261  O O   . GLY A 1 34  ? -16.406 10.065  2.790   1.00 46.29 ? 53  GLY A O   1 
ATOM   262  N N   . SER A 1 35  ? -14.583 8.752   2.855   1.00 43.61 ? 54  SER A N   1 
ATOM   263  C CA  . SER A 1 35  ? -15.112 7.865   3.886   1.00 38.34 ? 54  SER A CA  1 
ATOM   264  C C   . SER A 1 35  ? -14.831 8.429   5.269   1.00 38.29 ? 54  SER A C   1 
ATOM   265  O O   . SER A 1 35  ? -15.418 7.996   6.258   1.00 39.48 ? 54  SER A O   1 
ATOM   266  C CB  . SER A 1 35  ? -14.464 6.483   3.774   1.00 45.61 ? 54  SER A CB  1 
ATOM   267  O OG  . SER A 1 35  ? -13.092 6.536   4.143   1.00 35.65 ? 54  SER A OG  1 
ATOM   268  N N   . GLY A 1 36  ? -13.923 9.395   5.331   1.00 36.84 ? 55  GLY A N   1 
ATOM   269  C CA  . GLY A 1 36  ? -13.571 9.977   6.609   1.00 34.17 ? 55  GLY A CA  1 
ATOM   270  C C   . GLY A 1 36  ? -12.737 9.011   7.431   1.00 31.24 ? 55  GLY A C   1 
ATOM   271  O O   . GLY A 1 36  ? -12.613 9.166   8.646   1.00 27.38 ? 55  GLY A O   1 
ATOM   272  N N   . GLN A 1 37  ? -12.172 8.000   6.775   1.00 27.92 ? 56  GLN A N   1 
ATOM   273  C CA  . GLN A 1 37  ? -11.334 7.022   7.467   1.00 27.72 ? 56  GLN A CA  1 
ATOM   274  C C   . GLN A 1 37  ? -9.899  7.544   7.547   1.00 23.04 ? 56  GLN A C   1 
ATOM   275  O O   . GLN A 1 37  ? -9.583  8.588   6.987   1.00 22.32 ? 56  GLN A O   1 
ATOM   276  C CB  . GLN A 1 37  ? -11.355 5.682   6.728   1.00 25.38 ? 56  GLN A CB  1 
ATOM   277  C CG  . GLN A 1 37  ? -12.737 5.080   6.586   1.00 37.82 ? 56  GLN A CG  1 
ATOM   278  C CD  . GLN A 1 37  ? -12.720 3.757   5.848   1.00 39.23 ? 56  GLN A CD  1 
ATOM   279  O OE1 . GLN A 1 37  ? -11.951 3.570   4.911   1.00 30.71 ? 56  GLN A OE1 1 
ATOM   280  N NE2 . GLN A 1 37  ? -13.587 2.838   6.257   1.00 40.25 ? 56  GLN A NE2 1 
ATOM   281  N N   . GLN A 1 38  ? -9.036  6.806   8.237   1.00 23.53 ? 57  GLN A N   1 
ATOM   282  C CA  . GLN A 1 38  ? -7.637  7.192   8.399   1.00 23.22 ? 57  GLN A CA  1 
ATOM   283  C C   . GLN A 1 38  ? -6.979  7.340   7.035   1.00 22.82 ? 57  GLN A C   1 
ATOM   284  O O   . GLN A 1 38  ? -7.106  6.463   6.186   1.00 23.62 ? 57  GLN A O   1 
ATOM   285  C CB  . GLN A 1 38  ? -6.897  6.135   9.214   1.00 21.79 ? 57  GLN A CB  1 
ATOM   286  C CG  . GLN A 1 38  ? -5.544  6.577   9.719   1.00 18.27 ? 57  GLN A CG  1 
ATOM   287  C CD  . GLN A 1 38  ? -4.903  5.531   10.596  1.00 29.61 ? 57  GLN A CD  1 
ATOM   288  O OE1 . GLN A 1 38  ? -3.974  4.827   10.180  1.00 25.89 ? 57  GLN A OE1 1 
ATOM   289  N NE2 . GLN A 1 38  ? -5.408  5.403   11.816  1.00 22.57 ? 57  GLN A NE2 1 
ATOM   290  N N   . SER A 1 39  ? -6.275  8.449   6.832   1.00 24.36 ? 58  SER A N   1 
ATOM   291  C CA  . SER A 1 39  ? -5.622  8.707   5.557   1.00 20.75 ? 58  SER A CA  1 
ATOM   292  C C   . SER A 1 39  ? -4.348  7.889   5.328   1.00 24.93 ? 58  SER A C   1 
ATOM   293  O O   . SER A 1 39  ? -3.758  7.337   6.263   1.00 20.82 ? 58  SER A O   1 
ATOM   294  C CB  . SER A 1 39  ? -5.278  10.189  5.433   1.00 22.06 ? 58  SER A CB  1 
ATOM   295  O OG  . SER A 1 39  ? -4.291  10.567  6.375   1.00 28.40 ? 58  SER A OG  1 
ATOM   296  N N   . VAL A 1 40  ? -3.940  7.829   4.062   1.00 22.74 ? 59  VAL A N   1 
ATOM   297  C CA  . VAL A 1 40  ? -2.729  7.132   3.644   1.00 18.26 ? 59  VAL A CA  1 
ATOM   298  C C   . VAL A 1 40  ? -1.997  8.098   2.729   1.00 17.40 ? 59  VAL A C   1 
ATOM   299  O O   . VAL A 1 40  ? -2.603  8.693   1.841   1.00 22.30 ? 59  VAL A O   1 
ATOM   300  C CB  . VAL A 1 40  ? -3.048  5.853   2.841   1.00 19.67 ? 59  VAL A CB  1 
ATOM   301  C CG1 . VAL A 1 40  ? -1.762  5.276   2.241   1.00 13.08 ? 59  VAL A CG1 1 
ATOM   302  C CG2 . VAL A 1 40  ? -3.716  4.826   3.746   1.00 18.01 ? 59  VAL A CG2 1 
ATOM   303  N N   . THR A 1 41  ? -0.701  8.264   2.948   1.00 19.62 ? 60  THR A N   1 
ATOM   304  C CA  . THR A 1 41  ? 0.094   9.171   2.127   1.00 17.41 ? 60  THR A CA  1 
ATOM   305  C C   . THR A 1 41  ? 1.434   8.534   1.781   1.00 16.60 ? 60  THR A C   1 
ATOM   306  O O   . THR A 1 41  ? 1.669   7.355   2.057   1.00 17.67 ? 60  THR A O   1 
ATOM   307  C CB  . THR A 1 41  ? 0.409   10.474  2.884   1.00 22.94 ? 60  THR A CB  1 
ATOM   308  O OG1 . THR A 1 41  ? 1.353   10.188  3.932   1.00 15.08 ? 60  THR A OG1 1 
ATOM   309  C CG2 . THR A 1 41  ? -0.868  11.067  3.497   1.00 17.23 ? 60  THR A CG2 1 
ATOM   310  N N   . ALA A 1 42  ? 2.306   9.330   1.170   1.00 16.39 ? 61  ALA A N   1 
ATOM   311  C CA  . ALA A 1 42  ? 3.651   8.890   0.835   1.00 16.69 ? 61  ALA A CA  1 
ATOM   312  C C   . ALA A 1 42  ? 4.545   10.019  1.327   1.00 19.41 ? 61  ALA A C   1 
ATOM   313  O O   . ALA A 1 42  ? 4.314   11.188  1.003   1.00 19.59 ? 61  ALA A O   1 
ATOM   314  C CB  . ALA A 1 42  ? 3.805   8.693   -0.661  1.00 20.71 ? 61  ALA A CB  1 
ATOM   315  N N   . VAL A 1 43  ? 5.568   9.672   2.102   1.00 14.96 ? 62  VAL A N   1 
ATOM   316  C CA  . VAL A 1 43  ? 6.460   10.676  2.668   1.00 21.07 ? 62  VAL A CA  1 
ATOM   317  C C   . VAL A 1 43  ? 7.900   10.667  2.170   1.00 16.54 ? 62  VAL A C   1 
ATOM   318  O O   . VAL A 1 43  ? 8.506   9.614   1.990   1.00 18.70 ? 62  VAL A O   1 
ATOM   319  C CB  . VAL A 1 43  ? 6.493   10.543  4.204   1.00 16.05 ? 62  VAL A CB  1 
ATOM   320  C CG1 . VAL A 1 43  ? 5.110   10.831  4.769   1.00 22.34 ? 62  VAL A CG1 1 
ATOM   321  C CG2 . VAL A 1 43  ? 6.931   9.132   4.594   1.00 15.79 ? 62  VAL A CG2 1 
ATOM   322  N N   . LYS A 1 44  ? 8.435   11.865  1.960   1.00 25.55 ? 63  LYS A N   1 
ATOM   323  C CA  . LYS A 1 44  ? 9.815   12.046  1.533   1.00 31.01 ? 63  LYS A CA  1 
ATOM   324  C C   . LYS A 1 44  ? 10.572  12.258  2.840   1.00 37.98 ? 63  LYS A C   1 
ATOM   325  O O   . LYS A 1 44  ? 11.178  13.299  3.074   1.00 50.47 ? 63  LYS A O   1 
ATOM   326  C CB  . LYS A 1 44  ? 9.919   13.272  0.614   1.00 35.64 ? 63  LYS A CB  1 
ATOM   327  C CG  . LYS A 1 44  ? 11.333  13.787  0.356   1.00 50.20 ? 63  LYS A CG  1 
ATOM   328  C CD  . LYS A 1 44  ? 12.286  12.696  -0.110  1.00 55.71 ? 63  LYS A CD  1 
ATOM   329  C CE  . LYS A 1 44  ? 13.694  13.258  -0.309  1.00 60.22 ? 63  LYS A CE  1 
ATOM   330  N NZ  . LYS A 1 44  ? 14.223  13.916  0.928   1.00 52.14 ? 63  LYS A NZ  1 
ATOM   331  N N   . ASN A 1 45  ? 10.494  11.251  3.703   1.00 49.82 ? 64  ASN A N   1 
ATOM   332  C CA  . ASN A 1 45  ? 11.128  11.272  5.014   1.00 49.83 ? 64  ASN A CA  1 
ATOM   333  C C   . ASN A 1 45  ? 11.554  9.860   5.387   1.00 53.43 ? 64  ASN A C   1 
ATOM   334  O O   . ASN A 1 45  ? 10.792  9.105   5.997   1.00 52.17 ? 64  ASN A O   1 
ATOM   335  C CB  . ASN A 1 45  ? 10.145  11.813  6.059   1.00 58.88 ? 64  ASN A CB  1 
ATOM   336  C CG  . ASN A 1 45  ? 10.434  11.298  7.454   1.00 61.79 ? 64  ASN A CG  1 
ATOM   337  O OD1 . ASN A 1 45  ? 11.535  11.465  7.974   1.00 69.82 ? 64  ASN A OD1 1 
ATOM   338  N ND2 . ASN A 1 45  ? 9.441   10.662  8.067   1.00 63.98 ? 64  ASN A ND2 1 
ATOM   339  N N   . SER A 1 46  ? 12.783  9.518   5.017   1.00 52.80 ? 65  SER A N   1 
ATOM   340  C CA  . SER A 1 46  ? 13.346  8.199   5.279   1.00 62.28 ? 65  SER A CA  1 
ATOM   341  C C   . SER A 1 46  ? 13.147  7.679   6.701   1.00 65.05 ? 65  SER A C   1 
ATOM   342  O O   . SER A 1 46  ? 12.808  8.431   7.618   1.00 66.34 ? 65  SER A O   1 
ATOM   343  C CB  . SER A 1 46  ? 14.842  8.203   4.954   1.00 59.10 ? 65  SER A CB  1 
ATOM   344  O OG  . SER A 1 46  ? 15.423  6.945   5.243   1.00 64.88 ? 65  SER A OG  1 
ATOM   345  N N   . ASP A 1 47  ? 13.364  6.376   6.857   1.00 65.79 ? 66  ASP A N   1 
ATOM   346  C CA  . ASP A 1 47  ? 13.254  5.684   8.135   1.00 68.45 ? 66  ASP A CA  1 
ATOM   347  C C   . ASP A 1 47  ? 12.308  6.333   9.154   1.00 67.58 ? 66  ASP A C   1 
ATOM   348  O O   . ASP A 1 47  ? 12.705  7.224   9.909   1.00 67.39 ? 66  ASP A O   1 
ATOM   349  C CB  . ASP A 1 47  ? 14.654  5.535   8.750   1.00 72.29 ? 66  ASP A CB  1 
ATOM   350  C CG  . ASP A 1 47  ? 14.996  4.091   9.095   1.00 75.91 ? 66  ASP A CG  1 
ATOM   351  O OD1 . ASP A 1 47  ? 16.127  3.837   9.568   1.00 78.05 ? 66  ASP A OD1 1 
ATOM   352  O OD2 . ASP A 1 47  ? 14.135  3.208   8.895   1.00 79.93 ? 66  ASP A OD2 1 
ATOM   353  N N   . ASP A 1 48  ? 11.058  5.877   9.163   1.00 58.48 ? 67  ASP A N   1 
ATOM   354  C CA  . ASP A 1 48  ? 10.040  6.372   10.092  1.00 48.34 ? 67  ASP A CA  1 
ATOM   355  C C   . ASP A 1 48  ? 9.130   5.185   10.411  1.00 41.75 ? 67  ASP A C   1 
ATOM   356  O O   . ASP A 1 48  ? 8.656   4.496   9.504   1.00 31.83 ? 67  ASP A O   1 
ATOM   357  C CB  . ASP A 1 48  ? 9.228   7.512   9.457   1.00 57.14 ? 67  ASP A CB  1 
ATOM   358  C CG  . ASP A 1 48  ? 8.183   8.100   10.408  1.00 56.40 ? 67  ASP A CG  1 
ATOM   359  O OD1 . ASP A 1 48  ? 7.521   9.091   10.030  1.00 59.39 ? 67  ASP A OD1 1 
ATOM   360  O OD2 . ASP A 1 48  ? 8.018   7.575   11.527  1.00 54.73 ? 67  ASP A OD2 1 
ATOM   361  N N   . ILE A 1 49  ? 8.903   4.947   11.698  1.00 32.35 ? 68  ILE A N   1 
ATOM   362  C CA  . ILE A 1 49  ? 8.077   3.832   12.138  1.00 25.91 ? 68  ILE A CA  1 
ATOM   363  C C   . ILE A 1 49  ? 6.674   3.815   11.522  1.00 19.03 ? 68  ILE A C   1 
ATOM   364  O O   . ILE A 1 49  ? 6.103   2.746   11.307  1.00 19.16 ? 68  ILE A O   1 
ATOM   365  C CB  . ILE A 1 49  ? 7.970   3.808   13.690  1.00 34.74 ? 68  ILE A CB  1 
ATOM   366  C CG1 . ILE A 1 49  ? 7.221   2.550   14.147  1.00 33.93 ? 68  ILE A CG1 1 
ATOM   367  C CG2 . ILE A 1 49  ? 7.269   5.062   14.189  1.00 32.14 ? 68  ILE A CG2 1 
ATOM   368  C CD1 . ILE A 1 49  ? 7.918   1.247   13.782  1.00 39.73 ? 68  ILE A CD1 1 
ATOM   369  N N   . ASN A 1 50  ? 6.119   4.989   11.238  1.00 15.02 ? 69  ASN A N   1 
ATOM   370  C CA  . ASN A 1 50  ? 4.796   5.063   10.640  1.00 19.43 ? 69  ASN A CA  1 
ATOM   371  C C   . ASN A 1 50  ? 4.830   4.706   9.151   1.00 18.39 ? 69  ASN A C   1 
ATOM   372  O O   . ASN A 1 50  ? 3.800   4.763   8.485   1.00 15.94 ? 69  ASN A O   1 
ATOM   373  C CB  . ASN A 1 50  ? 4.191   6.465   10.819  1.00 16.04 ? 69  ASN A CB  1 
ATOM   374  C CG  . ASN A 1 50  ? 3.858   6.777   12.275  1.00 22.48 ? 69  ASN A CG  1 
ATOM   375  O OD1 . ASN A 1 50  ? 3.100   6.052   12.918  1.00 24.04 ? 69  ASN A OD1 1 
ATOM   376  N ND2 . ASN A 1 50  ? 4.433   7.849   12.798  1.00 25.64 ? 69  ASN A ND2 1 
ATOM   377  N N   . SER A 1 51  ? 6.007   4.347   8.637   1.00 10.93 ? 70  SER A N   1 
ATOM   378  C CA  . SER A 1 51  ? 6.137   3.971   7.229   1.00 16.19 ? 70  SER A CA  1 
ATOM   379  C C   . SER A 1 51  ? 6.313   2.468   7.087   1.00 21.33 ? 70  SER A C   1 
ATOM   380  O O   . SER A 1 51  ? 6.587   1.968   5.988   1.00 17.16 ? 70  SER A O   1 
ATOM   381  C CB  . SER A 1 51  ? 7.334   4.671   6.572   1.00 22.74 ? 70  SER A CB  1 
ATOM   382  O OG  . SER A 1 51  ? 7.134   6.074   6.511   1.00 20.35 ? 70  SER A OG  1 
ATOM   383  N N   . HIS A 1 52  ? 6.180   1.749   8.199   1.00 15.32 ? 71  HIS A N   1 
ATOM   384  C CA  . HIS A 1 52  ? 6.325   0.300   8.163   1.00 15.60 ? 71  HIS A CA  1 
ATOM   385  C C   . HIS A 1 52  ? 4.994   -0.404  8.009   1.00 17.97 ? 71  HIS A C   1 
ATOM   386  O O   . HIS A 1 52  ? 4.005   -0.050  8.672   1.00 15.73 ? 71  HIS A O   1 
ATOM   387  C CB  . HIS A 1 52  ? 7.035   -0.200  9.418   1.00 20.63 ? 71  HIS A CB  1 
ATOM   388  C CG  . HIS A 1 52  ? 8.490   0.137   9.438   1.00 29.15 ? 71  HIS A CG  1 
ATOM   389  N ND1 . HIS A 1 52  ? 8.955   1.396   9.742   1.00 34.25 ? 71  HIS A ND1 1 
ATOM   390  C CD2 . HIS A 1 52  ? 9.577   -0.593  9.098   1.00 34.44 ? 71  HIS A CD2 1 
ATOM   391  C CE1 . HIS A 1 52  ? 10.266  1.429   9.585   1.00 32.66 ? 71  HIS A CE1 1 
ATOM   392  N NE2 . HIS A 1 52  ? 10.669  0.235   9.192   1.00 36.38 ? 71  HIS A NE2 1 
ATOM   393  N N   . TRP A 1 53  ? 4.985   -1.397  7.120   1.00 12.16 ? 72  TRP A N   1 
ATOM   394  C CA  . TRP A 1 53  ? 3.799   -2.188  6.831   1.00 11.86 ? 72  TRP A CA  1 
ATOM   395  C C   . TRP A 1 53  ? 4.113   -3.672  6.921   1.00 14.14 ? 72  TRP A C   1 
ATOM   396  O O   . TRP A 1 53  ? 5.221   -4.104  6.605   1.00 21.98 ? 72  TRP A O   1 
ATOM   397  C CB  . TRP A 1 53  ? 3.285   -1.887  5.424   1.00 17.14 ? 72  TRP A CB  1 
ATOM   398  C CG  . TRP A 1 53  ? 2.958   -0.464  5.192   1.00 10.73 ? 72  TRP A CG  1 
ATOM   399  C CD1 . TRP A 1 53  ? 3.834   0.547   4.921   1.00 11.99 ? 72  TRP A CD1 1 
ATOM   400  C CD2 . TRP A 1 53  ? 1.659   0.120   5.215   1.00 6.42  ? 72  TRP A CD2 1 
ATOM   401  N NE1 . TRP A 1 53  ? 3.153   1.733   4.772   1.00 13.45 ? 72  TRP A NE1 1 
ATOM   402  C CE2 . TRP A 1 53  ? 1.815   1.497   4.947   1.00 9.57  ? 72  TRP A CE2 1 
ATOM   403  C CE3 . TRP A 1 53  ? 0.367   -0.388  5.436   1.00 15.25 ? 72  TRP A CE3 1 
ATOM   404  C CZ2 . TRP A 1 53  ? 0.731   2.376   4.890   1.00 12.29 ? 72  TRP A CZ2 1 
ATOM   405  C CZ3 . TRP A 1 53  ? -0.713  0.484   5.379   1.00 10.32 ? 72  TRP A CZ3 1 
ATOM   406  C CH2 . TRP A 1 53  ? -0.522  1.853   5.107   1.00 12.75 ? 72  TRP A CH2 1 
ATOM   407  N N   . GLN A 1 54  ? 3.134   -4.460  7.341   1.00 17.71 ? 73  GLN A N   1 
ATOM   408  C CA  . GLN A 1 54  ? 3.338   -5.893  7.444   1.00 14.84 ? 73  GLN A CA  1 
ATOM   409  C C   . GLN A 1 54  ? 2.490   -6.639  6.437   1.00 12.80 ? 73  GLN A C   1 
ATOM   410  O O   . GLN A 1 54  ? 1.280   -6.430  6.337   1.00 14.15 ? 73  GLN A O   1 
ATOM   411  C CB  . GLN A 1 54  ? 3.009   -6.382  8.854   1.00 17.45 ? 73  GLN A CB  1 
ATOM   412  C CG  . GLN A 1 54  ? 3.236   -7.875  9.033   1.00 13.96 ? 73  GLN A CG  1 
ATOM   413  C CD  . GLN A 1 54  ? 3.206   -8.274  10.490  1.00 24.58 ? 73  GLN A CD  1 
ATOM   414  O OE1 . GLN A 1 54  ? 2.423   -7.737  11.267  1.00 19.66 ? 73  GLN A OE1 1 
ATOM   415  N NE2 . GLN A 1 54  ? 4.054   -9.227  10.866  1.00 26.83 ? 73  GLN A NE2 1 
ATOM   416  N N   . ILE A 1 55  ? 3.134   -7.514  5.684   1.00 15.05 ? 74  ILE A N   1 
ATOM   417  C CA  . ILE A 1 55  ? 2.442   -8.303  4.682   1.00 13.28 ? 74  ILE A CA  1 
ATOM   418  C C   . ILE A 1 55  ? 1.646   -9.428  5.328   1.00 16.62 ? 74  ILE A C   1 
ATOM   419  O O   . ILE A 1 55  ? 2.194   -10.231 6.085   1.00 18.18 ? 74  ILE A O   1 
ATOM   420  C CB  . ILE A 1 55  ? 3.438   -8.903  3.676   1.00 20.34 ? 74  ILE A CB  1 
ATOM   421  C CG1 . ILE A 1 55  ? 4.203   -7.770  2.986   1.00 16.93 ? 74  ILE A CG1 1 
ATOM   422  C CG2 . ILE A 1 55  ? 2.695   -9.750  2.648   1.00 25.84 ? 74  ILE A CG2 1 
ATOM   423  C CD1 . ILE A 1 55  ? 5.306   -8.242  2.116   1.00 26.87 ? 74  ILE A CD1 1 
ATOM   424  N N   . PHE A 1 56  ? 0.346   -9.458  5.029   1.00 18.79 ? 75  PHE A N   1 
ATOM   425  C CA  . PHE A 1 56  ? -0.571  -10.475 5.536   1.00 17.95 ? 75  PHE A CA  1 
ATOM   426  C C   . PHE A 1 56  ? -1.146  -11.279 4.373   1.00 22.55 ? 75  PHE A C   1 
ATOM   427  O O   . PHE A 1 56  ? -1.219  -10.783 3.248   1.00 16.92 ? 75  PHE A O   1 
ATOM   428  C CB  . PHE A 1 56  ? -1.748  -9.826  6.273   1.00 18.01 ? 75  PHE A CB  1 
ATOM   429  C CG  . PHE A 1 56  ? -1.538  -9.674  7.752   1.00 19.86 ? 75  PHE A CG  1 
ATOM   430  C CD1 . PHE A 1 56  ? -0.544  -8.846  8.249   1.00 17.42 ? 75  PHE A CD1 1 
ATOM   431  C CD2 . PHE A 1 56  ? -2.348  -10.360 8.650   1.00 28.23 ? 75  PHE A CD2 1 
ATOM   432  C CE1 . PHE A 1 56  ? -0.357  -8.696  9.623   1.00 22.82 ? 75  PHE A CE1 1 
ATOM   433  C CE2 . PHE A 1 56  ? -2.169  -10.219 10.033  1.00 28.46 ? 75  PHE A CE2 1 
ATOM   434  C CZ  . PHE A 1 56  ? -1.173  -9.385  10.515  1.00 23.30 ? 75  PHE A CZ  1 
ATOM   435  N N   . PRO A 1 57  ? -1.563  -12.532 4.626   1.00 25.91 ? 76  PRO A N   1 
ATOM   436  C CA  . PRO A 1 57  ? -2.134  -13.317 3.525   1.00 24.76 ? 76  PRO A CA  1 
ATOM   437  C C   . PRO A 1 57  ? -3.475  -12.671 3.194   1.00 19.25 ? 76  PRO A C   1 
ATOM   438  O O   . PRO A 1 57  ? -3.981  -11.868 3.983   1.00 20.25 ? 76  PRO A O   1 
ATOM   439  C CB  . PRO A 1 57  ? -2.281  -14.710 4.134   1.00 25.61 ? 76  PRO A CB  1 
ATOM   440  C CG  . PRO A 1 57  ? -2.537  -14.414 5.589   1.00 25.49 ? 76  PRO A CG  1 
ATOM   441  C CD  . PRO A 1 57  ? -1.542  -13.310 5.881   1.00 23.57 ? 76  PRO A CD  1 
ATOM   442  N N   . ALA A 1 58  ? -4.040  -12.997 2.034   1.00 16.75 ? 77  ALA A N   1 
ATOM   443  C CA  . ALA A 1 58  ? -5.322  -12.429 1.622   1.00 23.14 ? 77  ALA A CA  1 
ATOM   444  C C   . ALA A 1 58  ? -6.399  -12.717 2.668   1.00 21.34 ? 77  ALA A C   1 
ATOM   445  O O   . ALA A 1 58  ? -6.249  -13.636 3.473   1.00 19.00 ? 77  ALA A O   1 
ATOM   446  C CB  . ALA A 1 58  ? -5.731  -13.000 0.270   1.00 19.46 ? 77  ALA A CB  1 
ATOM   447  N N   . LEU A 1 59  ? -7.477  -11.936 2.653   1.00 19.96 ? 78  LEU A N   1 
ATOM   448  C CA  . LEU A 1 59  ? -8.559  -12.111 3.627   1.00 28.31 ? 78  LEU A CA  1 
ATOM   449  C C   . LEU A 1 59  ? -9.004  -13.556 3.804   1.00 32.85 ? 78  LEU A C   1 
ATOM   450  O O   . LEU A 1 59  ? -9.156  -14.031 4.931   1.00 35.59 ? 78  LEU A O   1 
ATOM   451  C CB  . LEU A 1 59  ? -9.781  -11.268 3.256   1.00 23.94 ? 78  LEU A CB  1 
ATOM   452  C CG  . LEU A 1 59  ? -10.968 -11.449 4.218   1.00 28.15 ? 78  LEU A CG  1 
ATOM   453  C CD1 . LEU A 1 59  ? -10.601 -10.905 5.589   1.00 34.86 ? 78  LEU A CD1 1 
ATOM   454  C CD2 . LEU A 1 59  ? -12.195 -10.730 3.682   1.00 37.55 ? 78  LEU A CD2 1 
ATOM   455  N N   . ASN A 1 60  ? -9.216  -14.263 2.702   1.00 29.54 ? 79  ASN A N   1 
ATOM   456  C CA  . ASN A 1 60  ? -9.666  -15.649 2.808   1.00 40.63 ? 79  ASN A CA  1 
ATOM   457  C C   . ASN A 1 60  ? -8.573  -16.681 2.546   1.00 42.82 ? 79  ASN A C   1 
ATOM   458  O O   . ASN A 1 60  ? -8.839  -17.783 2.065   1.00 39.17 ? 79  ASN A O   1 
ATOM   459  C CB  . ASN A 1 60  ? -10.855 -15.877 1.871   1.00 47.65 ? 79  ASN A CB  1 
ATOM   460  C CG  . ASN A 1 60  ? -12.057 -15.020 2.248   1.00 54.90 ? 79  ASN A CG  1 
ATOM   461  O OD1 . ASN A 1 60  ? -12.537 -15.069 3.386   1.00 51.31 ? 79  ASN A OD1 1 
ATOM   462  N ND2 . ASN A 1 60  ? -12.546 -14.229 1.297   1.00 46.54 ? 79  ASN A ND2 1 
ATOM   463  N N   . ALA A 1 61  ? -7.341  -16.315 2.884   1.00 33.86 ? 80  ALA A N   1 
ATOM   464  C CA  . ALA A 1 61  ? -6.199  -17.196 2.706   1.00 33.05 ? 80  ALA A CA  1 
ATOM   465  C C   . ALA A 1 61  ? -5.446  -17.300 4.022   1.00 29.84 ? 80  ALA A C   1 
ATOM   466  O O   . ALA A 1 61  ? -5.828  -16.695 5.020   1.00 30.27 ? 80  ALA A O   1 
ATOM   467  C CB  . ALA A 1 61  ? -5.278  -16.651 1.622   1.00 23.84 ? 80  ALA A CB  1 
ATOM   468  N N   . LYS A 1 62  ? -4.366  -18.070 4.009   1.00 32.52 ? 81  LYS A N   1 
ATOM   469  C CA  . LYS A 1 62  ? -3.532  -18.256 5.184   1.00 37.41 ? 81  LYS A CA  1 
ATOM   470  C C   . LYS A 1 62  ? -2.108  -18.510 4.702   1.00 34.14 ? 81  LYS A C   1 
ATOM   471  O O   . LYS A 1 62  ? -1.898  -18.981 3.586   1.00 34.73 ? 81  LYS A O   1 
ATOM   472  C CB  . LYS A 1 62  ? -4.036  -19.447 6.002   1.00 42.02 ? 81  LYS A CB  1 
ATOM   473  C CG  . LYS A 1 62  ? -4.123  -20.734 5.200   1.00 54.63 ? 81  LYS A CG  1 
ATOM   474  C CD  . LYS A 1 62  ? -4.773  -21.858 5.997   1.00 61.26 ? 81  LYS A CD  1 
ATOM   475  C CE  . LYS A 1 62  ? -4.983  -23.089 5.126   1.00 58.14 ? 81  LYS A CE  1 
ATOM   476  N NZ  . LYS A 1 62  ? -5.721  -24.161 5.850   1.00 60.61 ? 81  LYS A NZ  1 
ATOM   477  N N   . CYS A 1 63  ? -1.129  -18.193 5.538   1.00 26.46 ? 82  CYS A N   1 
ATOM   478  C CA  . CYS A 1 63  ? 0.257   -18.396 5.157   1.00 28.66 ? 82  CYS A CA  1 
ATOM   479  C C   . CYS A 1 63  ? 1.109   -18.617 6.391   1.00 28.44 ? 82  CYS A C   1 
ATOM   480  O O   . CYS A 1 63  ? 0.655   -18.429 7.515   1.00 38.48 ? 82  CYS A O   1 
ATOM   481  C CB  . CYS A 1 63  ? 0.779   -17.168 4.424   1.00 35.74 ? 82  CYS A CB  1 
ATOM   482  S SG  . CYS A 1 63  ? 1.085   -15.788 5.572   1.00 39.46 ? 82  CYS A SG  1 
ATOM   483  N N   . ASN A 1 64  ? 2.358   -19.004 6.169   1.00 36.00 ? 83  ASN A N   1 
ATOM   484  C CA  . ASN A 1 64  ? 3.302   -19.227 7.253   1.00 37.06 ? 83  ASN A CA  1 
ATOM   485  C C   . ASN A 1 64  ? 4.420   -18.198 7.149   1.00 40.07 ? 83  ASN A C   1 
ATOM   486  O O   . ASN A 1 64  ? 4.951   -17.956 6.064   1.00 35.61 ? 83  ASN A O   1 
ATOM   487  C CB  . ASN A 1 64  ? 3.889   -20.633 7.151   1.00 44.70 ? 83  ASN A CB  1 
ATOM   488  C CG  . ASN A 1 64  ? 2.867   -21.710 7.442   1.00 44.20 ? 83  ASN A CG  1 
ATOM   489  O OD1 . ASN A 1 64  ? 2.925   -22.801 6.882   1.00 48.26 ? 83  ASN A OD1 1 
ATOM   490  N ND2 . ASN A 1 64  ? 1.931   -21.412 8.332   1.00 42.13 ? 83  ASN A ND2 1 
ATOM   491  N N   . ARG A 1 65  ? 4.771   -17.582 8.272   1.00 36.76 ? 84  ARG A N   1 
ATOM   492  C CA  . ARG A 1 65  ? 5.841   -16.596 8.274   1.00 36.21 ? 84  ARG A CA  1 
ATOM   493  C C   . ARG A 1 65  ? 7.013   -17.202 7.514   1.00 40.03 ? 84  ARG A C   1 
ATOM   494  O O   . ARG A 1 65  ? 7.387   -18.350 7.755   1.00 42.96 ? 84  ARG A O   1 
ATOM   495  C CB  . ARG A 1 65  ? 6.257   -16.258 9.710   1.00 41.12 ? 84  ARG A CB  1 
ATOM   496  C CG  . ARG A 1 65  ? 5.505   -17.035 10.785  1.00 60.84 ? 84  ARG A CG  1 
ATOM   497  C CD  . ARG A 1 65  ? 5.859   -18.522 10.750  1.00 69.11 ? 84  ARG A CD  1 
ATOM   498  N NE  . ARG A 1 65  ? 4.880   -19.347 11.457  1.00 63.86 ? 84  ARG A NE  1 
ATOM   499  C CZ  . ARG A 1 65  ? 4.935   -20.673 11.528  1.00 65.32 ? 84  ARG A CZ  1 
ATOM   500  N NH1 . ARG A 1 65  ? 5.926   -21.330 10.938  1.00 55.45 ? 84  ARG A NH1 1 
ATOM   501  N NH2 . ARG A 1 65  ? 3.994   -21.345 12.181  1.00 64.96 ? 84  ARG A NH2 1 
ATOM   502  N N   . GLY A 1 66  ? 7.582   -16.442 6.586   1.00 31.47 ? 85  GLY A N   1 
ATOM   503  C CA  . GLY A 1 66  ? 8.696   -16.957 5.814   1.00 35.95 ? 85  GLY A CA  1 
ATOM   504  C C   . GLY A 1 66  ? 8.266   -17.478 4.454   1.00 38.44 ? 85  GLY A C   1 
ATOM   505  O O   . GLY A 1 66  ? 9.103   -17.702 3.576   1.00 40.28 ? 85  GLY A O   1 
ATOM   506  N N   . ASP A 1 67  ? 6.965   -17.679 4.272   1.00 32.62 ? 86  ASP A N   1 
ATOM   507  C CA  . ASP A 1 67  ? 6.450   -18.163 2.995   1.00 33.72 ? 86  ASP A CA  1 
ATOM   508  C C   . ASP A 1 67  ? 6.661   -17.115 1.912   1.00 34.44 ? 86  ASP A C   1 
ATOM   509  O O   . ASP A 1 67  ? 6.416   -15.932 2.126   1.00 32.61 ? 86  ASP A O   1 
ATOM   510  C CB  . ASP A 1 67  ? 4.954   -18.484 3.088   1.00 31.68 ? 86  ASP A CB  1 
ATOM   511  C CG  . ASP A 1 67  ? 4.682   -19.790 3.803   1.00 38.31 ? 86  ASP A CG  1 
ATOM   512  O OD1 . ASP A 1 67  ? 5.658   -20.499 4.127   1.00 28.40 ? 86  ASP A OD1 1 
ATOM   513  O OD2 . ASP A 1 67  ? 3.494   -20.109 4.031   1.00 30.96 ? 86  ASP A OD2 1 
ATOM   514  N N   . ALA A 1 68  ? 7.124   -17.557 0.751   1.00 32.83 ? 87  ALA A N   1 
ATOM   515  C CA  . ALA A 1 68  ? 7.342   -16.651 -0.360  1.00 33.11 ? 87  ALA A CA  1 
ATOM   516  C C   . ALA A 1 68  ? 5.983   -16.245 -0.892  1.00 27.79 ? 87  ALA A C   1 
ATOM   517  O O   . ALA A 1 68  ? 5.021   -17.006 -0.806  1.00 25.57 ? 87  ALA A O   1 
ATOM   518  C CB  . ALA A 1 68  ? 8.146   -17.344 -1.452  1.00 34.78 ? 87  ALA A CB  1 
ATOM   519  N N   . ILE A 1 69  ? 5.891   -15.032 -1.419  1.00 33.57 ? 88  ILE A N   1 
ATOM   520  C CA  . ILE A 1 69  ? 4.638   -14.568 -1.989  1.00 29.69 ? 88  ILE A CA  1 
ATOM   521  C C   . ILE A 1 69  ? 4.792   -14.680 -3.495  1.00 34.02 ? 88  ILE A C   1 
ATOM   522  O O   . ILE A 1 69  ? 5.759   -14.171 -4.068  1.00 27.55 ? 88  ILE A O   1 
ATOM   523  C CB  . ILE A 1 69  ? 4.344   -13.111 -1.610  1.00 30.67 ? 88  ILE A CB  1 
ATOM   524  C CG1 . ILE A 1 69  ? 4.161   -13.008 -0.092  1.00 34.91 ? 88  ILE A CG1 1 
ATOM   525  C CG2 . ILE A 1 69  ? 3.088   -12.624 -2.338  1.00 23.27 ? 88  ILE A CG2 1 
ATOM   526  C CD1 . ILE A 1 69  ? 4.062   -11.601 0.403   1.00 38.11 ? 88  ILE A CD1 1 
ATOM   527  N N   . LYS A 1 70  ? 3.849   -15.363 -4.132  1.00 28.62 ? 89  LYS A N   1 
ATOM   528  C CA  . LYS A 1 70  ? 3.904   -15.546 -5.571  1.00 32.16 ? 89  LYS A CA  1 
ATOM   529  C C   . LYS A 1 70  ? 3.232   -14.369 -6.260  1.00 29.68 ? 89  LYS A C   1 
ATOM   530  O O   . LYS A 1 70  ? 2.277   -13.805 -5.726  1.00 23.85 ? 89  LYS A O   1 
ATOM   531  C CB  . LYS A 1 70  ? 3.203   -16.855 -5.958  1.00 37.12 ? 89  LYS A CB  1 
ATOM   532  C CG  . LYS A 1 70  ? 3.825   -18.124 -5.352  1.00 37.96 ? 89  LYS A CG  1 
ATOM   533  C CD  . LYS A 1 70  ? 3.546   -18.231 -3.854  1.00 45.80 ? 89  LYS A CD  1 
ATOM   534  C CE  . LYS A 1 70  ? 4.187   -19.472 -3.241  1.00 55.66 ? 89  LYS A CE  1 
ATOM   535  N NZ  . LYS A 1 70  ? 3.879   -19.602 -1.786  1.00 46.12 ? 89  LYS A NZ  1 
ATOM   536  N N   . CYS A 1 71  ? 3.729   -13.993 -7.438  1.00 26.67 ? 90  CYS A N   1 
ATOM   537  C CA  . CYS A 1 71  ? 3.137   -12.884 -8.184  1.00 23.14 ? 90  CYS A CA  1 
ATOM   538  C C   . CYS A 1 71  ? 1.740   -13.298 -8.614  1.00 22.14 ? 90  CYS A C   1 
ATOM   539  O O   . CYS A 1 71  ? 1.512   -14.448 -8.983  1.00 26.09 ? 90  CYS A O   1 
ATOM   540  C CB  . CYS A 1 71  ? 4.002   -12.516 -9.406  1.00 20.81 ? 90  CYS A CB  1 
ATOM   541  S SG  . CYS A 1 71  ? 5.714   -12.124 -8.918  1.00 32.21 ? 90  CYS A SG  1 
ATOM   542  N N   . GLY A 1 72  ? 0.804   -12.360 -8.549  1.00 19.38 ? 91  GLY A N   1 
ATOM   543  C CA  . GLY A 1 72  ? -0.560  -12.660 -8.917  1.00 18.94 ? 91  GLY A CA  1 
ATOM   544  C C   . GLY A 1 72  ? -1.401  -12.962 -7.687  1.00 21.24 ? 91  GLY A C   1 
ATOM   545  O O   . GLY A 1 72  ? -2.626  -12.865 -7.727  1.00 24.01 ? 91  GLY A O   1 
ATOM   546  N N   . ASP A 1 73  ? -0.752  -13.345 -6.593  1.00 23.40 ? 92  ASP A N   1 
ATOM   547  C CA  . ASP A 1 73  ? -1.481  -13.632 -5.360  1.00 27.21 ? 92  ASP A CA  1 
ATOM   548  C C   . ASP A 1 73  ? -1.922  -12.339 -4.684  1.00 24.19 ? 92  ASP A C   1 
ATOM   549  O O   . ASP A 1 73  ? -1.309  -11.289 -4.875  1.00 19.26 ? 92  ASP A O   1 
ATOM   550  C CB  . ASP A 1 73  ? -0.607  -14.438 -4.391  1.00 29.22 ? 92  ASP A CB  1 
ATOM   551  C CG  . ASP A 1 73  ? -0.706  -15.937 -4.620  1.00 37.68 ? 92  ASP A CG  1 
ATOM   552  O OD1 . ASP A 1 73  ? -0.004  -16.686 -3.911  1.00 46.45 ? 92  ASP A OD1 1 
ATOM   553  O OD2 . ASP A 1 73  ? -1.485  -16.366 -5.500  1.00 36.00 ? 92  ASP A OD2 1 
ATOM   554  N N   . LYS A 1 74  ? -2.998  -12.418 -3.909  1.00 19.99 ? 93  LYS A N   1 
ATOM   555  C CA  . LYS A 1 74  ? -3.502  -11.262 -3.187  1.00 20.83 ? 93  LYS A CA  1 
ATOM   556  C C   . LYS A 1 74  ? -2.878  -11.231 -1.798  1.00 23.59 ? 93  LYS A C   1 
ATOM   557  O O   . LYS A 1 74  ? -2.513  -12.273 -1.248  1.00 16.09 ? 93  LYS A O   1 
ATOM   558  C CB  . LYS A 1 74  ? -5.031  -11.320 -3.065  1.00 21.63 ? 93  LYS A CB  1 
ATOM   559  C CG  . LYS A 1 74  ? -5.748  -11.037 -4.378  1.00 30.33 ? 93  LYS A CG  1 
ATOM   560  C CD  . LYS A 1 74  ? -7.252  -10.972 -4.219  1.00 34.71 ? 93  LYS A CD  1 
ATOM   561  C CE  . LYS A 1 74  ? -7.850  -12.342 -3.969  1.00 38.03 ? 93  LYS A CE  1 
ATOM   562  N NZ  . LYS A 1 74  ? -9.336  -12.279 -4.007  1.00 44.92 ? 93  LYS A NZ  1 
ATOM   563  N N   . ILE A 1 75  ? -2.718  -10.029 -1.256  1.00 18.64 ? 94  ILE A N   1 
ATOM   564  C CA  . ILE A 1 75  ? -2.176  -9.854  0.083   1.00 17.58 ? 94  ILE A CA  1 
ATOM   565  C C   . ILE A 1 75  ? -2.946  -8.729  0.740   1.00 14.82 ? 94  ILE A C   1 
ATOM   566  O O   . ILE A 1 75  ? -3.796  -8.100  0.119   1.00 16.80 ? 94  ILE A O   1 
ATOM   567  C CB  . ILE A 1 75  ? -0.689  -9.436  0.088   1.00 15.70 ? 94  ILE A CB  1 
ATOM   568  C CG1 . ILE A 1 75  ? -0.513  -8.089  -0.631  1.00 19.95 ? 94  ILE A CG1 1 
ATOM   569  C CG2 . ILE A 1 75  ? 0.154   -10.518 -0.541  1.00 21.39 ? 94  ILE A CG2 1 
ATOM   570  C CD1 . ILE A 1 75  ? 0.901   -7.506  -0.534  1.00 22.79 ? 94  ILE A CD1 1 
ATOM   571  N N   . ARG A 1 76  ? -2.651  -8.510  2.012   1.00 17.95 ? 95  ARG A N   1 
ATOM   572  C CA  . ARG A 1 76  ? -3.224  -7.425  2.778   1.00 15.08 ? 95  ARG A CA  1 
ATOM   573  C C   . ARG A 1 76  ? -2.003  -6.747  3.389   1.00 13.78 ? 95  ARG A C   1 
ATOM   574  O O   . ARG A 1 76  ? -0.992  -7.403  3.649   1.00 17.71 ? 95  ARG A O   1 
ATOM   575  C CB  . ARG A 1 76  ? -4.158  -7.954  3.871   1.00 16.03 ? 95  ARG A CB  1 
ATOM   576  C CG  . ARG A 1 76  ? -5.580  -8.258  3.385   1.00 17.90 ? 95  ARG A CG  1 
ATOM   577  C CD  . ARG A 1 76  ? -6.460  -8.729  4.535   1.00 18.32 ? 95  ARG A CD  1 
ATOM   578  N NE  . ARG A 1 76  ? -5.960  -9.986  5.075   1.00 18.88 ? 95  ARG A NE  1 
ATOM   579  C CZ  . ARG A 1 76  ? -6.263  -10.473 6.273   1.00 23.43 ? 95  ARG A CZ  1 
ATOM   580  N NH1 . ARG A 1 76  ? -7.078  -9.807  7.079   1.00 19.98 ? 95  ARG A NH1 1 
ATOM   581  N NH2 . ARG A 1 76  ? -5.732  -11.624 6.672   1.00 14.71 ? 95  ARG A NH2 1 
ATOM   582  N N   . LEU A 1 77  ? -2.075  -5.437  3.595   1.00 15.59 ? 96  LEU A N   1 
ATOM   583  C CA  . LEU A 1 77  ? -0.952  -4.713  4.167   1.00 15.09 ? 96  LEU A CA  1 
ATOM   584  C C   . LEU A 1 77  ? -1.388  -4.021  5.450   1.00 12.27 ? 96  LEU A C   1 
ATOM   585  O O   . LEU A 1 77  ? -2.233  -3.126  5.434   1.00 13.79 ? 96  LEU A O   1 
ATOM   586  C CB  . LEU A 1 77  ? -0.413  -3.680  3.168   1.00 20.55 ? 96  LEU A CB  1 
ATOM   587  C CG  . LEU A 1 77  ? 0.384   -4.231  1.979   1.00 25.97 ? 96  LEU A CG  1 
ATOM   588  C CD1 . LEU A 1 77  ? 0.742   -3.098  1.015   1.00 23.11 ? 96  LEU A CD1 1 
ATOM   589  C CD2 . LEU A 1 77  ? 1.658   -4.910  2.492   1.00 18.62 ? 96  LEU A CD2 1 
ATOM   590  N N   . LYS A 1 78  ? -0.800  -4.452  6.559   1.00 15.43 ? 97  LYS A N   1 
ATOM   591  C CA  . LYS A 1 78  ? -1.117  -3.895  7.867   1.00 13.62 ? 97  LYS A CA  1 
ATOM   592  C C   . LYS A 1 78  ? -0.186  -2.750  8.269   1.00 13.33 ? 97  LYS A C   1 
ATOM   593  O O   . LYS A 1 78  ? 1.038   -2.894  8.232   1.00 16.33 ? 97  LYS A O   1 
ATOM   594  C CB  . LYS A 1 78  ? -1.035  -5.005  8.914   1.00 13.69 ? 97  LYS A CB  1 
ATOM   595  C CG  . LYS A 1 78  ? -1.539  -4.592  10.293  1.00 20.49 ? 97  LYS A CG  1 
ATOM   596  C CD  . LYS A 1 78  ? -1.398  -5.738  11.270  1.00 23.55 ? 97  LYS A CD  1 
ATOM   597  C CE  . LYS A 1 78  ? -2.009  -5.404  12.615  1.00 33.61 ? 97  LYS A CE  1 
ATOM   598  N NZ  . LYS A 1 78  ? -1.827  -6.537  13.548  1.00 29.81 ? 97  LYS A NZ  1 
ATOM   599  N N   . HIS A 1 79  ? -0.761  -1.609  8.628   1.00 10.64 ? 98  HIS A N   1 
ATOM   600  C CA  . HIS A 1 79  ? 0.038   -0.477  9.071   1.00 15.52 ? 98  HIS A CA  1 
ATOM   601  C C   . HIS A 1 79  ? 0.368   -0.792  10.529  1.00 21.16 ? 98  HIS A C   1 
ATOM   602  O O   . HIS A 1 79  ? -0.522  -0.815  11.385  1.00 18.88 ? 98  HIS A O   1 
ATOM   603  C CB  . HIS A 1 79  ? -0.757  0.818   8.953   1.00 14.29 ? 98  HIS A CB  1 
ATOM   604  C CG  . HIS A 1 79  ? 0.021   2.032   9.340   1.00 22.33 ? 98  HIS A CG  1 
ATOM   605  N ND1 . HIS A 1 79  ? -0.346  2.847   10.389  1.00 17.69 ? 98  HIS A ND1 1 
ATOM   606  C CD2 . HIS A 1 79  ? 1.149   2.573   8.816   1.00 15.86 ? 98  HIS A CD2 1 
ATOM   607  C CE1 . HIS A 1 79  ? 0.519   3.843   10.491  1.00 24.14 ? 98  HIS A CE1 1 
ATOM   608  N NE2 . HIS A 1 79  ? 1.437   3.699   9.550   1.00 18.82 ? 98  HIS A NE2 1 
ATOM   609  N N   . LEU A 1 80  ? 1.645   -1.045  10.800  1.00 18.40 ? 99  LEU A N   1 
ATOM   610  C CA  . LEU A 1 80  ? 2.087   -1.439  12.132  1.00 22.07 ? 99  LEU A CA  1 
ATOM   611  C C   . LEU A 1 80  ? 1.706   -0.576  13.318  1.00 27.89 ? 99  LEU A C   1 
ATOM   612  O O   . LEU A 1 80  ? 1.205   -1.093  14.313  1.00 28.20 ? 99  LEU A O   1 
ATOM   613  C CB  . LEU A 1 80  ? 3.603   -1.652  12.148  1.00 27.86 ? 99  LEU A CB  1 
ATOM   614  C CG  . LEU A 1 80  ? 4.130   -2.983  11.608  1.00 37.42 ? 99  LEU A CG  1 
ATOM   615  C CD1 . LEU A 1 80  ? 5.602   -3.111  11.966  1.00 39.90 ? 99  LEU A CD1 1 
ATOM   616  C CD2 . LEU A 1 80  ? 3.344   -4.144  12.208  1.00 39.14 ? 99  LEU A CD2 1 
ATOM   617  N N   . THR A 1 81  ? 1.924   0.728   13.223  1.00 24.68 ? 100 THR A N   1 
ATOM   618  C CA  . THR A 1 81  ? 1.625   1.600   14.350  1.00 33.21 ? 100 THR A CA  1 
ATOM   619  C C   . THR A 1 81  ? 0.153   1.841   14.668  1.00 36.80 ? 100 THR A C   1 
ATOM   620  O O   . THR A 1 81  ? -0.166  2.230   15.790  1.00 36.81 ? 100 THR A O   1 
ATOM   621  C CB  . THR A 1 81  ? 2.324   2.963   14.194  1.00 27.30 ? 100 THR A CB  1 
ATOM   622  O OG1 . THR A 1 81  ? 1.828   3.625   13.029  1.00 22.45 ? 100 THR A OG1 1 
ATOM   623  C CG2 . THR A 1 81  ? 3.832   2.767   14.055  1.00 17.20 ? 100 THR A CG2 1 
ATOM   624  N N   . THR A 1 82  ? -0.747  1.619   13.710  1.00 26.74 ? 101 THR A N   1 
ATOM   625  C CA  . THR A 1 82  ? -2.166  1.837   13.993  1.00 24.64 ? 101 THR A CA  1 
ATOM   626  C C   . THR A 1 82  ? -3.007  0.572   13.883  1.00 26.22 ? 101 THR A C   1 
ATOM   627  O O   . THR A 1 82  ? -4.195  0.586   14.195  1.00 27.05 ? 101 THR A O   1 
ATOM   628  C CB  . THR A 1 82  ? -2.772  2.912   13.077  1.00 23.10 ? 101 THR A CB  1 
ATOM   629  O OG1 . THR A 1 82  ? -2.747  2.460   11.715  1.00 17.86 ? 101 THR A OG1 1 
ATOM   630  C CG2 . THR A 1 82  ? -1.988  4.212   13.206  1.00 25.16 ? 101 THR A CG2 1 
ATOM   631  N N   . GLY A 1 83  ? -2.387  -0.514  13.435  1.00 24.79 ? 102 GLY A N   1 
ATOM   632  C CA  . GLY A 1 83  ? -3.091  -1.778  13.317  1.00 32.71 ? 102 GLY A CA  1 
ATOM   633  C C   . GLY A 1 83  ? -4.139  -1.872  12.221  1.00 30.03 ? 102 GLY A C   1 
ATOM   634  O O   . GLY A 1 83  ? -4.865  -2.865  12.142  1.00 25.94 ? 102 GLY A O   1 
ATOM   635  N N   . THR A 1 84  ? -4.216  -0.842  11.386  1.00 17.98 ? 103 THR A N   1 
ATOM   636  C CA  . THR A 1 84  ? -5.165  -0.785  10.283  1.00 19.89 ? 103 THR A CA  1 
ATOM   637  C C   . THR A 1 84  ? -4.621  -1.512  9.040   1.00 19.98 ? 103 THR A C   1 
ATOM   638  O O   . THR A 1 84  ? -3.477  -1.978  9.034   1.00 15.58 ? 103 THR A O   1 
ATOM   639  C CB  . THR A 1 84  ? -5.438  0.671   9.896   1.00 18.62 ? 103 THR A CB  1 
ATOM   640  O OG1 . THR A 1 84  ? -4.188  1.339   9.717   1.00 23.14 ? 103 THR A OG1 1 
ATOM   641  C CG2 . THR A 1 84  ? -6.243  1.389   10.977  1.00 22.72 ? 103 THR A CG2 1 
ATOM   642  N N   . PHE A 1 85  ? -5.441  -1.597  7.992   1.00 17.92 ? 104 PHE A N   1 
ATOM   643  C CA  . PHE A 1 85  ? -5.037  -2.246  6.745   1.00 18.35 ? 104 PHE A CA  1 
ATOM   644  C C   . PHE A 1 85  ? -5.199  -1.317  5.542   1.00 18.27 ? 104 PHE A C   1 
ATOM   645  O O   . PHE A 1 85  ? -6.123  -0.503  5.496   1.00 23.05 ? 104 PHE A O   1 
ATOM   646  C CB  . PHE A 1 85  ? -5.858  -3.525  6.497   1.00 22.41 ? 104 PHE A CB  1 
ATOM   647  C CG  . PHE A 1 85  ? -5.383  -4.722  7.281   1.00 21.72 ? 104 PHE A CG  1 
ATOM   648  C CD1 . PHE A 1 85  ? -5.901  -5.001  8.540   1.00 18.02 ? 104 PHE A CD1 1 
ATOM   649  C CD2 . PHE A 1 85  ? -4.400  -5.562  6.759   1.00 15.54 ? 104 PHE A CD2 1 
ATOM   650  C CE1 . PHE A 1 85  ? -5.451  -6.098  9.273   1.00 15.30 ? 104 PHE A CE1 1 
ATOM   651  C CE2 . PHE A 1 85  ? -3.943  -6.657  7.480   1.00 13.76 ? 104 PHE A CE2 1 
ATOM   652  C CZ  . PHE A 1 85  ? -4.472  -6.928  8.745   1.00 20.90 ? 104 PHE A CZ  1 
ATOM   653  N N   . LEU A 1 86  ? -4.296  -1.430  4.569   1.00 19.81 ? 105 LEU A N   1 
ATOM   654  C CA  . LEU A 1 86  ? -4.390  -0.612  3.368   1.00 12.06 ? 105 LEU A CA  1 
ATOM   655  C C   . LEU A 1 86  ? -5.746  -0.988  2.774   1.00 17.67 ? 105 LEU A C   1 
ATOM   656  O O   . LEU A 1 86  ? -6.004  -2.161  2.478   1.00 19.96 ? 105 LEU A O   1 
ATOM   657  C CB  . LEU A 1 86  ? -3.276  -0.975  2.397   1.00 16.62 ? 105 LEU A CB  1 
ATOM   658  C CG  . LEU A 1 86  ? -3.120  -0.029  1.217   1.00 15.69 ? 105 LEU A CG  1 
ATOM   659  C CD1 . LEU A 1 86  ? -2.744  1.371   1.728   1.00 15.71 ? 105 LEU A CD1 1 
ATOM   660  C CD2 . LEU A 1 86  ? -2.058  -0.577  0.280   1.00 13.78 ? 105 LEU A CD2 1 
ATOM   661  N N   . HIS A 1 87  ? -6.592  0.008   2.568   1.00 17.70 ? 106 HIS A N   1 
ATOM   662  C CA  . HIS A 1 87  ? -7.954  -0.236  2.109   1.00 24.95 ? 106 HIS A CA  1 
ATOM   663  C C   . HIS A 1 87  ? -8.397  0.650   0.957   1.00 22.73 ? 106 HIS A C   1 
ATOM   664  O O   . HIS A 1 87  ? -7.900  1.762   0.779   1.00 22.46 ? 106 HIS A O   1 
ATOM   665  C CB  . HIS A 1 87  ? -8.888  0.007   3.299   1.00 20.61 ? 106 HIS A CB  1 
ATOM   666  C CG  . HIS A 1 87  ? -10.293 -0.462  3.096   1.00 20.55 ? 106 HIS A CG  1 
ATOM   667  N ND1 . HIS A 1 87  ? -10.709 -1.731  3.443   1.00 22.75 ? 106 HIS A ND1 1 
ATOM   668  C CD2 . HIS A 1 87  ? -11.397 0.189   2.657   1.00 29.16 ? 106 HIS A CD2 1 
ATOM   669  C CE1 . HIS A 1 87  ? -12.009 -1.838  3.233   1.00 23.47 ? 106 HIS A CE1 1 
ATOM   670  N NE2 . HIS A 1 87  ? -12.452 -0.687  2.758   1.00 22.42 ? 106 HIS A NE2 1 
ATOM   671  N N   . SER A 1 88  ? -9.327  0.137   0.158   1.00 23.14 ? 107 SER A N   1 
ATOM   672  C CA  . SER A 1 88  ? -9.885  0.930   -0.922  1.00 21.91 ? 107 SER A CA  1 
ATOM   673  C C   . SER A 1 88  ? -11.366 0.627   -1.060  1.00 27.58 ? 107 SER A C   1 
ATOM   674  O O   . SER A 1 88  ? -11.873 -0.356  -0.512  1.00 20.45 ? 107 SER A O   1 
ATOM   675  C CB  . SER A 1 88  ? -9.174  0.697   -2.244  1.00 21.58 ? 107 SER A CB  1 
ATOM   676  O OG  . SER A 1 88  ? -9.319  1.870   -3.036  1.00 20.62 ? 107 SER A OG  1 
ATOM   677  N N   . HIS A 1 89  ? -12.057 1.479   -1.800  1.00 31.87 ? 108 HIS A N   1 
ATOM   678  C CA  . HIS A 1 89  ? -13.494 1.347   -1.952  1.00 33.03 ? 108 HIS A CA  1 
ATOM   679  C C   . HIS A 1 89  ? -14.009 2.405   -2.911  1.00 33.58 ? 108 HIS A C   1 
ATOM   680  O O   . HIS A 1 89  ? -13.225 3.142   -3.509  1.00 29.61 ? 108 HIS A O   1 
ATOM   681  C CB  . HIS A 1 89  ? -14.140 1.514   -0.577  1.00 30.72 ? 108 HIS A CB  1 
ATOM   682  C CG  . HIS A 1 89  ? -13.457 2.532   0.285   1.00 28.32 ? 108 HIS A CG  1 
ATOM   683  N ND1 . HIS A 1 89  ? -13.663 2.614   1.645   1.00 27.84 ? 108 HIS A ND1 1 
ATOM   684  C CD2 . HIS A 1 89  ? -12.571 3.511   -0.020  1.00 29.18 ? 108 HIS A CD2 1 
ATOM   685  C CE1 . HIS A 1 89  ? -12.933 3.599   2.139   1.00 32.72 ? 108 HIS A CE1 1 
ATOM   686  N NE2 . HIS A 1 89  ? -12.260 4.159   1.150   1.00 22.60 ? 108 HIS A NE2 1 
ATOM   687  N N   . HIS A 1 90  ? -15.329 2.482   -3.048  1.00 39.24 ? 109 HIS A N   1 
ATOM   688  C CA  . HIS A 1 90  ? -15.941 3.437   -3.956  1.00 43.99 ? 109 HIS A CA  1 
ATOM   689  C C   . HIS A 1 90  ? -16.160 4.847   -3.419  1.00 41.96 ? 109 HIS A C   1 
ATOM   690  O O   . HIS A 1 90  ? -17.277 5.357   -3.435  1.00 44.14 ? 109 HIS A O   1 
ATOM   691  C CB  . HIS A 1 90  ? -17.269 2.886   -4.484  1.00 49.87 ? 109 HIS A CB  1 
ATOM   692  C CG  . HIS A 1 90  ? -17.110 1.888   -5.587  1.00 61.18 ? 109 HIS A CG  1 
ATOM   693  N ND1 . HIS A 1 90  ? -16.365 2.143   -6.718  1.00 65.80 ? 109 HIS A ND1 1 
ATOM   694  C CD2 . HIS A 1 90  ? -17.618 0.642   -5.745  1.00 68.17 ? 109 HIS A CD2 1 
ATOM   695  C CE1 . HIS A 1 90  ? -16.420 1.099   -7.525  1.00 66.87 ? 109 HIS A CE1 1 
ATOM   696  N NE2 . HIS A 1 90  ? -17.175 0.175   -6.959  1.00 68.33 ? 109 HIS A NE2 1 
ATOM   697  N N   . PHE A 1 91  ? -15.096 5.469   -2.933  1.00 36.73 ? 110 PHE A N   1 
ATOM   698  C CA  . PHE A 1 91  ? -15.182 6.840   -2.455  1.00 38.47 ? 110 PHE A CA  1 
ATOM   699  C C   . PHE A 1 91  ? -14.202 7.630   -3.310  1.00 34.69 ? 110 PHE A C   1 
ATOM   700  O O   . PHE A 1 91  ? -13.276 7.061   -3.885  1.00 39.03 ? 110 PHE A O   1 
ATOM   701  C CB  . PHE A 1 91  ? -14.808 6.950   -0.970  1.00 37.20 ? 110 PHE A CB  1 
ATOM   702  C CG  . PHE A 1 91  ? -15.819 6.335   -0.037  1.00 36.66 ? 110 PHE A CG  1 
ATOM   703  C CD1 . PHE A 1 91  ? -15.726 4.999   0.331   1.00 38.68 ? 110 PHE A CD1 1 
ATOM   704  C CD2 . PHE A 1 91  ? -16.871 7.095   0.466   1.00 40.00 ? 110 PHE A CD2 1 
ATOM   705  C CE1 . PHE A 1 91  ? -16.670 4.423   1.192   1.00 49.27 ? 110 PHE A CE1 1 
ATOM   706  C CE2 . PHE A 1 91  ? -17.818 6.534   1.324   1.00 42.84 ? 110 PHE A CE2 1 
ATOM   707  C CZ  . PHE A 1 91  ? -17.717 5.193   1.689   1.00 47.93 ? 110 PHE A CZ  1 
ATOM   708  N N   . THR A 1 92  ? -14.405 8.937   -3.404  1.00 40.91 ? 111 THR A N   1 
ATOM   709  C CA  . THR A 1 92  ? -13.532 9.771   -4.219  1.00 38.98 ? 111 THR A CA  1 
ATOM   710  C C   . THR A 1 92  ? -12.304 10.215  -3.424  1.00 38.77 ? 111 THR A C   1 
ATOM   711  O O   . THR A 1 92  ? -12.400 10.498  -2.228  1.00 40.14 ? 111 THR A O   1 
ATOM   712  C CB  . THR A 1 92  ? -14.297 11.009  -4.732  1.00 41.08 ? 111 THR A CB  1 
ATOM   713  O OG1 . THR A 1 92  ? -13.568 11.614  -5.806  1.00 52.27 ? 111 THR A OG1 1 
ATOM   714  C CG2 . THR A 1 92  ? -14.476 12.024  -3.613  1.00 43.62 ? 111 THR A CG2 1 
ATOM   715  N N   . ALA A 1 93  ? -11.152 10.260  -4.091  1.00 31.39 ? 112 ALA A N   1 
ATOM   716  C CA  . ALA A 1 93  ? -9.903  10.674  -3.452  1.00 37.46 ? 112 ALA A CA  1 
ATOM   717  C C   . ALA A 1 93  ? -10.090 12.047  -2.812  1.00 40.25 ? 112 ALA A C   1 
ATOM   718  O O   . ALA A 1 93  ? -10.959 12.817  -3.225  1.00 42.76 ? 112 ALA A O   1 
ATOM   719  C CB  . ALA A 1 93  ? -8.774  10.723  -4.483  1.00 30.39 ? 112 ALA A CB  1 
ATOM   720  N N   . PRO A 1 94  ? -9.274  12.372  -1.794  1.00 38.42 ? 113 PRO A N   1 
ATOM   721  C CA  . PRO A 1 94  ? -9.366  13.663  -1.102  1.00 35.67 ? 113 PRO A CA  1 
ATOM   722  C C   . PRO A 1 94  ? -9.024  14.908  -1.926  1.00 37.03 ? 113 PRO A C   1 
ATOM   723  O O   . PRO A 1 94  ? -9.723  15.912  -1.838  1.00 40.77 ? 113 PRO A O   1 
ATOM   724  C CB  . PRO A 1 94  ? -8.430  13.481  0.088   1.00 29.83 ? 113 PRO A CB  1 
ATOM   725  C CG  . PRO A 1 94  ? -7.395  12.546  -0.445  1.00 29.44 ? 113 PRO A CG  1 
ATOM   726  C CD  . PRO A 1 94  ? -8.235  11.527  -1.181  1.00 36.05 ? 113 PRO A CD  1 
ATOM   727  N N   . LEU A 1 95  ? -7.956  14.852  -2.716  1.00 35.63 ? 114 LEU A N   1 
ATOM   728  C CA  . LEU A 1 95  ? -7.559  16.006  -3.523  1.00 36.64 ? 114 LEU A CA  1 
ATOM   729  C C   . LEU A 1 95  ? -7.731  15.766  -5.015  1.00 42.63 ? 114 LEU A C   1 
ATOM   730  O O   . LEU A 1 95  ? -7.769  16.713  -5.801  1.00 47.02 ? 114 LEU A O   1 
ATOM   731  C CB  . LEU A 1 95  ? -6.101  16.387  -3.242  1.00 38.74 ? 114 LEU A CB  1 
ATOM   732  C CG  . LEU A 1 95  ? -5.720  16.734  -1.799  1.00 40.77 ? 114 LEU A CG  1 
ATOM   733  C CD1 . LEU A 1 95  ? -4.229  17.020  -1.729  1.00 39.69 ? 114 LEU A CD1 1 
ATOM   734  C CD2 . LEU A 1 95  ? -6.523  17.933  -1.317  1.00 40.79 ? 114 LEU A CD2 1 
ATOM   735  N N   . SER A 1 96  ? -7.824  14.502  -5.408  1.00 36.08 ? 115 SER A N   1 
ATOM   736  C CA  . SER A 1 96  ? -8.002  14.167  -6.816  1.00 41.78 ? 115 SER A CA  1 
ATOM   737  C C   . SER A 1 96  ? -9.376  13.549  -7.034  1.00 42.25 ? 115 SER A C   1 
ATOM   738  O O   . SER A 1 96  ? -9.560  12.338  -6.911  1.00 39.09 ? 115 SER A O   1 
ATOM   739  C CB  . SER A 1 96  ? -6.908  13.205  -7.276  1.00 39.54 ? 115 SER A CB  1 
ATOM   740  O OG  . SER A 1 96  ? -5.644  13.838  -7.229  1.00 35.31 ? 115 SER A OG  1 
ATOM   741  N N   . LYS A 1 97  ? -10.337 14.406  -7.360  1.00 45.24 ? 116 LYS A N   1 
ATOM   742  C CA  . LYS A 1 97  ? -11.719 13.999  -7.589  1.00 45.06 ? 116 LYS A CA  1 
ATOM   743  C C   . LYS A 1 97  ? -11.892 12.858  -8.589  1.00 42.14 ? 116 LYS A C   1 
ATOM   744  O O   . LYS A 1 97  ? -12.793 12.026  -8.440  1.00 43.54 ? 116 LYS A O   1 
ATOM   745  C CB  . LYS A 1 97  ? -12.530 15.207  -8.063  1.00 48.52 ? 116 LYS A CB  1 
ATOM   746  C CG  . LYS A 1 97  ? -12.645 16.332  -7.044  1.00 52.57 ? 116 LYS A CG  1 
ATOM   747  C CD  . LYS A 1 97  ? -13.566 15.956  -5.893  1.00 57.98 ? 116 LYS A CD  1 
ATOM   748  C CE  . LYS A 1 97  ? -13.893 17.170  -5.026  1.00 61.18 ? 116 LYS A CE  1 
ATOM   749  N NZ  . LYS A 1 97  ? -14.974 16.891  -4.028  1.00 58.28 ? 116 LYS A NZ  1 
ATOM   750  N N   . GLN A 1 98  ? -11.038 12.819  -9.608  1.00 36.04 ? 117 GLN A N   1 
ATOM   751  C CA  . GLN A 1 98  ? -11.129 11.787  -10.634 1.00 38.17 ? 117 GLN A CA  1 
ATOM   752  C C   . GLN A 1 98  ? -10.639 10.425  -10.170 1.00 40.86 ? 117 GLN A C   1 
ATOM   753  O O   . GLN A 1 98  ? -10.815 9.422   -10.870 1.00 39.81 ? 117 GLN A O   1 
ATOM   754  C CB  . GLN A 1 98  ? -10.336 12.188  -11.880 1.00 38.01 ? 117 GLN A CB  1 
ATOM   755  C CG  . GLN A 1 98  ? -9.707  13.576  -11.852 1.00 49.40 ? 117 GLN A CG  1 
ATOM   756  C CD  . GLN A 1 98  ? -8.537  13.694  -10.891 1.00 36.04 ? 117 GLN A CD  1 
ATOM   757  O OE1 . GLN A 1 98  ? -8.722  13.824  -9.682  1.00 47.61 ? 117 GLN A OE1 1 
ATOM   758  N NE2 . GLN A 1 98  ? -7.322  13.644  -11.429 1.00 30.21 ? 117 GLN A NE2 1 
ATOM   759  N N   . HIS A 1 99  ? -10.020 10.383  -8.996  1.00 35.91 ? 118 HIS A N   1 
ATOM   760  C CA  . HIS A 1 99  ? -9.501  9.127   -8.494  1.00 31.16 ? 118 HIS A CA  1 
ATOM   761  C C   . HIS A 1 99  ? -10.210 8.579   -7.271  1.00 35.68 ? 118 HIS A C   1 
ATOM   762  O O   . HIS A 1 99  ? -10.964 9.277   -6.587  1.00 37.44 ? 118 HIS A O   1 
ATOM   763  C CB  . HIS A 1 99  ? -7.998  9.248   -8.233  1.00 34.15 ? 118 HIS A CB  1 
ATOM   764  C CG  . HIS A 1 99  ? -7.191  9.437   -9.480  1.00 30.13 ? 118 HIS A CG  1 
ATOM   765  N ND1 . HIS A 1 99  ? -7.404  8.691   -10.620 1.00 34.64 ? 118 HIS A ND1 1 
ATOM   766  C CD2 . HIS A 1 99  ? -6.165  10.273  -9.764  1.00 30.49 ? 118 HIS A CD2 1 
ATOM   767  C CE1 . HIS A 1 99  ? -6.544  9.056   -11.553 1.00 34.06 ? 118 HIS A CE1 1 
ATOM   768  N NE2 . HIS A 1 99  ? -5.780  10.015  -11.059 1.00 36.14 ? 118 HIS A NE2 1 
ATOM   769  N N   . GLN A 1 100 ? -9.947  7.304   -7.018  1.00 32.92 ? 119 GLN A N   1 
ATOM   770  C CA  . GLN A 1 100 ? -10.529 6.564   -5.916  1.00 29.72 ? 119 GLN A CA  1 
ATOM   771  C C   . GLN A 1 100 ? -9.696  6.745   -4.649  1.00 32.33 ? 119 GLN A C   1 
ATOM   772  O O   . GLN A 1 100 ? -8.467  6.830   -4.707  1.00 26.83 ? 119 GLN A O   1 
ATOM   773  C CB  . GLN A 1 100 ? -10.595 5.096   -6.324  1.00 33.59 ? 119 GLN A CB  1 
ATOM   774  C CG  . GLN A 1 100 ? -11.265 4.150   -5.359  1.00 35.49 ? 119 GLN A CG  1 
ATOM   775  C CD  . GLN A 1 100 ? -11.389 2.766   -5.961  1.00 44.06 ? 119 GLN A CD  1 
ATOM   776  O OE1 . GLN A 1 100 ? -12.171 2.552   -6.891  1.00 45.61 ? 119 GLN A OE1 1 
ATOM   777  N NE2 . GLN A 1 100 ? -10.602 1.824   -5.456  1.00 27.33 ? 119 GLN A NE2 1 
ATOM   778  N N   . GLU A 1 101 ? -10.377 6.807   -3.510  1.00 27.21 ? 120 GLU A N   1 
ATOM   779  C CA  . GLU A 1 101 ? -9.733  6.991   -2.215  1.00 31.98 ? 120 GLU A CA  1 
ATOM   780  C C   . GLU A 1 101 ? -9.021  5.730   -1.740  1.00 33.12 ? 120 GLU A C   1 
ATOM   781  O O   . GLU A 1 101 ? -9.477  4.612   -1.983  1.00 27.43 ? 120 GLU A O   1 
ATOM   782  C CB  . GLU A 1 101 ? -10.776 7.382   -1.160  1.00 26.34 ? 120 GLU A CB  1 
ATOM   783  C CG  . GLU A 1 101 ? -10.207 7.807   0.189   1.00 26.41 ? 120 GLU A CG  1 
ATOM   784  C CD  . GLU A 1 101 ? -11.245 7.754   1.310   1.00 37.34 ? 120 GLU A CD  1 
ATOM   785  O OE1 . GLU A 1 101 ? -11.446 6.665   1.893   1.00 34.01 ? 120 GLU A OE1 1 
ATOM   786  O OE2 . GLU A 1 101 ? -11.868 8.796   1.605   1.00 34.00 ? 120 GLU A OE2 1 
ATOM   787  N N   . VAL A 1 102 ? -7.893  5.927   -1.065  1.00 28.68 ? 121 VAL A N   1 
ATOM   788  C CA  . VAL A 1 102 ? -7.131  4.824   -0.500  1.00 18.26 ? 121 VAL A CA  1 
ATOM   789  C C   . VAL A 1 102 ? -6.985  5.186   0.972   1.00 15.73 ? 121 VAL A C   1 
ATOM   790  O O   . VAL A 1 102 ? -6.533  6.272   1.304   1.00 22.39 ? 121 VAL A O   1 
ATOM   791  C CB  . VAL A 1 102 ? -5.750  4.680   -1.169  1.00 22.34 ? 121 VAL A CB  1 
ATOM   792  C CG1 . VAL A 1 102 ? -4.898  3.688   -0.389  1.00 16.48 ? 121 VAL A CG1 1 
ATOM   793  C CG2 . VAL A 1 102 ? -5.926  4.186   -2.602  1.00 26.65 ? 121 VAL A CG2 1 
ATOM   794  N N   . SER A 1 103 ? -7.372  4.280   1.856   1.00 17.73 ? 122 SER A N   1 
ATOM   795  C CA  . SER A 1 103 ? -7.317  4.565   3.284   1.00 16.30 ? 122 SER A CA  1 
ATOM   796  C C   . SER A 1 103 ? -6.689  3.443   4.086   1.00 19.39 ? 122 SER A C   1 
ATOM   797  O O   . SER A 1 103 ? -6.316  2.407   3.537   1.00 18.32 ? 122 SER A O   1 
ATOM   798  C CB  . SER A 1 103 ? -8.740  4.814   3.792   1.00 19.03 ? 122 SER A CB  1 
ATOM   799  O OG  . SER A 1 103 ? -9.552  3.667   3.556   1.00 21.56 ? 122 SER A OG  1 
ATOM   800  N N   . ALA A 1 104 ? -6.554  3.674   5.389   1.00 16.70 ? 123 ALA A N   1 
ATOM   801  C CA  . ALA A 1 104 ? -6.024  2.684   6.320   1.00 16.07 ? 123 ALA A CA  1 
ATOM   802  C C   . ALA A 1 104 ? -7.273  2.360   7.141   1.00 26.23 ? 123 ALA A C   1 
ATOM   803  O O   . ALA A 1 104 ? -7.773  3.207   7.885   1.00 20.74 ? 123 ALA A O   1 
ATOM   804  C CB  . ALA A 1 104 ? -4.951  3.294   7.195   1.00 20.94 ? 123 ALA A CB  1 
ATOM   805  N N   . PHE A 1 105 ? -7.781  1.143   6.988   1.00 21.78 ? 124 PHE A N   1 
ATOM   806  C CA  . PHE A 1 105 ? -9.014  0.760   7.654   1.00 27.82 ? 124 PHE A CA  1 
ATOM   807  C C   . PHE A 1 105 ? -8.996  -0.404  8.637   1.00 21.84 ? 124 PHE A C   1 
ATOM   808  O O   . PHE A 1 105 ? -8.107  -1.257  8.624   1.00 23.70 ? 124 PHE A O   1 
ATOM   809  C CB  . PHE A 1 105 ? -10.087 0.513   6.571   1.00 33.17 ? 124 PHE A CB  1 
ATOM   810  C CG  . PHE A 1 105 ? -11.285 -0.268  7.054   1.00 46.24 ? 124 PHE A CG  1 
ATOM   811  C CD1 . PHE A 1 105 ? -11.315 -1.661  6.952   1.00 50.24 ? 124 PHE A CD1 1 
ATOM   812  C CD2 . PHE A 1 105 ? -12.367 0.383   7.636   1.00 44.44 ? 124 PHE A CD2 1 
ATOM   813  C CE1 . PHE A 1 105 ? -12.410 -2.392  7.423   1.00 55.94 ? 124 PHE A CE1 1 
ATOM   814  C CE2 . PHE A 1 105 ? -13.464 -0.335  8.112   1.00 50.06 ? 124 PHE A CE2 1 
ATOM   815  C CZ  . PHE A 1 105 ? -13.485 -1.727  8.005   1.00 50.60 ? 124 PHE A CZ  1 
ATOM   816  N N   . GLY A 1 106 ? -10.000 -0.396  9.514   1.00 28.18 ? 125 GLY A N   1 
ATOM   817  C CA  . GLY A 1 106 ? -10.194 -1.452  10.491  1.00 18.74 ? 125 GLY A CA  1 
ATOM   818  C C   . GLY A 1 106 ? -9.061  -2.014  11.318  1.00 19.21 ? 125 GLY A C   1 
ATOM   819  O O   . GLY A 1 106 ? -8.325  -1.279  11.975  1.00 25.00 ? 125 GLY A O   1 
ATOM   820  N N   . SER A 1 107 ? -8.954  -3.342  11.291  1.00 15.81 ? 126 SER A N   1 
ATOM   821  C CA  . SER A 1 107 ? -7.964  -4.099  12.054  1.00 17.95 ? 126 SER A CA  1 
ATOM   822  C C   . SER A 1 107 ? -8.093  -5.550  11.611  1.00 11.07 ? 126 SER A C   1 
ATOM   823  O O   . SER A 1 107 ? -8.856  -5.847  10.705  1.00 23.18 ? 126 SER A O   1 
ATOM   824  C CB  . SER A 1 107 ? -8.290  -4.020  13.545  1.00 36.05 ? 126 SER A CB  1 
ATOM   825  O OG  . SER A 1 107 ? -9.537  -4.660  13.799  1.00 32.55 ? 126 SER A OG  1 
ATOM   826  N N   . GLU A 1 108 ? -7.374  -6.459  12.259  1.00 18.71 ? 127 GLU A N   1 
ATOM   827  C CA  . GLU A 1 108 ? -7.465  -7.865  11.887  1.00 25.35 ? 127 GLU A CA  1 
ATOM   828  C C   . GLU A 1 108 ? -8.890  -8.381  12.073  1.00 32.33 ? 127 GLU A C   1 
ATOM   829  O O   . GLU A 1 108 ? -9.367  -9.225  11.308  1.00 28.03 ? 127 GLU A O   1 
ATOM   830  C CB  . GLU A 1 108 ? -6.494  -8.705  12.721  1.00 26.06 ? 127 GLU A CB  1 
ATOM   831  C CG  . GLU A 1 108 ? -5.047  -8.526  12.310  1.00 30.24 ? 127 GLU A CG  1 
ATOM   832  C CD  . GLU A 1 108 ? -4.091  -9.365  13.122  1.00 32.52 ? 127 GLU A CD  1 
ATOM   833  O OE1 . GLU A 1 108 ? -4.303  -10.594 13.232  1.00 36.10 ? 127 GLU A OE1 1 
ATOM   834  O OE2 . GLU A 1 108 ? -3.115  -8.794  13.641  1.00 30.08 ? 127 GLU A OE2 1 
ATOM   835  N N   . ALA A 1 109 ? -9.566  -7.860  13.092  1.00 34.35 ? 128 ALA A N   1 
ATOM   836  C CA  . ALA A 1 109 ? -10.933 -8.266  13.392  1.00 31.82 ? 128 ALA A CA  1 
ATOM   837  C C   . ALA A 1 109 ? -11.945 -7.708  12.398  1.00 23.86 ? 128 ALA A C   1 
ATOM   838  O O   . ALA A 1 109 ? -12.887 -8.399  12.031  1.00 24.55 ? 128 ALA A O   1 
ATOM   839  C CB  . ALA A 1 109 ? -11.309 -7.828  14.810  1.00 29.10 ? 128 ALA A CB  1 
ATOM   840  N N   . GLU A 1 110 ? -11.753 -6.467  11.961  1.00 21.94 ? 129 GLU A N   1 
ATOM   841  C CA  . GLU A 1 110 ? -12.691 -5.839  11.028  1.00 23.13 ? 129 GLU A CA  1 
ATOM   842  C C   . GLU A 1 110 ? -12.344 -6.009  9.548   1.00 21.98 ? 129 GLU A C   1 
ATOM   843  O O   . GLU A 1 110 ? -13.122 -5.620  8.681   1.00 24.31 ? 129 GLU A O   1 
ATOM   844  C CB  . GLU A 1 110 ? -12.785 -4.338  11.299  1.00 16.36 ? 129 GLU A CB  1 
ATOM   845  C CG  . GLU A 1 110 ? -13.160 -3.947  12.714  1.00 20.95 ? 129 GLU A CG  1 
ATOM   846  C CD  . GLU A 1 110 ? -12.840 -2.496  12.987  1.00 14.22 ? 129 GLU A CD  1 
ATOM   847  O OE1 . GLU A 1 110 ? -13.685 -1.622  12.711  1.00 30.84 ? 129 GLU A OE1 1 
ATOM   848  O OE2 . GLU A 1 110 ? -11.716 -2.225  13.458  1.00 30.97 ? 129 GLU A OE2 1 
ATOM   849  N N   . SER A 1 111 ? -11.170 -6.552  9.266   1.00 22.32 ? 130 SER A N   1 
ATOM   850  C CA  . SER A 1 111 ? -10.718 -6.718  7.886   1.00 27.80 ? 130 SER A CA  1 
ATOM   851  C C   . SER A 1 111 ? -11.711 -7.456  6.986   1.00 28.32 ? 130 SER A C   1 
ATOM   852  O O   . SER A 1 111 ? -12.290 -8.468  7.386   1.00 26.71 ? 130 SER A O   1 
ATOM   853  C CB  . SER A 1 111 ? -9.376  -7.453  7.875   1.00 31.02 ? 130 SER A CB  1 
ATOM   854  O OG  . SER A 1 111 ? -8.865  -7.574  6.556   1.00 27.26 ? 130 SER A OG  1 
ATOM   855  N N   . ASP A 1 112 ? -11.902 -6.933  5.776   1.00 27.76 ? 131 ASP A N   1 
ATOM   856  C CA  . ASP A 1 112 ? -12.796 -7.541  4.786   1.00 33.60 ? 131 ASP A CA  1 
ATOM   857  C C   . ASP A 1 112 ? -12.129 -7.585  3.408   1.00 28.61 ? 131 ASP A C   1 
ATOM   858  O O   . ASP A 1 112 ? -10.957 -7.226  3.275   1.00 28.09 ? 131 ASP A O   1 
ATOM   859  C CB  . ASP A 1 112 ? -14.131 -6.782  4.700   1.00 27.91 ? 131 ASP A CB  1 
ATOM   860  C CG  . ASP A 1 112 ? -13.969 -5.331  4.273   1.00 30.93 ? 131 ASP A CG  1 
ATOM   861  O OD1 . ASP A 1 112 ? -13.067 -5.026  3.466   1.00 32.83 ? 131 ASP A OD1 1 
ATOM   862  O OD2 . ASP A 1 112 ? -14.771 -4.489  4.732   1.00 35.70 ? 131 ASP A OD2 1 
ATOM   863  N N   . THR A 1 113 ? -12.870 -8.014  2.387   1.00 26.65 ? 132 THR A N   1 
ATOM   864  C CA  . THR A 1 113 ? -12.328 -8.117  1.025   1.00 25.17 ? 132 THR A CA  1 
ATOM   865  C C   . THR A 1 113 ? -11.758 -6.800  0.487   1.00 23.58 ? 132 THR A C   1 
ATOM   866  O O   . THR A 1 113 ? -10.942 -6.795  -0.442  1.00 20.37 ? 132 THR A O   1 
ATOM   867  C CB  . THR A 1 113 ? -13.399 -8.634  0.022   1.00 21.23 ? 132 THR A CB  1 
ATOM   868  O OG1 . THR A 1 113 ? -14.499 -7.715  -0.033  1.00 25.42 ? 132 THR A OG1 1 
ATOM   869  C CG2 . THR A 1 113 ? -13.905 -9.998  0.439   1.00 31.36 ? 132 THR A CG2 1 
ATOM   870  N N   . GLY A 1 114 ? -12.195 -5.685  1.061   1.00 19.33 ? 133 GLY A N   1 
ATOM   871  C CA  . GLY A 1 114 ? -11.699 -4.391  0.624   1.00 16.23 ? 133 GLY A CA  1 
ATOM   872  C C   . GLY A 1 114 ? -10.224 -4.177  0.944   1.00 17.50 ? 133 GLY A C   1 
ATOM   873  O O   . GLY A 1 114 ? -9.618  -3.223  0.451   1.00 21.71 ? 133 GLY A O   1 
ATOM   874  N N   . ASP A 1 115 ? -9.648  -5.053  1.764   1.00 14.38 ? 134 ASP A N   1 
ATOM   875  C CA  . ASP A 1 115 ? -8.242  -4.948  2.147   1.00 14.69 ? 134 ASP A CA  1 
ATOM   876  C C   . ASP A 1 115 ? -7.311  -5.747  1.228   1.00 22.75 ? 134 ASP A C   1 
ATOM   877  O O   . ASP A 1 115 ? -6.088  -5.646  1.359   1.00 17.00 ? 134 ASP A O   1 
ATOM   878  C CB  . ASP A 1 115 ? -8.021  -5.442  3.588   1.00 11.31 ? 134 ASP A CB  1 
ATOM   879  C CG  . ASP A 1 115 ? -8.756  -4.600  4.630   1.00 20.68 ? 134 ASP A CG  1 
ATOM   880  O OD1 . ASP A 1 115 ? -8.916  -3.383  4.416   1.00 20.93 ? 134 ASP A OD1 1 
ATOM   881  O OD2 . ASP A 1 115 ? -9.150  -5.164  5.677   1.00 19.47 ? 134 ASP A OD2 1 
ATOM   882  N N   . ASP A 1 116 ? -7.890  -6.532  0.311   1.00 16.29 ? 135 ASP A N   1 
ATOM   883  C CA  . ASP A 1 116 ? -7.104  -7.365  -0.601  1.00 15.04 ? 135 ASP A CA  1 
ATOM   884  C C   . ASP A 1 116 ? -6.491  -6.634  -1.799  1.00 11.53 ? 135 ASP A C   1 
ATOM   885  O O   . ASP A 1 116 ? -7.177  -5.914  -2.522  1.00 18.19 ? 135 ASP A O   1 
ATOM   886  C CB  . ASP A 1 116 ? -7.947  -8.534  -1.142  1.00 21.95 ? 135 ASP A CB  1 
ATOM   887  C CG  . ASP A 1 116 ? -8.271  -9.582  -0.082  1.00 30.84 ? 135 ASP A CG  1 
ATOM   888  O OD1 . ASP A 1 116 ? -7.520  -9.709  0.914   1.00 24.55 ? 135 ASP A OD1 1 
ATOM   889  O OD2 . ASP A 1 116 ? -9.282  -10.301 -0.263  1.00 28.43 ? 135 ASP A OD2 1 
ATOM   890  N N   . TRP A 1 117 ? -5.197  -6.854  -2.010  1.00 16.58 ? 136 TRP A N   1 
ATOM   891  C CA  . TRP A 1 117 ? -4.471  -6.254  -3.125  1.00 16.95 ? 136 TRP A CA  1 
ATOM   892  C C   . TRP A 1 117 ? -3.706  -7.342  -3.882  1.00 23.66 ? 136 TRP A C   1 
ATOM   893  O O   . TRP A 1 117 ? -3.030  -8.171  -3.270  1.00 20.27 ? 136 TRP A O   1 
ATOM   894  C CB  . TRP A 1 117 ? -3.466  -5.210  -2.633  1.00 17.98 ? 136 TRP A CB  1 
ATOM   895  C CG  . TRP A 1 117 ? -4.090  -4.053  -1.916  1.00 15.86 ? 136 TRP A CG  1 
ATOM   896  C CD1 . TRP A 1 117 ? -4.486  -4.019  -0.612  1.00 20.12 ? 136 TRP A CD1 1 
ATOM   897  C CD2 . TRP A 1 117 ? -4.396  -2.764  -2.463  1.00 17.06 ? 136 TRP A CD2 1 
ATOM   898  N NE1 . TRP A 1 117 ? -5.017  -2.790  -0.308  1.00 15.44 ? 136 TRP A NE1 1 
ATOM   899  C CE2 . TRP A 1 117 ? -4.977  -1.999  -1.424  1.00 13.01 ? 136 TRP A CE2 1 
ATOM   900  C CE3 . TRP A 1 117 ? -4.237  -2.181  -3.724  1.00 20.42 ? 136 TRP A CE3 1 
ATOM   901  C CZ2 . TRP A 1 117 ? -5.401  -0.682  -1.610  1.00 15.09 ? 136 TRP A CZ2 1 
ATOM   902  C CZ3 . TRP A 1 117 ? -4.658  -0.864  -3.910  1.00 25.06 ? 136 TRP A CZ3 1 
ATOM   903  C CH2 . TRP A 1 117 ? -5.234  -0.130  -2.855  1.00 21.57 ? 136 TRP A CH2 1 
ATOM   904  N N   . THR A 1 118 ? -3.820  -7.335  -5.206  1.00 17.03 ? 137 THR A N   1 
ATOM   905  C CA  . THR A 1 118 ? -3.123  -8.311  -6.030  1.00 15.09 ? 137 THR A CA  1 
ATOM   906  C C   . THR A 1 118 ? -1.722  -7.797  -6.292  1.00 14.33 ? 137 THR A C   1 
ATOM   907  O O   . THR A 1 118 ? -1.543  -6.649  -6.703  1.00 21.35 ? 137 THR A O   1 
ATOM   908  C CB  . THR A 1 118 ? -3.829  -8.511  -7.380  1.00 17.86 ? 137 THR A CB  1 
ATOM   909  O OG1 . THR A 1 118 ? -5.165  -8.966  -7.156  1.00 18.87 ? 137 THR A OG1 1 
ATOM   910  C CG2 . THR A 1 118 ? -3.087  -9.546  -8.221  1.00 25.03 ? 137 THR A CG2 1 
ATOM   911  N N   . VAL A 1 119 ? -0.724  -8.630  -6.038  1.00 14.76 ? 138 VAL A N   1 
ATOM   912  C CA  . VAL A 1 119 ? 0.651   -8.221  -6.268  1.00 17.24 ? 138 VAL A CA  1 
ATOM   913  C C   . VAL A 1 119 ? 0.979   -8.443  -7.738  1.00 22.50 ? 138 VAL A C   1 
ATOM   914  O O   . VAL A 1 119 ? 0.870   -9.558  -8.249  1.00 19.89 ? 138 VAL A O   1 
ATOM   915  C CB  . VAL A 1 119 ? 1.639   -9.020  -5.409  1.00 15.87 ? 138 VAL A CB  1 
ATOM   916  C CG1 . VAL A 1 119 ? 3.036   -8.442  -5.557  1.00 16.41 ? 138 VAL A CG1 1 
ATOM   917  C CG2 . VAL A 1 119 ? 1.205   -8.977  -3.946  1.00 24.06 ? 138 VAL A CG2 1 
ATOM   918  N N   . ILE A 1 120 ? 1.366   -7.372  -8.417  1.00 20.60 ? 139 ILE A N   1 
ATOM   919  C CA  . ILE A 1 120 ? 1.690   -7.473  -9.830  1.00 25.88 ? 139 ILE A CA  1 
ATOM   920  C C   . ILE A 1 120 ? 3.190   -7.415  -10.070 1.00 25.97 ? 139 ILE A C   1 
ATOM   921  O O   . ILE A 1 120 ? 3.770   -6.337  -10.201 1.00 28.06 ? 139 ILE A O   1 
ATOM   922  C CB  . ILE A 1 120 ? 0.998   -6.356  -10.643 1.00 23.88 ? 139 ILE A CB  1 
ATOM   923  C CG1 . ILE A 1 120 ? -0.512  -6.444  -10.450 1.00 25.32 ? 139 ILE A CG1 1 
ATOM   924  C CG2 . ILE A 1 120 ? 1.327   -6.496  -12.131 1.00 28.00 ? 139 ILE A CG2 1 
ATOM   925  C CD1 . ILE A 1 120 ? -1.275  -5.364  -11.158 1.00 34.89 ? 139 ILE A CD1 1 
ATOM   926  N N   . CYS A 1 121 ? 3.819   -8.583  -10.079 1.00 24.56 ? 140 CYS A N   1 
ATOM   927  C CA  . CYS A 1 121 ? 5.240   -8.676  -10.354 1.00 26.01 ? 140 CYS A CA  1 
ATOM   928  C C   . CYS A 1 121 ? 5.465   -9.695  -11.473 1.00 32.54 ? 140 CYS A C   1 
ATOM   929  O O   . CYS A 1 121 ? 4.572   -10.481 -11.791 1.00 30.16 ? 140 CYS A O   1 
ATOM   930  C CB  . CYS A 1 121 ? 6.057   -9.038  -9.102  1.00 26.38 ? 140 CYS A CB  1 
ATOM   931  S SG  . CYS A 1 121 ? 5.565   -10.351 -7.924  1.00 36.60 ? 140 CYS A SG  1 
ATOM   932  N N   . ASN A 1 122 ? 6.641   -9.660  -12.092 1.00 35.88 ? 141 ASN A N   1 
ATOM   933  C CA  . ASN A 1 122 ? 6.934   -10.583 -13.183 1.00 46.03 ? 141 ASN A CA  1 
ATOM   934  C C   . ASN A 1 122 ? 7.529   -11.881 -12.676 1.00 46.65 ? 141 ASN A C   1 
ATOM   935  O O   . ASN A 1 122 ? 8.194   -11.910 -11.641 1.00 40.67 ? 141 ASN A O   1 
ATOM   936  C CB  . ASN A 1 122 ? 7.867   -9.931  -14.199 1.00 48.52 ? 141 ASN A CB  1 
ATOM   937  C CG  . ASN A 1 122 ? 7.170   -8.865  -15.005 1.00 45.87 ? 141 ASN A CG  1 
ATOM   938  O OD1 . ASN A 1 122 ? 6.101   -9.103  -15.569 1.00 40.76 ? 141 ASN A OD1 1 
ATOM   939  N ND2 . ASN A 1 122 ? 7.767   -7.680  -15.070 1.00 48.83 ? 141 ASN A ND2 1 
ATOM   940  N N   . GLY A 1 123 ? 7.294   -12.955 -13.422 1.00 51.93 ? 142 GLY A N   1 
ATOM   941  C CA  . GLY A 1 123 ? 7.773   -14.256 -12.998 1.00 57.24 ? 142 GLY A CA  1 
ATOM   942  C C   . GLY A 1 123 ? 6.727   -14.714 -12.004 1.00 57.57 ? 142 GLY A C   1 
ATOM   943  O O   . GLY A 1 123 ? 5.562   -14.331 -12.123 1.00 51.15 ? 142 GLY A O   1 
ATOM   944  N N   . ASP A 1 124 ? 7.104   -15.524 -11.025 1.00 57.49 ? 143 ASP A N   1 
ATOM   945  C CA  . ASP A 1 124 ? 6.106   -15.940 -10.055 1.00 67.33 ? 143 ASP A CA  1 
ATOM   946  C C   . ASP A 1 124 ? 6.678   -16.152 -8.668  1.00 58.62 ? 143 ASP A C   1 
ATOM   947  O O   . ASP A 1 124 ? 6.679   -17.257 -8.134  1.00 70.78 ? 143 ASP A O   1 
ATOM   948  C CB  . ASP A 1 124 ? 5.374   -17.199 -10.522 1.00 77.12 ? 143 ASP A CB  1 
ATOM   949  C CG  . ASP A 1 124 ? 3.996   -17.326 -9.887  1.00 84.59 ? 143 ASP A CG  1 
ATOM   950  O OD1 . ASP A 1 124 ? 3.929   -17.360 -8.642  1.00 85.03 ? 143 ASP A OD1 1 
ATOM   951  O OD2 . ASP A 1 124 ? 2.987   -17.377 -10.627 1.00 89.37 ? 143 ASP A OD2 1 
ATOM   952  N N   . GLU A 1 125 ? 7.172   -15.060 -8.098  1.00 54.21 ? 144 GLU A N   1 
ATOM   953  C CA  . GLU A 1 125 ? 7.738   -15.043 -6.764  1.00 52.06 ? 144 GLU A CA  1 
ATOM   954  C C   . GLU A 1 125 ? 8.273   -13.639 -6.523  1.00 45.56 ? 144 GLU A C   1 
ATOM   955  O O   . GLU A 1 125 ? 9.330   -13.260 -7.032  1.00 34.20 ? 144 GLU A O   1 
ATOM   956  C CB  . GLU A 1 125 ? 8.850   -16.088 -6.622  1.00 54.27 ? 144 GLU A CB  1 
ATOM   957  C CG  . GLU A 1 125 ? 8.749   -16.856 -5.313  1.00 55.72 ? 144 GLU A CG  1 
ATOM   958  C CD  . GLU A 1 125 ? 9.557   -18.138 -5.303  1.00 58.85 ? 144 GLU A CD  1 
ATOM   959  O OE1 . GLU A 1 125 ? 9.398   -18.913 -4.339  1.00 59.37 ? 144 GLU A OE1 1 
ATOM   960  O OE2 . GLU A 1 125 ? 10.346  -18.372 -6.247  1.00 59.38 ? 144 GLU A OE2 1 
ATOM   961  N N   . TRP A 1 126 ? 7.496   -12.870 -5.767  1.00 33.59 ? 145 TRP A N   1 
ATOM   962  C CA  . TRP A 1 126 ? 7.815   -11.496 -5.422  1.00 28.16 ? 145 TRP A CA  1 
ATOM   963  C C   . TRP A 1 126 ? 9.244   -11.372 -4.921  1.00 30.22 ? 145 TRP A C   1 
ATOM   964  O O   . TRP A 1 126 ? 9.561   -11.834 -3.829  1.00 32.16 ? 145 TRP A O   1 
ATOM   965  C CB  . TRP A 1 126 ? 6.839   -11.019 -4.348  1.00 35.04 ? 145 TRP A CB  1 
ATOM   966  C CG  . TRP A 1 126 ? 6.821   -9.547  -4.109  1.00 32.61 ? 145 TRP A CG  1 
ATOM   967  C CD1 . TRP A 1 126 ? 7.574   -8.596  -4.738  1.00 36.35 ? 145 TRP A CD1 1 
ATOM   968  C CD2 . TRP A 1 126 ? 5.994   -8.852  -3.172  1.00 29.98 ? 145 TRP A CD2 1 
ATOM   969  N NE1 . TRP A 1 126 ? 7.264   -7.348  -4.245  1.00 36.35 ? 145 TRP A NE1 1 
ATOM   970  C CE2 . TRP A 1 126 ? 6.297   -7.475  -3.284  1.00 29.32 ? 145 TRP A CE2 1 
ATOM   971  C CE3 . TRP A 1 126 ? 5.025   -9.260  -2.246  1.00 26.81 ? 145 TRP A CE3 1 
ATOM   972  C CZ2 . TRP A 1 126 ? 5.663   -6.505  -2.502  1.00 25.27 ? 145 TRP A CZ2 1 
ATOM   973  C CZ3 . TRP A 1 126 ? 4.396   -8.292  -1.468  1.00 18.38 ? 145 TRP A CZ3 1 
ATOM   974  C CH2 . TRP A 1 126 ? 4.719   -6.930  -1.603  1.00 25.18 ? 145 TRP A CH2 1 
ATOM   975  N N   . LEU A 1 127 ? 10.101  -10.748 -5.727  1.00 28.93 ? 146 LEU A N   1 
ATOM   976  C CA  . LEU A 1 127 ? 11.505  -10.554 -5.370  1.00 33.55 ? 146 LEU A CA  1 
ATOM   977  C C   . LEU A 1 127 ? 11.688  -9.146  -4.808  1.00 37.58 ? 146 LEU A C   1 
ATOM   978  O O   . LEU A 1 127 ? 11.128  -8.176  -5.324  1.00 38.21 ? 146 LEU A O   1 
ATOM   979  C CB  . LEU A 1 127 ? 12.398  -10.733 -6.602  1.00 36.54 ? 146 LEU A CB  1 
ATOM   980  C CG  . LEU A 1 127 ? 12.266  -12.026 -7.414  1.00 39.91 ? 146 LEU A CG  1 
ATOM   981  C CD1 . LEU A 1 127 ? 13.127  -11.925 -8.668  1.00 37.99 ? 146 LEU A CD1 1 
ATOM   982  C CD2 . LEU A 1 127 ? 12.680  -13.225 -6.572  1.00 38.87 ? 146 LEU A CD2 1 
ATOM   983  N N   . GLU A 1 128 ? 12.478  -9.038  -3.748  1.00 35.71 ? 147 GLU A N   1 
ATOM   984  C CA  . GLU A 1 128 ? 12.727  -7.758  -3.103  1.00 33.26 ? 147 GLU A CA  1 
ATOM   985  C C   . GLU A 1 128 ? 13.464  -6.768  -4.004  1.00 40.18 ? 147 GLU A C   1 
ATOM   986  O O   . GLU A 1 128 ? 13.487  -5.568  -3.729  1.00 31.21 ? 147 GLU A O   1 
ATOM   987  C CB  . GLU A 1 128 ? 13.531  -7.989  -1.824  1.00 43.38 ? 147 GLU A CB  1 
ATOM   988  C CG  . GLU A 1 128 ? 13.732  -6.749  -0.975  1.00 54.33 ? 147 GLU A CG  1 
ATOM   989  C CD  . GLU A 1 128 ? 14.250  -7.085  0.409   1.00 57.84 ? 147 GLU A CD  1 
ATOM   990  O OE1 . GLU A 1 128 ? 13.649  -7.971  1.054   1.00 61.08 ? 147 GLU A OE1 1 
ATOM   991  O OE2 . GLU A 1 128 ? 15.242  -6.465  0.849   1.00 59.41 ? 147 GLU A OE2 1 
ATOM   992  N N   . SER A 1 129 ? 14.045  -7.276  -5.088  1.00 38.98 ? 148 SER A N   1 
ATOM   993  C CA  . SER A 1 129 ? 14.815  -6.449  -6.016  1.00 42.25 ? 148 SER A CA  1 
ATOM   994  C C   . SER A 1 129 ? 14.043  -5.974  -7.241  1.00 43.42 ? 148 SER A C   1 
ATOM   995  O O   . SER A 1 129 ? 14.611  -5.329  -8.124  1.00 45.87 ? 148 SER A O   1 
ATOM   996  C CB  . SER A 1 129 ? 16.035  -7.229  -6.494  1.00 46.08 ? 148 SER A CB  1 
ATOM   997  O OG  . SER A 1 129 ? 15.623  -8.337  -7.279  1.00 45.05 ? 148 SER A OG  1 
ATOM   998  N N   . GLU A 1 130 ? 12.758  -6.280  -7.312  1.00 37.15 ? 149 GLU A N   1 
ATOM   999  C CA  . GLU A 1 130 ? 12.002  -5.872  -8.479  1.00 35.84 ? 149 GLU A CA  1 
ATOM   1000 C C   . GLU A 1 130 ? 10.960  -4.816  -8.172  1.00 35.39 ? 149 GLU A C   1 
ATOM   1001 O O   . GLU A 1 130 ? 10.576  -4.614  -7.018  1.00 30.63 ? 149 GLU A O   1 
ATOM   1002 C CB  . GLU A 1 130 ? 11.331  -7.090  -9.113  1.00 39.34 ? 149 GLU A CB  1 
ATOM   1003 C CG  . GLU A 1 130 ? 10.085  -7.561  -8.393  1.00 54.82 ? 149 GLU A CG  1 
ATOM   1004 C CD  . GLU A 1 130 ? 9.666   -8.953  -8.821  1.00 63.46 ? 149 GLU A CD  1 
ATOM   1005 O OE1 . GLU A 1 130 ? 10.229  -9.928  -8.283  1.00 60.83 ? 149 GLU A OE1 1 
ATOM   1006 O OE2 . GLU A 1 130 ? 8.785   -9.072  -9.702  1.00 64.54 ? 149 GLU A OE2 1 
ATOM   1007 N N   . GLN A 1 131 ? 10.519  -4.124  -9.215  1.00 31.44 ? 150 GLN A N   1 
ATOM   1008 C CA  . GLN A 1 131 ? 9.495   -3.121  -9.043  1.00 30.28 ? 150 GLN A CA  1 
ATOM   1009 C C   . GLN A 1 131 ? 8.202   -3.896  -9.190  1.00 32.33 ? 150 GLN A C   1 
ATOM   1010 O O   . GLN A 1 131 ? 8.195   -4.999  -9.740  1.00 33.78 ? 150 GLN A O   1 
ATOM   1011 C CB  . GLN A 1 131 ? 9.592   -2.034  -10.113 1.00 30.18 ? 150 GLN A CB  1 
ATOM   1012 C CG  . GLN A 1 131 ? 10.926  -1.320  -10.137 1.00 28.97 ? 150 GLN A CG  1 
ATOM   1013 C CD  . GLN A 1 131 ? 10.816  0.115   -10.601 1.00 22.83 ? 150 GLN A CD  1 
ATOM   1014 O OE1 . GLN A 1 131 ? 9.976   0.451   -11.432 1.00 30.20 ? 150 GLN A OE1 1 
ATOM   1015 N NE2 . GLN A 1 131 ? 11.678  0.974   -10.071 1.00 31.81 ? 150 GLN A NE2 1 
ATOM   1016 N N   . PHE A 1 132 ? 7.111   -3.330  -8.696  1.00 20.93 ? 151 PHE A N   1 
ATOM   1017 C CA  . PHE A 1 132 ? 5.832   -4.003  -8.770  1.00 24.48 ? 151 PHE A CA  1 
ATOM   1018 C C   . PHE A 1 132 ? 4.700   -3.006  -8.657  1.00 24.54 ? 151 PHE A C   1 
ATOM   1019 O O   . PHE A 1 132 ? 4.914   -1.836  -8.346  1.00 23.90 ? 151 PHE A O   1 
ATOM   1020 C CB  . PHE A 1 132 ? 5.714   -5.021  -7.624  1.00 24.29 ? 151 PHE A CB  1 
ATOM   1021 C CG  . PHE A 1 132 ? 5.751   -4.396  -6.243  1.00 21.96 ? 151 PHE A CG  1 
ATOM   1022 C CD1 . PHE A 1 132 ? 6.963   -4.075  -5.635  1.00 31.49 ? 151 PHE A CD1 1 
ATOM   1023 C CD2 . PHE A 1 132 ? 4.569   -4.101  -5.566  1.00 21.17 ? 151 PHE A CD2 1 
ATOM   1024 C CE1 . PHE A 1 132 ? 6.998   -3.463  -4.367  1.00 23.83 ? 151 PHE A CE1 1 
ATOM   1025 C CE2 . PHE A 1 132 ? 4.595   -3.491  -4.306  1.00 17.41 ? 151 PHE A CE2 1 
ATOM   1026 C CZ  . PHE A 1 132 ? 5.807   -3.172  -3.708  1.00 16.57 ? 151 PHE A CZ  1 
ATOM   1027 N N   . LYS A 1 133 ? 3.492   -3.475  -8.934  1.00 20.08 ? 152 LYS A N   1 
ATOM   1028 C CA  . LYS A 1 133 ? 2.314   -2.646  -8.793  1.00 21.94 ? 152 LYS A CA  1 
ATOM   1029 C C   . LYS A 1 133 ? 1.395   -3.410  -7.849  1.00 21.91 ? 152 LYS A C   1 
ATOM   1030 O O   . LYS A 1 133 ? 1.600   -4.605  -7.595  1.00 22.08 ? 152 LYS A O   1 
ATOM   1031 C CB  . LYS A 1 133 ? 1.624   -2.429  -10.141 1.00 33.16 ? 152 LYS A CB  1 
ATOM   1032 C CG  . LYS A 1 133 ? 2.397   -1.529  -11.086 1.00 25.45 ? 152 LYS A CG  1 
ATOM   1033 C CD  . LYS A 1 133 ? 1.735   -1.447  -12.443 1.00 41.56 ? 152 LYS A CD  1 
ATOM   1034 C CE  . LYS A 1 133 ? 2.319   -2.468  -13.414 1.00 47.49 ? 152 LYS A CE  1 
ATOM   1035 N NZ  . LYS A 1 133 ? 3.737   -2.158  -13.769 1.00 48.62 ? 152 LYS A NZ  1 
ATOM   1036 N N   . LEU A 1 134 ? 0.403   -2.721  -7.308  1.00 15.13 ? 153 LEU A N   1 
ATOM   1037 C CA  . LEU A 1 134 ? -0.561  -3.344  -6.418  1.00 17.30 ? 153 LEU A CA  1 
ATOM   1038 C C   . LEU A 1 134 ? -1.924  -2.962  -6.940  1.00 13.83 ? 153 LEU A C   1 
ATOM   1039 O O   . LEU A 1 134 ? -2.283  -1.787  -6.969  1.00 22.19 ? 153 LEU A O   1 
ATOM   1040 C CB  . LEU A 1 134 ? -0.402  -2.848  -4.979  1.00 16.98 ? 153 LEU A CB  1 
ATOM   1041 C CG  . LEU A 1 134 ? 0.765   -3.391  -4.155  1.00 20.49 ? 153 LEU A CG  1 
ATOM   1042 C CD1 . LEU A 1 134 ? 0.752   -2.711  -2.782  1.00 20.54 ? 153 LEU A CD1 1 
ATOM   1043 C CD2 . LEU A 1 134 ? 0.652   -4.904  -3.995  1.00 19.18 ? 153 LEU A CD2 1 
ATOM   1044 N N   . ARG A 1 135 ? -2.687  -3.963  -7.353  1.00 14.51 ? 154 ARG A N   1 
ATOM   1045 C CA  . ARG A 1 135 ? -4.007  -3.710  -7.895  1.00 18.83 ? 154 ARG A CA  1 
ATOM   1046 C C   . ARG A 1 135 ? -5.092  -4.136  -6.917  1.00 17.50 ? 154 ARG A C   1 
ATOM   1047 O O   . ARG A 1 135 ? -5.160  -5.300  -6.531  1.00 18.72 ? 154 ARG A O   1 
ATOM   1048 C CB  . ARG A 1 135 ? -4.160  -4.466  -9.217  1.00 21.15 ? 154 ARG A CB  1 
ATOM   1049 C CG  . ARG A 1 135 ? -5.295  -3.977  -10.082 1.00 23.17 ? 154 ARG A CG  1 
ATOM   1050 C CD  . ARG A 1 135 ? -5.314  -4.712  -11.433 1.00 24.51 ? 154 ARG A CD  1 
ATOM   1051 N NE  . ARG A 1 135 ? -6.257  -4.097  -12.361 1.00 26.09 ? 154 ARG A NE  1 
ATOM   1052 C CZ  . ARG A 1 135 ? -6.442  -4.493  -13.618 1.00 30.30 ? 154 ARG A CZ  1 
ATOM   1053 N NH1 . ARG A 1 135 ? -5.750  -5.513  -14.109 1.00 21.54 ? 154 ARG A NH1 1 
ATOM   1054 N NH2 . ARG A 1 135 ? -7.313  -3.860  -14.387 1.00 24.59 ? 154 ARG A NH2 1 
ATOM   1055 N N   . HIS A 1 136 ? -5.939  -3.192  -6.519  1.00 15.47 ? 155 HIS A N   1 
ATOM   1056 C CA  . HIS A 1 136 ? -7.013  -3.492  -5.581  1.00 17.47 ? 155 HIS A CA  1 
ATOM   1057 C C   . HIS A 1 136 ? -7.879  -4.600  -6.173  1.00 29.13 ? 155 HIS A C   1 
ATOM   1058 O O   . HIS A 1 136 ? -8.423  -4.461  -7.272  1.00 23.05 ? 155 HIS A O   1 
ATOM   1059 C CB  . HIS A 1 136 ? -7.861  -2.252  -5.324  1.00 20.13 ? 155 HIS A CB  1 
ATOM   1060 C CG  . HIS A 1 136 ? -8.760  -2.375  -4.134  1.00 28.32 ? 155 HIS A CG  1 
ATOM   1061 N ND1 . HIS A 1 136 ? -10.114 -2.117  -4.193  1.00 26.70 ? 155 HIS A ND1 1 
ATOM   1062 C CD2 . HIS A 1 136 ? -8.494  -2.700  -2.846  1.00 18.85 ? 155 HIS A CD2 1 
ATOM   1063 C CE1 . HIS A 1 136 ? -10.642 -2.274  -2.991  1.00 26.66 ? 155 HIS A CE1 1 
ATOM   1064 N NE2 . HIS A 1 136 ? -9.681  -2.627  -2.156  1.00 24.06 ? 155 HIS A NE2 1 
ATOM   1065 N N   . ALA A 1 137 ? -8.006  -5.694  -5.433  1.00 20.80 ? 156 ALA A N   1 
ATOM   1066 C CA  . ALA A 1 137 ? -8.774  -6.838  -5.890  1.00 26.82 ? 156 ALA A CA  1 
ATOM   1067 C C   . ALA A 1 137 ? -10.244 -6.553  -6.180  1.00 31.22 ? 156 ALA A C   1 
ATOM   1068 O O   . ALA A 1 137 ? -10.752 -6.925  -7.238  1.00 26.75 ? 156 ALA A O   1 
ATOM   1069 C CB  . ALA A 1 137 ? -8.659  -7.965  -4.880  1.00 22.75 ? 156 ALA A CB  1 
ATOM   1070 N N   . VAL A 1 138 ? -10.926 -5.896  -5.249  1.00 24.58 ? 157 VAL A N   1 
ATOM   1071 C CA  . VAL A 1 138 ? -12.343 -5.614  -5.416  1.00 28.01 ? 157 VAL A CA  1 
ATOM   1072 C C   . VAL A 1 138 ? -12.704 -4.581  -6.480  1.00 35.31 ? 157 VAL A C   1 
ATOM   1073 O O   . VAL A 1 138 ? -13.665 -4.777  -7.222  1.00 28.08 ? 157 VAL A O   1 
ATOM   1074 C CB  . VAL A 1 138 ? -12.976 -5.206  -4.072  1.00 24.27 ? 157 VAL A CB  1 
ATOM   1075 C CG1 . VAL A 1 138 ? -14.411 -4.735  -4.275  1.00 30.76 ? 157 VAL A CG1 1 
ATOM   1076 C CG2 . VAL A 1 138 ? -12.945 -6.390  -3.118  1.00 22.61 ? 157 VAL A CG2 1 
ATOM   1077 N N   . THR A 1 139 ? -11.947 -3.488  -6.566  1.00 35.67 ? 158 THR A N   1 
ATOM   1078 C CA  . THR A 1 139 ? -12.241 -2.448  -7.552  1.00 30.59 ? 158 THR A CA  1 
ATOM   1079 C C   . THR A 1 139 ? -11.349 -2.477  -8.791  1.00 29.07 ? 158 THR A C   1 
ATOM   1080 O O   . THR A 1 139 ? -11.728 -1.967  -9.842  1.00 34.19 ? 158 THR A O   1 
ATOM   1081 C CB  . THR A 1 139 ? -12.121 -1.048  -6.938  1.00 29.26 ? 158 THR A CB  1 
ATOM   1082 O OG1 . THR A 1 139 ? -10.779 -0.851  -6.480  1.00 28.82 ? 158 THR A OG1 1 
ATOM   1083 C CG2 . THR A 1 139 ? -13.085 -0.884  -5.782  1.00 26.59 ? 158 THR A CG2 1 
ATOM   1084 N N   . GLY A 1 140 ? -10.161 -3.056  -8.669  1.00 29.90 ? 159 GLY A N   1 
ATOM   1085 C CA  . GLY A 1 140 ? -9.252  -3.116  -9.802  1.00 26.32 ? 159 GLY A CA  1 
ATOM   1086 C C   . GLY A 1 140 ? -8.343  -1.904  -9.935  1.00 26.34 ? 159 GLY A C   1 
ATOM   1087 O O   . GLY A 1 140 ? -7.496  -1.849  -10.832 1.00 31.61 ? 159 GLY A O   1 
ATOM   1088 N N   . SER A 1 141 ? -8.508  -0.930  -9.045  1.00 28.60 ? 160 SER A N   1 
ATOM   1089 C CA  . SER A 1 141 ? -7.698  0.282   -9.086  1.00 23.42 ? 160 SER A CA  1 
ATOM   1090 C C   . SER A 1 141 ? -6.278  0.009   -8.633  1.00 28.84 ? 160 SER A C   1 
ATOM   1091 O O   . SER A 1 141 ? -6.045  -0.796  -7.727  1.00 23.36 ? 160 SER A O   1 
ATOM   1092 C CB  . SER A 1 141 ? -8.311  1.365   -8.197  1.00 32.10 ? 160 SER A CB  1 
ATOM   1093 O OG  . SER A 1 141 ? -9.675  1.567   -8.519  1.00 31.58 ? 160 SER A OG  1 
ATOM   1094 N N   . TYR A 1 142 ? -5.330  0.686   -9.271  1.00 23.65 ? 161 TYR A N   1 
ATOM   1095 C CA  . TYR A 1 142 ? -3.926  0.536   -8.947  1.00 17.93 ? 161 TYR A CA  1 
ATOM   1096 C C   . TYR A 1 142 ? -3.540  1.524   -7.850  1.00 23.69 ? 161 TYR A C   1 
ATOM   1097 O O   . TYR A 1 142 ? -3.995  2.672   -7.845  1.00 21.29 ? 161 TYR A O   1 
ATOM   1098 C CB  . TYR A 1 142 ? -3.080  0.802   -10.186 1.00 21.44 ? 161 TYR A CB  1 
ATOM   1099 C CG  . TYR A 1 142 ? -3.253  -0.224  -11.281 1.00 30.77 ? 161 TYR A CG  1 
ATOM   1100 C CD1 . TYR A 1 142 ? -2.544  -1.422  -11.256 1.00 21.42 ? 161 TYR A CD1 1 
ATOM   1101 C CD2 . TYR A 1 142 ? -4.127  0.003   -12.349 1.00 32.94 ? 161 TYR A CD2 1 
ATOM   1102 C CE1 . TYR A 1 142 ? -2.695  -2.371  -12.266 1.00 23.20 ? 161 TYR A CE1 1 
ATOM   1103 C CE2 . TYR A 1 142 ? -4.287  -0.943  -13.367 1.00 31.54 ? 161 TYR A CE2 1 
ATOM   1104 C CZ  . TYR A 1 142 ? -3.568  -2.127  -13.316 1.00 28.73 ? 161 TYR A CZ  1 
ATOM   1105 O OH  . TYR A 1 142 ? -3.722  -3.077  -14.310 1.00 35.08 ? 161 TYR A OH  1 
ATOM   1106 N N   . LEU A 1 143 ? -2.719  1.073   -6.912  1.00 19.19 ? 162 LEU A N   1 
ATOM   1107 C CA  . LEU A 1 143 ? -2.263  1.951   -5.837  1.00 18.10 ? 162 LEU A CA  1 
ATOM   1108 C C   . LEU A 1 143 ? -1.314  2.914   -6.544  1.00 13.12 ? 162 LEU A C   1 
ATOM   1109 O O   . LEU A 1 143 ? -0.345  2.474   -7.159  1.00 15.98 ? 162 LEU A O   1 
ATOM   1110 C CB  . LEU A 1 143 ? -1.502  1.138   -4.782  1.00 10.84 ? 162 LEU A CB  1 
ATOM   1111 C CG  . LEU A 1 143 ? -0.914  1.920   -3.605  1.00 11.79 ? 162 LEU A CG  1 
ATOM   1112 C CD1 . LEU A 1 143 ? -2.039  2.462   -2.743  1.00 13.94 ? 162 LEU A CD1 1 
ATOM   1113 C CD2 . LEU A 1 143 ? -0.012  0.999   -2.794  1.00 13.26 ? 162 LEU A CD2 1 
ATOM   1114 N N   . SER A 1 144 ? -1.589  4.214   -6.474  1.00 17.70 ? 163 SER A N   1 
ATOM   1115 C CA  . SER A 1 144 ? -0.737  5.179   -7.168  1.00 19.54 ? 163 SER A CA  1 
ATOM   1116 C C   . SER A 1 144 ? -0.653  6.534   -6.494  1.00 18.67 ? 163 SER A C   1 
ATOM   1117 O O   . SER A 1 144 ? -1.560  6.936   -5.766  1.00 20.90 ? 163 SER A O   1 
ATOM   1118 C CB  . SER A 1 144 ? -1.257  5.417   -8.594  1.00 20.70 ? 163 SER A CB  1 
ATOM   1119 O OG  . SER A 1 144 ? -1.532  4.209   -9.280  1.00 24.20 ? 163 SER A OG  1 
ATOM   1120 N N   . LEU A 1 145 ? 0.450   7.232   -6.738  1.00 21.67 ? 164 LEU A N   1 
ATOM   1121 C CA  . LEU A 1 145 ? 0.601   8.581   -6.218  1.00 19.45 ? 164 LEU A CA  1 
ATOM   1122 C C   . LEU A 1 145 ? -0.133  9.417   -7.268  1.00 24.69 ? 164 LEU A C   1 
ATOM   1123 O O   . LEU A 1 145 ? 0.121   9.276   -8.471  1.00 29.08 ? 164 LEU A O   1 
ATOM   1124 C CB  . LEU A 1 145 ? 2.077   8.987   -6.156  1.00 20.89 ? 164 LEU A CB  1 
ATOM   1125 C CG  . LEU A 1 145 ? 2.954   8.220   -5.160  1.00 22.75 ? 164 LEU A CG  1 
ATOM   1126 C CD1 . LEU A 1 145 ? 4.329   8.875   -5.075  1.00 18.25 ? 164 LEU A CD1 1 
ATOM   1127 C CD2 . LEU A 1 145 ? 2.286   8.220   -3.793  1.00 24.82 ? 164 LEU A CD2 1 
ATOM   1128 N N   . SER A 1 146 ? -1.062  10.251  -6.822  1.00 23.87 ? 165 SER A N   1 
ATOM   1129 C CA  . SER A 1 146 ? -1.837  11.094  -7.729  1.00 28.68 ? 165 SER A CA  1 
ATOM   1130 C C   . SER A 1 146 ? -0.974  12.196  -8.317  1.00 32.54 ? 165 SER A C   1 
ATOM   1131 O O   . SER A 1 146 ? -1.287  12.743  -9.371  1.00 33.83 ? 165 SER A O   1 
ATOM   1132 C CB  . SER A 1 146 ? -3.003  11.738  -6.983  1.00 22.88 ? 165 SER A CB  1 
ATOM   1133 O OG  . SER A 1 146 ? -2.518  12.706  -6.073  1.00 23.79 ? 165 SER A OG  1 
ATOM   1134 N N   . GLY A 1 147 ? 0.114   12.521  -7.624  1.00 34.31 ? 166 GLY A N   1 
ATOM   1135 C CA  . GLY A 1 147 ? 1.000   13.573  -8.086  1.00 34.98 ? 166 GLY A CA  1 
ATOM   1136 C C   . GLY A 1 147 ? 0.719   14.843  -7.306  1.00 36.96 ? 166 GLY A C   1 
ATOM   1137 O O   . GLY A 1 147 ? 1.414   15.847  -7.443  1.00 37.58 ? 166 GLY A O   1 
ATOM   1138 N N   . GLN A 1 148 ? -0.322  14.793  -6.483  1.00 38.43 ? 167 GLN A N   1 
ATOM   1139 C CA  . GLN A 1 148 ? -0.698  15.927  -5.657  1.00 34.20 ? 167 GLN A CA  1 
ATOM   1140 C C   . GLN A 1 148 ? -0.036  15.799  -4.296  1.00 33.80 ? 167 GLN A C   1 
ATOM   1141 O O   . GLN A 1 148 ? 0.327   14.702  -3.874  1.00 33.53 ? 167 GLN A O   1 
ATOM   1142 C CB  . GLN A 1 148 ? -2.217  15.972  -5.479  1.00 41.70 ? 167 GLN A CB  1 
ATOM   1143 C CG  . GLN A 1 148 ? -2.969  16.356  -6.736  1.00 39.98 ? 167 GLN A CG  1 
ATOM   1144 C CD  . GLN A 1 148 ? -2.557  17.723  -7.238  1.00 44.06 ? 167 GLN A CD  1 
ATOM   1145 O OE1 . GLN A 1 148 ? -2.686  18.722  -6.529  1.00 41.63 ? 167 GLN A OE1 1 
ATOM   1146 N NE2 . GLN A 1 148 ? -2.048  17.775  -8.462  1.00 42.38 ? 167 GLN A NE2 1 
ATOM   1147 N N   . GLN A 1 149 ? 0.121   16.929  -3.618  1.00 32.46 ? 168 GLN A N   1 
ATOM   1148 C CA  . GLN A 1 149 ? 0.723   16.957  -2.291  1.00 28.84 ? 168 GLN A CA  1 
ATOM   1149 C C   . GLN A 1 149 ? -0.234  17.653  -1.332  1.00 34.11 ? 168 GLN A C   1 
ATOM   1150 O O   . GLN A 1 149 ? -0.994  18.537  -1.735  1.00 36.68 ? 168 GLN A O   1 
ATOM   1151 C CB  . GLN A 1 149 ? 2.051   17.711  -2.321  1.00 30.89 ? 168 GLN A CB  1 
ATOM   1152 C CG  . GLN A 1 149 ? 3.185   16.979  -3.010  1.00 28.20 ? 168 GLN A CG  1 
ATOM   1153 C CD  . GLN A 1 149 ? 4.504   17.729  -2.897  1.00 40.50 ? 168 GLN A CD  1 
ATOM   1154 O OE1 . GLN A 1 149 ? 4.823   18.287  -1.846  1.00 28.64 ? 168 GLN A OE1 1 
ATOM   1155 N NE2 . GLN A 1 149 ? 5.283   17.732  -3.974  1.00 36.77 ? 168 GLN A NE2 1 
ATOM   1156 N N   . PHE A 1 150 ? -0.197  17.255  -0.066  1.00 24.96 ? 169 PHE A N   1 
ATOM   1157 C CA  . PHE A 1 150 ? -1.058  17.854  0.940   1.00 27.15 ? 169 PHE A CA  1 
ATOM   1158 C C   . PHE A 1 150 ? -0.404  19.072  1.564   1.00 33.71 ? 169 PHE A C   1 
ATOM   1159 O O   . PHE A 1 150 ? 0.804   19.288  1.428   1.00 24.98 ? 169 PHE A O   1 
ATOM   1160 C CB  . PHE A 1 150 ? -1.348  16.866  2.062   1.00 25.98 ? 169 PHE A CB  1 
ATOM   1161 C CG  . PHE A 1 150 ? -2.231  15.730  1.664   1.00 27.91 ? 169 PHE A CG  1 
ATOM   1162 C CD1 . PHE A 1 150 ? -3.585  15.936  1.435   1.00 28.34 ? 169 PHE A CD1 1 
ATOM   1163 C CD2 . PHE A 1 150 ? -1.713  14.446  1.532   1.00 27.44 ? 169 PHE A CD2 1 
ATOM   1164 C CE1 . PHE A 1 150 ? -4.417  14.883  1.080   1.00 22.98 ? 169 PHE A CE1 1 
ATOM   1165 C CE2 . PHE A 1 150 ? -2.539  13.379  1.176   1.00 32.23 ? 169 PHE A CE2 1 
ATOM   1166 C CZ  . PHE A 1 150 ? -3.895  13.601  0.949   1.00 34.10 ? 169 PHE A CZ  1 
ATOM   1167 N N   . GLY A 1 151 ? -1.226  19.857  2.255   1.00 35.76 ? 170 GLY A N   1 
ATOM   1168 C CA  . GLY A 1 151 ? -0.748  21.029  2.959   1.00 27.14 ? 170 GLY A CA  1 
ATOM   1169 C C   . GLY A 1 151 ? -0.820  20.619  4.415   1.00 34.55 ? 170 GLY A C   1 
ATOM   1170 O O   . GLY A 1 151 ? -0.927  19.425  4.706   1.00 27.88 ? 170 GLY A O   1 
ATOM   1171 N N   . ARG A 1 152 ? -0.772  21.578  5.334   1.00 32.53 ? 171 ARG A N   1 
ATOM   1172 C CA  . ARG A 1 152 ? -0.842  21.261  6.761   1.00 29.52 ? 171 ARG A CA  1 
ATOM   1173 C C   . ARG A 1 152 ? -2.129  20.482  7.034   1.00 27.75 ? 171 ARG A C   1 
ATOM   1174 O O   . ARG A 1 152 ? -3.099  20.603  6.290   1.00 33.34 ? 171 ARG A O   1 
ATOM   1175 C CB  . ARG A 1 152 ? -0.841  22.547  7.589   1.00 33.63 ? 171 ARG A CB  1 
ATOM   1176 C CG  . ARG A 1 152 ? -2.190  23.254  7.649   1.00 41.53 ? 171 ARG A CG  1 
ATOM   1177 C CD  . ARG A 1 152 ? -2.722  23.573  6.258   1.00 57.40 ? 171 ARG A CD  1 
ATOM   1178 N NE  . ARG A 1 152 ? -1.799  24.409  5.493   1.00 65.82 ? 171 ARG A NE  1 
ATOM   1179 C CZ  . ARG A 1 152 ? -1.360  25.598  5.897   1.00 70.52 ? 171 ARG A CZ  1 
ATOM   1180 N NH1 . ARG A 1 152 ? -1.757  26.094  7.063   1.00 65.83 ? 171 ARG A NH1 1 
ATOM   1181 N NH2 . ARG A 1 152 ? -0.531  26.297  5.133   1.00 71.20 ? 171 ARG A NH2 1 
ATOM   1182 N N   . PRO A 1 153 ? -2.161  19.680  8.108   1.00 26.19 ? 172 PRO A N   1 
ATOM   1183 C CA  . PRO A 1 153 ? -1.117  19.421  9.104   1.00 26.84 ? 172 PRO A CA  1 
ATOM   1184 C C   . PRO A 1 153 ? -0.111  18.355  8.672   1.00 25.46 ? 172 PRO A C   1 
ATOM   1185 O O   . PRO A 1 153 ? 0.666   17.864  9.491   1.00 28.10 ? 172 PRO A O   1 
ATOM   1186 C CB  . PRO A 1 153 ? -1.920  18.970  10.314  1.00 34.21 ? 172 PRO A CB  1 
ATOM   1187 C CG  . PRO A 1 153 ? -2.997  18.151  9.665   1.00 28.42 ? 172 PRO A CG  1 
ATOM   1188 C CD  . PRO A 1 153 ? -3.423  19.027  8.506   1.00 30.70 ? 172 PRO A CD  1 
ATOM   1189 N N   . ILE A 1 154 ? -0.139  17.994  7.392   1.00 24.66 ? 173 ILE A N   1 
ATOM   1190 C CA  . ILE A 1 154 ? 0.769   16.983  6.842   1.00 25.37 ? 173 ILE A CA  1 
ATOM   1191 C C   . ILE A 1 154 ? 1.400   17.541  5.575   1.00 24.11 ? 173 ILE A C   1 
ATOM   1192 O O   . ILE A 1 154 ? 1.402   16.899  4.527   1.00 26.04 ? 173 ILE A O   1 
ATOM   1193 C CB  . ILE A 1 154 ? 0.003   15.669  6.499   1.00 23.12 ? 173 ILE A CB  1 
ATOM   1194 C CG1 . ILE A 1 154 ? -1.253  15.989  5.687   1.00 21.38 ? 173 ILE A CG1 1 
ATOM   1195 C CG2 . ILE A 1 154 ? -0.358  14.922  7.782   1.00 21.28 ? 173 ILE A CG2 1 
ATOM   1196 C CD1 . ILE A 1 154 ? -2.007  14.750  5.182   1.00 24.83 ? 173 ILE A CD1 1 
ATOM   1197 N N   . HIS A 1 155 ? 1.946   18.748  5.692   1.00 24.41 ? 174 HIS A N   1 
ATOM   1198 C CA  . HIS A 1 155 ? 2.563   19.448  4.577   1.00 19.18 ? 174 HIS A CA  1 
ATOM   1199 C C   . HIS A 1 155 ? 3.661   18.723  3.811   1.00 17.58 ? 174 HIS A C   1 
ATOM   1200 O O   . HIS A 1 155 ? 4.634   18.241  4.388   1.00 19.98 ? 174 HIS A O   1 
ATOM   1201 C CB  . HIS A 1 155 ? 3.097   20.802  5.060   1.00 30.56 ? 174 HIS A CB  1 
ATOM   1202 C CG  . HIS A 1 155 ? 3.864   21.555  4.020   1.00 27.69 ? 174 HIS A CG  1 
ATOM   1203 N ND1 . HIS A 1 155 ? 5.169   21.255  3.698   1.00 28.94 ? 174 HIS A ND1 1 
ATOM   1204 C CD2 . HIS A 1 155 ? 3.503   22.581  3.215   1.00 25.57 ? 174 HIS A CD2 1 
ATOM   1205 C CE1 . HIS A 1 155 ? 5.580   22.063  2.737   1.00 27.31 ? 174 HIS A CE1 1 
ATOM   1206 N NE2 . HIS A 1 155 ? 4.587   22.877  2.425   1.00 27.47 ? 174 HIS A NE2 1 
ATOM   1207 N N   . GLY A 1 156 ? 3.502   18.672  2.495   1.00 19.47 ? 175 GLY A N   1 
ATOM   1208 C CA  . GLY A 1 156 ? 4.494   18.037  1.650   1.00 24.14 ? 175 GLY A CA  1 
ATOM   1209 C C   . GLY A 1 156 ? 4.288   16.553  1.406   1.00 25.33 ? 175 GLY A C   1 
ATOM   1210 O O   . GLY A 1 156 ? 4.967   15.967  0.567   1.00 28.06 ? 175 GLY A O   1 
ATOM   1211 N N   . GLN A 1 157 ? 3.369   15.933  2.134   1.00 20.96 ? 176 GLN A N   1 
ATOM   1212 C CA  . GLN A 1 157 ? 3.123   14.506  1.951   1.00 17.60 ? 176 GLN A CA  1 
ATOM   1213 C C   . GLN A 1 157 ? 2.322   14.284  0.670   1.00 21.38 ? 176 GLN A C   1 
ATOM   1214 O O   . GLN A 1 157 ? 1.402   15.047  0.360   1.00 21.39 ? 176 GLN A O   1 
ATOM   1215 C CB  . GLN A 1 157 ? 2.396   13.943  3.174   1.00 23.06 ? 176 GLN A CB  1 
ATOM   1216 C CG  . GLN A 1 157 ? 3.252   14.006  4.439   1.00 23.13 ? 176 GLN A CG  1 
ATOM   1217 C CD  . GLN A 1 157 ? 2.619   13.334  5.635   1.00 19.14 ? 176 GLN A CD  1 
ATOM   1218 O OE1 . GLN A 1 157 ? 1.916   12.338  5.501   1.00 20.30 ? 176 GLN A OE1 1 
ATOM   1219 N NE2 . GLN A 1 157 ? 2.891   13.864  6.824   1.00 26.10 ? 176 GLN A NE2 1 
ATOM   1220 N N   . ARG A 1 158 ? 2.683   13.252  -0.087  1.00 20.95 ? 177 ARG A N   1 
ATOM   1221 C CA  . ARG A 1 158 ? 2.006   12.973  -1.352  1.00 23.16 ? 177 ARG A CA  1 
ATOM   1222 C C   . ARG A 1 158 ? 0.683   12.225  -1.221  1.00 22.67 ? 177 ARG A C   1 
ATOM   1223 O O   . ARG A 1 158 ? 0.539   11.335  -0.380  1.00 19.49 ? 177 ARG A O   1 
ATOM   1224 C CB  . ARG A 1 158 ? 2.936   12.196  -2.289  1.00 25.76 ? 177 ARG A CB  1 
ATOM   1225 C CG  . ARG A 1 158 ? 4.178   12.964  -2.741  1.00 22.12 ? 177 ARG A CG  1 
ATOM   1226 C CD  . ARG A 1 158 ? 5.239   13.012  -1.657  1.00 24.32 ? 177 ARG A CD  1 
ATOM   1227 N NE  . ARG A 1 158 ? 6.569   13.296  -2.195  1.00 28.43 ? 177 ARG A NE  1 
ATOM   1228 C CZ  . ARG A 1 158 ? 7.028   14.509  -2.485  1.00 40.37 ? 177 ARG A CZ  1 
ATOM   1229 N NH1 . ARG A 1 158 ? 6.268   15.577  -2.290  1.00 41.82 ? 177 ARG A NH1 1 
ATOM   1230 N NH2 . ARG A 1 158 ? 8.256   14.654  -2.974  1.00 39.87 ? 177 ARG A NH2 1 
ATOM   1231 N N   . GLU A 1 159 ? -0.282  12.598  -2.063  1.00 17.81 ? 178 GLU A N   1 
ATOM   1232 C CA  . GLU A 1 159 ? -1.587  11.949  -2.052  1.00 24.64 ? 178 GLU A CA  1 
ATOM   1233 C C   . GLU A 1 159 ? -1.475  10.573  -2.702  1.00 19.11 ? 178 GLU A C   1 
ATOM   1234 O O   . GLU A 1 159 ? -0.883  10.428  -3.773  1.00 21.73 ? 178 GLU A O   1 
ATOM   1235 C CB  . GLU A 1 159 ? -2.627  12.787  -2.817  1.00 28.23 ? 178 GLU A CB  1 
ATOM   1236 C CG  . GLU A 1 159 ? -3.986  12.098  -2.955  1.00 28.48 ? 178 GLU A CG  1 
ATOM   1237 C CD  . GLU A 1 159 ? -4.942  12.825  -3.900  1.00 37.76 ? 178 GLU A CD  1 
ATOM   1238 O OE1 . GLU A 1 159 ? -4.473  13.363  -4.926  1.00 25.51 ? 178 GLU A OE1 1 
ATOM   1239 O OE2 . GLU A 1 159 ? -6.161  12.841  -3.624  1.00 29.77 ? 178 GLU A OE2 1 
ATOM   1240 N N   . VAL A 1 160 ? -2.030  9.573   -2.027  1.00 22.11 ? 179 VAL A N   1 
ATOM   1241 C CA  . VAL A 1 160 ? -2.044  8.199   -2.507  1.00 16.88 ? 179 VAL A CA  1 
ATOM   1242 C C   . VAL A 1 160 ? -3.496  7.898   -2.896  1.00 16.94 ? 179 VAL A C   1 
ATOM   1243 O O   . VAL A 1 160 ? -4.426  8.149   -2.116  1.00 21.65 ? 179 VAL A O   1 
ATOM   1244 C CB  . VAL A 1 160 ? -1.602  7.217   -1.401  1.00 20.80 ? 179 VAL A CB  1 
ATOM   1245 C CG1 . VAL A 1 160 ? -1.791  5.780   -1.877  1.00 19.35 ? 179 VAL A CG1 1 
ATOM   1246 C CG2 . VAL A 1 160 ? -0.141  7.459   -1.028  1.00 14.44 ? 179 VAL A CG2 1 
ATOM   1247 N N   . VAL A 1 161 ? -3.698  7.368   -4.095  1.00 19.97 ? 180 VAL A N   1 
ATOM   1248 C CA  . VAL A 1 161 ? -5.050  7.077   -4.554  1.00 24.10 ? 180 VAL A CA  1 
ATOM   1249 C C   . VAL A 1 161 ? -5.128  5.820   -5.410  1.00 26.36 ? 180 VAL A C   1 
ATOM   1250 O O   . VAL A 1 161 ? -4.123  5.152   -5.659  1.00 21.67 ? 180 VAL A O   1 
ATOM   1251 C CB  . VAL A 1 161 ? -5.621  8.232   -5.404  1.00 23.18 ? 180 VAL A CB  1 
ATOM   1252 C CG1 . VAL A 1 161 ? -5.537  9.549   -4.644  1.00 25.66 ? 180 VAL A CG1 1 
ATOM   1253 C CG2 . VAL A 1 161 ? -4.867  8.320   -6.721  1.00 23.75 ? 180 VAL A CG2 1 
ATOM   1254 N N   . GLY A 1 162 ? -6.342  5.525   -5.866  1.00 26.58 ? 181 GLY A N   1 
ATOM   1255 C CA  . GLY A 1 162 ? -6.571  4.364   -6.704  1.00 26.55 ? 181 GLY A CA  1 
ATOM   1256 C C   . GLY A 1 162 ? -6.898  4.848   -8.104  1.00 24.92 ? 181 GLY A C   1 
ATOM   1257 O O   . GLY A 1 162 ? -7.884  5.552   -8.307  1.00 29.10 ? 181 GLY A O   1 
ATOM   1258 N N   . THR A 1 163 ? -6.062  4.487   -9.067  1.00 24.48 ? 182 THR A N   1 
ATOM   1259 C CA  . THR A 1 163 ? -6.285  4.908   -10.438 1.00 30.93 ? 182 THR A CA  1 
ATOM   1260 C C   . THR A 1 163 ? -6.829  3.765   -11.283 1.00 31.83 ? 182 THR A C   1 
ATOM   1261 O O   . THR A 1 163 ? -6.428  2.613   -11.114 1.00 32.83 ? 182 THR A O   1 
ATOM   1262 C CB  . THR A 1 163 ? -4.979  5.423   -11.064 1.00 30.72 ? 182 THR A CB  1 
ATOM   1263 O OG1 . THR A 1 163 ? -3.984  4.395   -11.012 1.00 27.58 ? 182 THR A OG1 1 
ATOM   1264 C CG2 . THR A 1 163 ? -4.476  6.645   -10.302 1.00 25.39 ? 182 THR A CG2 1 
ATOM   1265 N N   . ASP A 1 164 ? -7.755  4.078   -12.186 1.00 33.67 ? 183 ASP A N   1 
ATOM   1266 C CA  . ASP A 1 164 ? -8.321  3.057   -13.058 1.00 30.68 ? 183 ASP A CA  1 
ATOM   1267 C C   . ASP A 1 164 ? -7.225  2.479   -13.942 1.00 25.46 ? 183 ASP A C   1 
ATOM   1268 O O   . ASP A 1 164 ? -7.226  1.293   -14.245 1.00 37.77 ? 183 ASP A O   1 
ATOM   1269 C CB  . ASP A 1 164 ? -9.439  3.632   -13.935 1.00 37.83 ? 183 ASP A CB  1 
ATOM   1270 C CG  . ASP A 1 164 ? -10.685 3.981   -13.141 1.00 50.23 ? 183 ASP A CG  1 
ATOM   1271 O OD1 . ASP A 1 164 ? -11.142 3.137   -12.337 1.00 54.80 ? 183 ASP A OD1 1 
ATOM   1272 O OD2 . ASP A 1 164 ? -11.214 5.099   -13.325 1.00 57.30 ? 183 ASP A OD2 1 
ATOM   1273 N N   . SER A 1 165 ? -6.272  3.309   -14.339 1.00 29.97 ? 184 SER A N   1 
ATOM   1274 C CA  . SER A 1 165 ? -5.193  2.832   -15.191 1.00 27.24 ? 184 SER A CA  1 
ATOM   1275 C C   . SER A 1 165 ? -3.820  3.011   -14.551 1.00 32.01 ? 184 SER A C   1 
ATOM   1276 O O   . SER A 1 165 ? -3.663  3.748   -13.580 1.00 31.39 ? 184 SER A O   1 
ATOM   1277 C CB  . SER A 1 165 ? -5.232  3.556   -16.542 1.00 37.93 ? 184 SER A CB  1 
ATOM   1278 O OG  . SER A 1 165 ? -6.468  3.330   -17.201 1.00 48.99 ? 184 SER A OG  1 
ATOM   1279 N N   . ILE A 1 166 ? -2.830  2.323   -15.108 1.00 30.62 ? 185 ILE A N   1 
ATOM   1280 C CA  . ILE A 1 166 ? -1.470  2.401   -14.615 1.00 34.03 ? 185 ILE A CA  1 
ATOM   1281 C C   . ILE A 1 166 ? -0.881  3.752   -15.001 1.00 38.86 ? 185 ILE A C   1 
ATOM   1282 O O   . ILE A 1 166 ? -0.969  4.167   -16.155 1.00 38.25 ? 185 ILE A O   1 
ATOM   1283 C CB  . ILE A 1 166 ? -0.610  1.275   -15.218 1.00 29.91 ? 185 ILE A CB  1 
ATOM   1284 C CG1 . ILE A 1 166 ? -1.149  -0.084  -14.755 1.00 43.46 ? 185 ILE A CG1 1 
ATOM   1285 C CG2 . ILE A 1 166 ? 0.839   1.439   -14.798 1.00 23.99 ? 185 ILE A CG2 1 
ATOM   1286 C CD1 . ILE A 1 166 ? -0.408  -1.279  -15.324 1.00 40.21 ? 185 ILE A CD1 1 
ATOM   1287 N N   . THR A 1 167 ? -0.285  4.440   -14.035 1.00 35.03 ? 186 THR A N   1 
ATOM   1288 C CA  . THR A 1 167 ? 0.307   5.741   -14.300 1.00 33.19 ? 186 THR A CA  1 
ATOM   1289 C C   . THR A 1 167 ? 1.781   5.775   -13.914 1.00 33.13 ? 186 THR A C   1 
ATOM   1290 O O   . THR A 1 167 ? 2.368   4.749   -13.550 1.00 31.78 ? 186 THR A O   1 
ATOM   1291 C CB  . THR A 1 167 ? -0.439  6.860   -13.533 1.00 34.11 ? 186 THR A CB  1 
ATOM   1292 O OG1 . THR A 1 167 ? -0.273  6.676   -12.120 1.00 30.90 ? 186 THR A OG1 1 
ATOM   1293 C CG2 . THR A 1 167 ? -1.921  6.832   -13.867 1.00 30.13 ? 186 THR A CG2 1 
ATOM   1294 N N   . GLY A 1 168 ? 2.374   6.961   -14.007 1.00 26.68 ? 187 GLY A N   1 
ATOM   1295 C CA  . GLY A 1 168 ? 3.772   7.124   -13.658 1.00 25.97 ? 187 GLY A CA  1 
ATOM   1296 C C   . GLY A 1 168 ? 3.966   7.104   -12.152 1.00 21.91 ? 187 GLY A C   1 
ATOM   1297 O O   . GLY A 1 168 ? 5.088   7.243   -11.660 1.00 31.59 ? 187 GLY A O   1 
ATOM   1298 N N   . GLY A 1 169 ? 2.869   6.943   -11.419 1.00 22.65 ? 188 GLY A N   1 
ATOM   1299 C CA  . GLY A 1 169 ? 2.952   6.893   -9.968  1.00 23.78 ? 188 GLY A CA  1 
ATOM   1300 C C   . GLY A 1 169 ? 2.545   5.528   -9.434  1.00 23.03 ? 188 GLY A C   1 
ATOM   1301 O O   . GLY A 1 169 ? 2.439   5.339   -8.222  1.00 23.41 ? 188 GLY A O   1 
ATOM   1302 N N   . SER A 1 170 ? 2.342   4.569   -10.339 1.00 21.07 ? 189 SER A N   1 
ATOM   1303 C CA  . SER A 1 170 ? 1.914   3.215   -9.969  1.00 19.43 ? 189 SER A CA  1 
ATOM   1304 C C   . SER A 1 170 ? 3.025   2.213   -9.651  1.00 16.53 ? 189 SER A C   1 
ATOM   1305 O O   . SER A 1 170 ? 2.759   1.146   -9.098  1.00 21.03 ? 189 SER A O   1 
ATOM   1306 C CB  . SER A 1 170 ? 1.038   2.629   -11.081 1.00 20.55 ? 189 SER A CB  1 
ATOM   1307 O OG  . SER A 1 170 ? -0.041  3.496   -11.395 1.00 27.07 ? 189 SER A OG  1 
ATOM   1308 N N   . ALA A 1 171 ? 4.265   2.540   -9.991  1.00 19.01 ? 190 ALA A N   1 
ATOM   1309 C CA  . ALA A 1 171 ? 5.367   1.621   -9.735  1.00 17.20 ? 190 ALA A CA  1 
ATOM   1310 C C   . ALA A 1 171 ? 5.938   1.753   -8.323  1.00 19.32 ? 190 ALA A C   1 
ATOM   1311 O O   . ALA A 1 171 ? 6.282   2.847   -7.884  1.00 13.82 ? 190 ALA A O   1 
ATOM   1312 C CB  . ALA A 1 171 ? 6.463   1.833   -10.759 1.00 23.09 ? 190 ALA A CB  1 
ATOM   1313 N N   . TRP A 1 172 ? 6.035   0.630   -7.618  1.00 12.34 ? 191 TRP A N   1 
ATOM   1314 C CA  . TRP A 1 172 ? 6.579   0.619   -6.265  1.00 20.80 ? 191 TRP A CA  1 
ATOM   1315 C C   . TRP A 1 172 ? 7.758   -0.337  -6.158  1.00 18.94 ? 191 TRP A C   1 
ATOM   1316 O O   . TRP A 1 172 ? 7.934   -1.233  -6.990  1.00 21.60 ? 191 TRP A O   1 
ATOM   1317 C CB  . TRP A 1 172 ? 5.509   0.199   -5.244  1.00 15.87 ? 191 TRP A CB  1 
ATOM   1318 C CG  . TRP A 1 172 ? 4.309   1.105   -5.226  1.00 13.53 ? 191 TRP A CG  1 
ATOM   1319 C CD1 . TRP A 1 172 ? 3.207   1.023   -6.029  1.00 13.97 ? 191 TRP A CD1 1 
ATOM   1320 C CD2 . TRP A 1 172 ? 4.113   2.251   -4.388  1.00 16.68 ? 191 TRP A CD2 1 
ATOM   1321 N NE1 . TRP A 1 172 ? 2.331   2.050   -5.743  1.00 20.55 ? 191 TRP A NE1 1 
ATOM   1322 C CE2 . TRP A 1 172 ? 2.868   2.820   -4.740  1.00 14.07 ? 191 TRP A CE2 1 
ATOM   1323 C CE3 . TRP A 1 172 ? 4.875   2.856   -3.375  1.00 16.49 ? 191 TRP A CE3 1 
ATOM   1324 C CZ2 . TRP A 1 172 ? 2.365   3.967   -4.117  1.00 15.95 ? 191 TRP A CZ2 1 
ATOM   1325 C CZ3 . TRP A 1 172 ? 4.370   4.000   -2.753  1.00 16.16 ? 191 TRP A CZ3 1 
ATOM   1326 C CH2 . TRP A 1 172 ? 3.127   4.542   -3.130  1.00 17.16 ? 191 TRP A CH2 1 
ATOM   1327 N N   . LYS A 1 173 ? 8.539   -0.142  -5.105  1.00 18.47 ? 192 LYS A N   1 
ATOM   1328 C CA  . LYS A 1 173 ? 9.715   -0.947  -4.818  1.00 19.32 ? 192 LYS A CA  1 
ATOM   1329 C C   . LYS A 1 173 ? 9.741   -1.207  -3.313  1.00 26.60 ? 192 LYS A C   1 
ATOM   1330 O O   . LYS A 1 173 ? 9.431   -0.318  -2.520  1.00 28.55 ? 192 LYS A O   1 
ATOM   1331 C CB  . LYS A 1 173 ? 10.968  -0.181  -5.243  1.00 18.31 ? 192 LYS A CB  1 
ATOM   1332 C CG  . LYS A 1 173 ? 12.265  -0.794  -4.796  1.00 33.17 ? 192 LYS A CG  1 
ATOM   1333 C CD  . LYS A 1 173 ? 13.433  0.159   -5.058  1.00 47.63 ? 192 LYS A CD  1 
ATOM   1334 C CE  . LYS A 1 173 ? 13.235  1.476   -4.312  1.00 47.45 ? 192 LYS A CE  1 
ATOM   1335 N NZ  . LYS A 1 173 ? 14.385  2.408   -4.449  1.00 51.73 ? 192 LYS A NZ  1 
ATOM   1336 N N   . VAL A 1 174 ? 10.113  -2.422  -2.924  1.00 23.62 ? 193 VAL A N   1 
ATOM   1337 C CA  . VAL A 1 174 ? 10.167  -2.795  -1.517  1.00 31.91 ? 193 VAL A CA  1 
ATOM   1338 C C   . VAL A 1 174 ? 11.558  -2.574  -0.937  1.00 37.20 ? 193 VAL A C   1 
ATOM   1339 O O   . VAL A 1 174 ? 12.551  -2.598  -1.657  1.00 41.85 ? 193 VAL A O   1 
ATOM   1340 C CB  . VAL A 1 174 ? 9.766   -4.282  -1.329  1.00 34.25 ? 193 VAL A CB  1 
ATOM   1341 C CG1 . VAL A 1 174 ? 10.228  -4.790  0.018   1.00 44.66 ? 193 VAL A CG1 1 
ATOM   1342 C CG2 . VAL A 1 174 ? 8.259   -4.426  -1.436  1.00 40.07 ? 193 VAL A CG2 1 
ATOM   1343 N N   . ALA A 1 175 ? 11.620  -2.347  0.370   1.00 43.72 ? 194 ALA A N   1 
ATOM   1344 C CA  . ALA A 1 175 ? 12.889  -2.142  1.061   1.00 42.95 ? 194 ALA A CA  1 
ATOM   1345 C C   . ALA A 1 175 ? 12.725  -2.583  2.512   1.00 48.32 ? 194 ALA A C   1 
ATOM   1346 O O   . ALA A 1 175 ? 11.671  -2.381  3.124   1.00 34.61 ? 194 ALA A O   1 
ATOM   1347 C CB  . ALA A 1 175 ? 13.299  -0.670  0.997   1.00 34.12 ? 194 ALA A CB  1 
ATOM   1348 N N   . GLU A 1 176 ? 13.758  -3.200  3.069   1.00 48.23 ? 195 GLU A N   1 
ATOM   1349 C CA  . GLU A 1 176 ? 13.666  -3.636  4.449   1.00 55.29 ? 195 GLU A CA  1 
ATOM   1350 C C   . GLU A 1 176 ? 13.923  -2.483  5.399   1.00 55.48 ? 195 GLU A C   1 
ATOM   1351 O O   . GLU A 1 176 ? 15.034  -1.957  5.465   1.00 61.47 ? 195 GLU A O   1 
ATOM   1352 C CB  . GLU A 1 176 ? 14.658  -4.761  4.745   1.00 51.81 ? 195 GLU A CB  1 
ATOM   1353 C CG  . GLU A 1 176 ? 14.693  -5.124  6.218   1.00 51.64 ? 195 GLU A CG  1 
ATOM   1354 C CD  . GLU A 1 176 ? 14.536  -6.609  6.462   1.00 56.26 ? 195 GLU A CD  1 
ATOM   1355 O OE1 . GLU A 1 176 ? 15.519  -7.354  6.263   1.00 58.90 ? 195 GLU A OE1 1 
ATOM   1356 O OE2 . GLU A 1 176 ? 13.422  -7.025  6.847   1.00 51.64 ? 195 GLU A OE2 1 
ATOM   1357 N N   . GLY A 1 177 ? 12.882  -2.076  6.118   1.00 61.31 ? 196 GLY A N   1 
ATOM   1358 C CA  . GLY A 1 177 ? 13.041  -1.006  7.083   1.00 65.49 ? 196 GLY A CA  1 
ATOM   1359 C C   . GLY A 1 177 ? 13.817  -1.606  8.236   1.00 68.22 ? 196 GLY A C   1 
ATOM   1360 O O   . GLY A 1 177 ? 14.964  -1.234  8.499   1.00 63.76 ? 196 GLY A O   1 
ATOM   1361 N N   . ILE A 1 178 ? 13.182  -2.555  8.918   1.00 67.90 ? 197 ILE A N   1 
ATOM   1362 C CA  . ILE A 1 178 ? 13.792  -3.260  10.035  1.00 67.52 ? 197 ILE A CA  1 
ATOM   1363 C C   . ILE A 1 178 ? 13.081  -4.598  10.219  1.00 69.46 ? 197 ILE A C   1 
ATOM   1364 O O   . ILE A 1 178 ? 12.330  -4.737  11.206  1.00 71.49 ? 197 ILE A O   1 
ATOM   1365 C CB  . ILE A 1 178 ? 13.688  -2.474  11.355  1.00 67.81 ? 197 ILE A CB  1 
ATOM   1366 C CG1 . ILE A 1 178 ? 14.247  -1.061  11.194  1.00 69.85 ? 197 ILE A CG1 1 
ATOM   1367 C CG2 . ILE A 1 178 ? 14.489  -3.191  12.416  1.00 71.56 ? 197 ILE A CG2 1 
ATOM   1368 C CD1 . ILE A 1 178 ? 14.130  -0.210  12.444  1.00 74.69 ? 197 ILE A CD1 1 
HETATM 1369 C C1  . MLI B 2 .   ? 3.718   -5.970  -15.415 1.00 43.60 ? 207 MLI A C1  1 
HETATM 1370 C C2  . MLI B 2 .   ? 2.706   -4.856  -15.689 1.00 47.27 ? 207 MLI A C2  1 
HETATM 1371 C C3  . MLI B 2 .   ? 4.436   -5.703  -14.090 1.00 44.60 ? 207 MLI A C3  1 
HETATM 1372 O O6  . MLI B 2 .   ? 1.588   -4.890  -15.174 1.00 46.51 ? 207 MLI A O6  1 
HETATM 1373 O O7  . MLI B 2 .   ? 2.999   -3.913  -16.424 1.00 46.46 ? 207 MLI A O7  1 
HETATM 1374 O O8  . MLI B 2 .   ? 5.637   -5.936  -13.975 1.00 47.30 ? 207 MLI A O8  1 
HETATM 1375 O O9  . MLI B 2 .   ? 3.820   -5.256  -13.124 1.00 56.58 ? 207 MLI A O9  1 
HETATM 1376 O O   . HOH C 3 .   ? 6.749   2.436   3.350   1.00 14.10 ? 208 HOH A O   1 
HETATM 1377 O O   . HOH C 3 .   ? -4.583  -4.541  3.232   1.00 16.57 ? 209 HOH A O   1 
HETATM 1378 O O   . HOH C 3 .   ? -6.805  8.643   -0.899  1.00 23.57 ? 210 HOH A O   1 
HETATM 1379 O O   . HOH C 3 .   ? -3.769  10.243  0.106   1.00 24.38 ? 211 HOH A O   1 
HETATM 1380 O O   . HOH C 3 .   ? 15.409  3.146   2.280   1.00 44.30 ? 212 HOH A O   1 
HETATM 1381 O O   . HOH C 3 .   ? 12.485  5.650   -11.031 1.00 32.06 ? 213 HOH A O   1 
HETATM 1382 O O   . HOH C 3 .   ? 6.642   4.055   -13.721 1.00 44.77 ? 214 HOH A O   1 
HETATM 1383 O O   . HOH C 3 .   ? 7.777   8.864   -15.063 1.00 43.34 ? 215 HOH A O   1 
HETATM 1384 O O   . HOH C 3 .   ? 4.354   12.790  -6.575  1.00 42.65 ? 216 HOH A O   1 
HETATM 1385 O O   . HOH C 3 .   ? 4.739   9.940   10.899  1.00 34.97 ? 217 HOH A O   1 
HETATM 1386 O O   . HOH C 3 .   ? -7.329  7.205   12.389  1.00 39.89 ? 218 HOH A O   1 
HETATM 1387 O O   . HOH C 3 .   ? -16.145 15.506  0.727   1.00 45.61 ? 219 HOH A O   1 
HETATM 1388 O O   . HOH C 3 .   ? -11.369 10.872  0.407   1.00 31.60 ? 220 HOH A O   1 
HETATM 1389 O O   . HOH C 3 .   ? -16.601 4.749   6.306   1.00 43.90 ? 221 HOH A O   1 
HETATM 1390 O O   . HOH C 3 .   ? -6.443  21.024  7.016   1.00 53.29 ? 222 HOH A O   1 
HETATM 1391 O O   . HOH C 3 .   ? -9.702  3.777   9.751   1.00 27.12 ? 223 HOH A O   1 
HETATM 1392 O O   . HOH C 3 .   ? 6.591   14.075  2.799   1.00 38.44 ? 224 HOH A O   1 
HETATM 1393 O O   . HOH C 3 .   ? 3.681   1.687   10.917  1.00 18.52 ? 225 HOH A O   1 
HETATM 1394 O O   . HOH C 3 .   ? 0.978   -7.979  13.436  1.00 29.43 ? 226 HOH A O   1 
HETATM 1395 O O   . HOH C 3 .   ? -9.410  -13.011 -0.051  1.00 21.32 ? 227 HOH A O   1 
HETATM 1396 O O   . HOH C 3 .   ? -1.581  -17.337 8.324   1.00 39.08 ? 228 HOH A O   1 
HETATM 1397 O O   . HOH C 3 .   ? -0.768  -16.267 -8.468  1.00 27.92 ? 229 HOH A O   1 
HETATM 1398 O O   . HOH C 3 .   ? 7.926   -18.509 -12.077 1.00 53.44 ? 230 HOH A O   1 
HETATM 1399 O O   . HOH C 3 .   ? -4.402  -14.918 -3.620  1.00 34.71 ? 231 HOH A O   1 
HETATM 1400 O O   . HOH C 3 .   ? -6.170  -11.409 -7.696  1.00 23.86 ? 232 HOH A O   1 
HETATM 1401 O O   . HOH C 3 .   ? -5.212  -4.983  13.995  1.00 32.63 ? 233 HOH A O   1 
HETATM 1402 O O   . HOH C 3 .   ? -9.324  -3.727  7.981   1.00 24.96 ? 234 HOH A O   1 
HETATM 1403 O O   . HOH C 3 .   ? -15.224 -1.094  2.574   1.00 43.76 ? 235 HOH A O   1 
HETATM 1404 O O   . HOH C 3 .   ? -17.234 0.791   -1.794  1.00 32.49 ? 236 HOH A O   1 
HETATM 1405 O O   . HOH C 3 .   ? -13.736 -2.165  -1.610  1.00 26.93 ? 237 HOH A O   1 
HETATM 1406 O O   . HOH C 3 .   ? -16.779 10.383  -2.020  1.00 39.82 ? 238 HOH A O   1 
HETATM 1407 O O   . HOH C 3 .   ? -13.343 6.679   -9.245  1.00 59.44 ? 239 HOH A O   1 
HETATM 1408 O O   . HOH C 3 .   ? -13.640 1.521   -10.819 1.00 52.40 ? 240 HOH A O   1 
HETATM 1409 O O   . HOH C 3 .   ? -6.472  6.141   -14.302 1.00 30.33 ? 241 HOH A O   1 
HETATM 1410 O O   . HOH C 3 .   ? -10.899 2.031   11.412  1.00 28.65 ? 242 HOH A O   1 
HETATM 1411 O O   . HOH C 3 .   ? -7.819  -10.563 9.771   1.00 34.77 ? 243 HOH A O   1 
HETATM 1412 O O   . HOH C 3 .   ? -14.840 -10.226 6.591   1.00 43.39 ? 244 HOH A O   1 
HETATM 1413 O O   . HOH C 3 .   ? -15.121 -3.172  0.390   1.00 47.62 ? 245 HOH A O   1 
HETATM 1414 O O   . HOH C 3 .   ? -9.966  -5.363  -2.651  1.00 23.57 ? 246 HOH A O   1 
HETATM 1415 O O   . HOH C 3 .   ? -6.443  -7.523  -8.875  1.00 34.22 ? 247 HOH A O   1 
HETATM 1416 O O   . HOH C 3 .   ? 3.390   -9.398  -14.036 1.00 36.18 ? 248 HOH A O   1 
HETATM 1417 O O   . HOH C 3 .   ? 14.930  -2.862  -8.852  1.00 49.37 ? 249 HOH A O   1 
HETATM 1418 O O   . HOH C 3 .   ? 9.651   -5.625  -4.703  1.00 32.35 ? 250 HOH A O   1 
HETATM 1419 O O   . HOH C 3 .   ? 14.309  -8.481  -10.371 1.00 53.05 ? 251 HOH A O   1 
HETATM 1420 O O   . HOH C 3 .   ? 0.187   -0.076  -8.253  1.00 19.29 ? 252 HOH A O   1 
HETATM 1421 O O   . HOH C 3 .   ? -8.197  -1.060  -13.484 1.00 28.88 ? 253 HOH A O   1 
HETATM 1422 O O   . HOH C 3 .   ? -1.715  -5.392  -14.553 1.00 36.31 ? 254 HOH A O   1 
HETATM 1423 O O   . HOH C 3 .   ? -1.469  8.675   -10.876 1.00 23.76 ? 255 HOH A O   1 
HETATM 1424 O O   . HOH C 3 .   ? 0.807   12.299  -4.981  1.00 28.86 ? 256 HOH A O   1 
HETATM 1425 O O   . HOH C 3 .   ? 8.329   17.955  -2.830  1.00 41.09 ? 257 HOH A O   1 
HETATM 1426 O O   . HOH C 3 .   ? -3.935  18.570  4.295   1.00 28.29 ? 258 HOH A O   1 
HETATM 1427 O O   . HOH C 3 .   ? 2.535   8.837   -16.357 1.00 39.97 ? 259 HOH A O   1 
HETATM 1428 O O   . HOH C 3 .   ? 15.412  3.956   -2.580  1.00 58.10 ? 260 HOH A O   1 
HETATM 1429 O O   . HOH C 3 .   ? 9.020   2.483   -13.183 1.00 37.14 ? 261 HOH A O   1 
HETATM 1430 O O   . HOH C 3 .   ? 2.509   11.338  -10.786 1.00 40.48 ? 262 HOH A O   1 
HETATM 1431 O O   . HOH C 3 .   ? 0.192   10.094  14.025  1.00 36.14 ? 263 HOH A O   1 
HETATM 1432 O O   . HOH C 3 .   ? -6.827  17.057  4.900   1.00 48.26 ? 264 HOH A O   1 
HETATM 1433 O O   . HOH C 3 .   ? -8.390  18.504  2.364   1.00 39.46 ? 265 HOH A O   1 
HETATM 1434 O O   . HOH C 3 .   ? 0.863   -3.936  15.336  1.00 48.01 ? 266 HOH A O   1 
HETATM 1435 O O   . HOH C 3 .   ? -14.451 -11.861 -2.562  1.00 60.33 ? 267 HOH A O   1 
HETATM 1436 O O   . HOH C 3 .   ? -4.849  -20.541 2.235   1.00 55.28 ? 268 HOH A O   1 
HETATM 1437 O O   . HOH C 3 .   ? -2.985  -13.741 10.130  1.00 39.29 ? 269 HOH A O   1 
HETATM 1438 O O   . HOH C 3 .   ? 3.777   -24.404 12.058  1.00 58.27 ? 270 HOH A O   1 
HETATM 1439 O O   . HOH C 3 .   ? -1.900  18.309  -10.787 1.00 62.13 ? 271 HOH A O   1 
HETATM 1440 O O   . HOH C 3 .   ? -10.589 7.696   -13.954 1.00 42.04 ? 272 HOH A O   1 
HETATM 1441 O O   . HOH C 3 .   ? -7.917  16.242  8.428   1.00 50.44 ? 273 HOH A O   1 
HETATM 1442 O O   . HOH C 3 .   ? -17.878 -4.154  -2.329  1.00 43.30 ? 274 HOH A O   1 
HETATM 1443 O O   . HOH C 3 .   ? -10.280 -11.070 -6.944  1.00 43.14 ? 275 HOH A O   1 
HETATM 1444 O O   . HOH C 3 .   ? 12.087  -5.049  -11.587 1.00 42.46 ? 276 HOH A O   1 
HETATM 1445 O O   . HOH C 3 .   ? 9.289   -11.818 -9.573  1.00 41.50 ? 277 HOH A O   1 
HETATM 1446 O O   . HOH C 3 .   ? 3.584   -17.449 -13.723 1.00 47.36 ? 278 HOH A O   1 
HETATM 1447 O O   . HOH C 3 .   ? 4.061   -12.730 -12.883 1.00 39.89 ? 279 HOH A O   1 
HETATM 1448 O O   . HOH C 3 .   ? 13.755  -3.355  -5.804  1.00 53.36 ? 280 HOH A O   1 
HETATM 1449 O O   . HOH C 3 .   ? -10.965 -5.720  -11.637 1.00 34.34 ? 281 HOH A O   1 
HETATM 1450 O O   . HOH C 3 .   ? 4.084   11.483  -8.732  1.00 46.69 ? 282 HOH A O   1 
HETATM 1451 O O   . HOH C 3 .   ? -7.835  14.504  10.490  1.00 41.08 ? 283 HOH A O   1 
HETATM 1452 O O   . HOH C 3 .   ? -13.259 6.832   -12.310 1.00 50.95 ? 284 HOH A O   1 
HETATM 1453 O O   . HOH C 3 .   ? -14.521 10.100  -12.280 1.00 45.52 ? 285 HOH A O   1 
HETATM 1454 O O   . HOH C 3 .   ? 5.689   5.329   -9.806  1.00 31.16 ? 286 HOH A O   1 
HETATM 1455 O O   . HOH C 3 .   ? -10.638 -10.695 -2.609  1.00 36.59 ? 287 HOH A O   1 
HETATM 1456 O O   . HOH C 3 .   ? -13.516 12.252  -14.051 1.00 47.86 ? 288 HOH A O   1 
HETATM 1457 O O   . HOH C 3 .   ? -19.468 15.170  1.197   1.00 49.10 ? 289 HOH A O   1 
HETATM 1458 O O   . HOH C 3 .   ? -13.843 9.376   -9.007  1.00 44.89 ? 290 HOH A O   1 
HETATM 1459 O O   . HOH C 3 .   ? -16.009 -9.493  -2.306  1.00 44.35 ? 291 HOH A O   1 
HETATM 1460 O O   . HOH C 3 .   ? 6.226   8.726   -9.130  1.00 30.46 ? 292 HOH A O   1 
HETATM 1461 O O   . HOH C 3 .   ? 6.373   9.786   -11.868 1.00 49.27 ? 293 HOH A O   1 
HETATM 1462 O O   . HOH C 3 .   ? 7.496   10.696  -9.949  1.00 32.48 ? 294 HOH A O   1 
HETATM 1463 O O   . HOH C 3 .   ? 3.955   11.983  12.143  1.00 47.29 ? 295 HOH A O   1 
HETATM 1464 O O   . HOH C 3 .   ? -7.675  11.082  14.343  1.00 52.58 ? 296 HOH A O   1 
HETATM 1465 O O   . HOH C 3 .   ? -8.627  20.245  0.477   1.00 58.79 ? 297 HOH A O   1 
HETATM 1466 O O   . HOH C 3 .   ? -17.415 2.635   4.554   1.00 46.74 ? 298 HOH A O   1 
HETATM 1467 O O   . HOH C 3 .   ? 1.704   -11.182 13.312  1.00 52.20 ? 299 HOH A O   1 
HETATM 1468 O O   . HOH C 3 .   ? -7.766  -15.994 -0.426  1.00 50.59 ? 300 HOH A O   1 
HETATM 1469 O O   . HOH C 3 .   ? -5.981  -15.487 -5.963  1.00 48.06 ? 301 HOH A O   1 
HETATM 1470 O O   . HOH C 3 .   ? 2.434   -16.900 0.902   1.00 38.12 ? 302 HOH A O   1 
HETATM 1471 O O   . HOH C 3 .   ? 4.325   -20.153 -10.338 1.00 49.31 ? 303 HOH A O   1 
HETATM 1472 O O   . HOH C 3 .   ? -4.981  -13.581 -7.283  1.00 40.42 ? 304 HOH A O   1 
HETATM 1473 O O   . HOH C 3 .   ? -8.332  6.555   -12.398 1.00 39.78 ? 305 HOH A O   1 
HETATM 1474 O O   . HOH C 3 .   ? -8.804  1.707   13.513  1.00 40.12 ? 306 HOH A O   1 
HETATM 1475 O O   . HOH C 3 .   ? -16.206 -7.110  11.673  1.00 37.08 ? 307 HOH A O   1 
HETATM 1476 O O   . HOH C 3 .   ? -14.928 -8.487  9.747   1.00 46.24 ? 308 HOH A O   1 
HETATM 1477 O O   . HOH C 3 .   ? -16.162 -6.291  9.061   1.00 40.65 ? 309 HOH A O   1 
HETATM 1478 O O   . HOH C 3 .   ? -15.887 -1.344  -3.131  1.00 37.44 ? 310 HOH A O   1 
HETATM 1479 O O   . HOH C 3 .   ? -3.465  12.510  -11.366 1.00 40.10 ? 311 HOH A O   1 
HETATM 1480 O O   . HOH C 3 .   ? -9.009  -8.811  -12.457 1.00 50.25 ? 312 HOH A O   1 
HETATM 1481 O O   . HOH C 3 .   ? -14.822 -0.177  -9.233  1.00 54.66 ? 313 HOH A O   1 
HETATM 1482 O O   . HOH C 3 .   ? -11.218 6.382   -16.346 1.00 51.80 ? 314 HOH A O   1 
HETATM 1483 O O   . HOH C 3 .   ? 6.339   -3.181  -12.772 1.00 45.36 ? 315 HOH A O   1 
HETATM 1484 O O   . HOH C 3 .   ? -4.098  19.907  1.401   1.00 45.81 ? 316 HOH A O   1 
HETATM 1485 O O   . HOH C 3 .   ? -6.502  21.128  1.803   1.00 59.86 ? 317 HOH A O   1 
HETATM 1486 O O   . HOH C 3 .   ? -4.209  20.784  -1.045  1.00 50.62 ? 318 HOH A O   1 
HETATM 1487 O O   . HOH C 3 .   ? -1.737  21.424  -1.253  1.00 37.00 ? 319 HOH A O   1 
HETATM 1488 O O   . HOH C 3 .   ? 24.207  -9.445  -7.873  1.00 33.78 ? 320 HOH A O   1 
HETATM 1489 O O   . HOH C 3 .   ? 5.657   21.511  -1.115  1.00 45.16 ? 321 HOH A O   1 
HETATM 1490 O O   . HOH C 3 .   ? -2.061  28.542  5.326   1.00 46.55 ? 322 HOH A O   1 
HETATM 1491 O O   . HOH C 3 .   ? -2.499  6.070   -17.746 1.00 47.48 ? 323 HOH A O   1 
HETATM 1492 O O   . HOH C 3 .   ? -8.475  4.139   12.253  1.00 30.55 ? 324 HOH A O   1 
HETATM 1493 O O   . HOH C 3 .   ? 6.789   8.924   15.026  1.00 43.44 ? 325 HOH A O   1 
HETATM 1494 O O   . HOH C 3 .   ? 2.608   -13.668 12.827  1.00 48.02 ? 326 HOH A O   1 
HETATM 1495 O O   . HOH C 3 .   ? 10.142  -10.051 3.022   1.00 35.80 ? 327 HOH A O   1 
HETATM 1496 O O   . HOH C 3 .   ? 3.708   6.602   -18.054 1.00 48.03 ? 328 HOH A O   1 
HETATM 1497 O O   . HOH C 3 .   ? 2.952   4.206   -17.844 1.00 47.93 ? 329 HOH A O   1 
HETATM 1498 O O   . HOH C 3 .   ? -7.059  16.733  11.296  1.00 44.10 ? 330 HOH A O   1 
HETATM 1499 O O   . HOH C 3 .   ? 11.637  12.123  -2.796  1.00 45.90 ? 331 HOH A O   1 
HETATM 1500 O O   . HOH C 3 .   ? 7.077   12.764  8.300   1.00 43.98 ? 332 HOH A O   1 
HETATM 1501 O O   . HOH C 3 .   ? -19.397 -5.252  8.250   1.00 45.58 ? 333 HOH A O   1 
HETATM 1502 O O   . HOH C 3 .   ? -17.242 -9.487  10.544  1.00 47.59 ? 334 HOH A O   1 
HETATM 1503 O O   . HOH C 3 .   ? -17.069 -6.397  5.341   1.00 44.58 ? 335 HOH A O   1 
HETATM 1504 O O   . HOH C 3 .   ? 16.306  2.514   -0.233  1.00 47.89 ? 336 HOH A O   1 
HETATM 1505 O O   . HOH C 3 .   ? 22.766  -10.779 -4.533  1.00 44.34 ? 337 HOH A O   1 
# 
